data_3O8L
#
_entry.id   3O8L
#
_cell.length_a   163.684
_cell.length_b   163.684
_cell.length_c   356.582
_cell.angle_alpha   90.00
_cell.angle_beta   90.00
_cell.angle_gamma   120.00
#
_symmetry.space_group_name_H-M   'P 61 2 2'
#
loop_
_entity.id
_entity.type
_entity.pdbx_description
1 polymer '6-phosphofructokinase, muscle type'
2 non-polymer "ADENOSINE-5'-TRIPHOSPHATE"
3 non-polymer "ADENOSINE-5'-DIPHOSPHATE"
4 non-polymer 'PHOSPHATE ION'
#
_entity_poly.entity_id   1
_entity_poly.type   'polypeptide(L)'
_entity_poly.pdbx_seq_one_letter_code
;MTHEEHHAARTLGVGKAIAVLTSGGDAQGMNAAVRAVVRVGIFTGARVFFVHEGYQGLVDGGDHIREATWESVSMMLQLG
GTVIGSARCKDFREREGRLRAAHNLVKRGITNLCVIGGDGSLTGADTFRSEWSDLLSDLQKAGKITAEEATRSSYLNIVG
LVGSIDNDFCGTDMTIGTDSALHRITEIVDAITTTAQSHQRTFVLEVMGRHCGYLALVTSLSCGADWVFIPECPPDDNWE
DHLCRRLSETRTRGSRLNIIIVAEGAIDRNGKPITSEGVKDLVVRRLGYDTRVTVLGHVQRGGTPSAFDRILGSRMGVEA
VMALLEGTPDTPACVVSLSGNQAVRLPLMECVQVTKDVTKAMDEKRFDEAMKLRGRSFMNNWEVYKLLAHIRPPAPKSGS
YTVAVMNVGAPAAGMNAAVRSTVRIGLIQGNRVLVVHDGFEGPAKGQIEEAGWSYVGGWTGQGGSKLGSKRTLPKKSFEQ
ISANITKFNIQGLVIIGGFEAYTGGLELMEGRKQFDELCIPFVVIPATVSNNVPGSDFSVGADTALNTICTTCDRIKQSA
AGTKRRVFIIETMGGYCGYLATMAGLAAGADAAYIFEEPFTIRDLQANVEHLVQKMKTTVKRGLVLRNEKCNENYTTDFI
FNLYSEEGKGIFDSRKNVLGHMQQGGSPTPFDRNFATKMGAKAMNWMAGKIKESYRNGRIFANTPDSGCVLGMRKRALVF
QPVTELQNQTDFEHRIPKEQWWLKLRPILKILAKYEIDLDTS
;
_entity_poly.pdbx_strand_id   A,B
#
# COMPACT_ATOMS: atom_id res chain seq x y z
N ALA A 9 2.02 -36.30 -1.56
CA ALA A 9 3.10 -35.26 -1.57
C ALA A 9 3.67 -35.12 -2.97
N ARG A 10 4.48 -34.09 -3.17
CA ARG A 10 5.12 -33.82 -4.45
C ARG A 10 5.83 -35.05 -5.02
N THR A 11 6.33 -35.92 -4.16
CA THR A 11 7.05 -37.12 -4.60
C THR A 11 6.15 -38.34 -4.71
N LEU A 12 4.90 -38.20 -4.29
CA LEU A 12 3.94 -39.28 -4.32
C LEU A 12 3.70 -39.88 -5.72
N GLY A 13 3.10 -39.10 -6.60
CA GLY A 13 2.82 -39.58 -7.94
C GLY A 13 4.01 -39.61 -8.88
N VAL A 14 5.23 -39.57 -8.36
CA VAL A 14 6.42 -39.62 -9.22
C VAL A 14 6.54 -41.05 -9.70
N GLY A 15 6.88 -41.23 -10.97
CA GLY A 15 6.96 -42.59 -11.47
C GLY A 15 5.56 -43.16 -11.37
N LYS A 16 4.63 -42.45 -11.99
CA LYS A 16 3.21 -42.80 -12.03
C LYS A 16 2.51 -41.89 -13.05
N ALA A 17 1.61 -42.45 -13.85
CA ALA A 17 0.87 -41.67 -14.84
C ALA A 17 -0.58 -42.09 -14.86
N ILE A 18 -1.49 -41.13 -15.08
CA ILE A 18 -2.91 -41.45 -15.10
C ILE A 18 -3.63 -40.89 -16.32
N ALA A 19 -4.70 -41.58 -16.72
CA ALA A 19 -5.52 -41.18 -17.85
C ALA A 19 -6.93 -40.93 -17.36
N VAL A 20 -7.42 -39.71 -17.58
CA VAL A 20 -8.77 -39.32 -17.16
C VAL A 20 -9.69 -39.52 -18.34
N LEU A 21 -10.98 -39.70 -18.08
CA LEU A 21 -11.92 -39.93 -19.15
C LEU A 21 -13.30 -39.46 -18.76
N THR A 22 -14.06 -38.96 -19.72
CA THR A 22 -15.39 -38.49 -19.38
C THR A 22 -16.51 -39.20 -20.16
N SER A 23 -16.96 -40.34 -19.63
CA SER A 23 -18.05 -41.12 -20.22
C SER A 23 -19.38 -40.44 -19.87
N GLY A 24 -20.49 -41.15 -20.02
CA GLY A 24 -21.79 -40.56 -19.68
C GLY A 24 -22.23 -39.32 -20.45
N GLY A 25 -23.39 -38.78 -20.07
CA GLY A 25 -23.92 -37.60 -20.73
C GLY A 25 -23.46 -36.33 -20.05
N ASP A 26 -23.30 -35.28 -20.84
CA ASP A 26 -22.86 -33.99 -20.35
C ASP A 26 -23.55 -33.56 -19.07
N ALA A 27 -22.73 -33.34 -18.05
CA ALA A 27 -23.12 -32.91 -16.69
C ALA A 27 -22.29 -31.70 -16.32
N GLN A 28 -22.93 -30.53 -16.18
CA GLN A 28 -22.18 -29.31 -15.85
C GLN A 28 -21.32 -29.38 -14.59
N GLY A 29 -20.02 -29.59 -14.77
CA GLY A 29 -19.09 -29.65 -13.66
C GLY A 29 -18.01 -30.64 -14.05
N MET A 30 -18.31 -31.47 -15.01
CA MET A 30 -17.33 -32.44 -15.43
C MET A 30 -16.00 -31.73 -15.74
N ASN A 31 -16.07 -30.60 -16.44
CA ASN A 31 -14.85 -29.90 -16.80
C ASN A 31 -13.97 -29.55 -15.60
N ALA A 32 -14.58 -29.12 -14.51
CA ALA A 32 -13.81 -28.78 -13.32
C ALA A 32 -13.21 -30.03 -12.77
N ALA A 33 -13.95 -31.13 -12.85
CA ALA A 33 -13.41 -32.38 -12.37
C ALA A 33 -12.12 -32.63 -13.13
N VAL A 34 -12.23 -32.76 -14.45
CA VAL A 34 -11.06 -33.03 -15.26
C VAL A 34 -9.89 -32.16 -14.82
N ARG A 35 -10.07 -30.85 -14.91
CA ARG A 35 -9.06 -29.85 -14.53
C ARG A 35 -8.33 -30.23 -13.25
N ALA A 36 -9.11 -30.33 -12.18
CA ALA A 36 -8.63 -30.71 -10.88
C ALA A 36 -7.88 -32.03 -11.03
N VAL A 37 -8.48 -32.98 -11.73
CA VAL A 37 -7.80 -34.24 -11.88
C VAL A 37 -6.44 -34.13 -12.57
N VAL A 38 -6.30 -33.16 -13.46
CA VAL A 38 -5.05 -32.98 -14.17
C VAL A 38 -4.11 -32.18 -13.31
N ARG A 39 -4.53 -30.98 -12.95
CA ARG A 39 -3.73 -30.09 -12.13
C ARG A 39 -3.10 -30.77 -10.92
N VAL A 40 -3.94 -31.44 -10.13
CA VAL A 40 -3.45 -32.15 -8.95
C VAL A 40 -2.63 -33.36 -9.36
N GLY A 41 -2.99 -33.98 -10.48
CA GLY A 41 -2.25 -35.14 -10.96
C GLY A 41 -0.80 -34.80 -11.31
N ILE A 42 -0.62 -33.68 -12.01
CA ILE A 42 0.72 -33.25 -12.34
C ILE A 42 1.37 -33.06 -10.97
N PHE A 43 0.97 -31.98 -10.32
CA PHE A 43 1.43 -31.59 -9.00
C PHE A 43 2.00 -32.72 -8.15
N THR A 44 1.36 -33.87 -8.17
CA THR A 44 1.83 -35.00 -7.40
C THR A 44 2.96 -35.75 -8.12
N GLY A 45 3.69 -35.03 -8.96
CA GLY A 45 4.80 -35.64 -9.67
C GLY A 45 4.36 -36.66 -10.70
N ALA A 46 3.06 -36.86 -10.80
CA ALA A 46 2.55 -37.82 -11.75
C ALA A 46 2.35 -37.19 -13.13
N ARG A 47 2.00 -38.03 -14.09
CA ARG A 47 1.77 -37.59 -15.45
C ARG A 47 0.30 -37.91 -15.78
N VAL A 48 -0.44 -36.90 -16.25
CA VAL A 48 -1.84 -37.09 -16.57
C VAL A 48 -2.05 -37.14 -18.09
N PHE A 49 -2.83 -38.14 -18.52
CA PHE A 49 -3.17 -38.33 -19.93
C PHE A 49 -4.67 -38.19 -20.18
N PHE A 50 -5.04 -37.38 -21.17
CA PHE A 50 -6.45 -37.19 -21.53
C PHE A 50 -6.89 -38.46 -22.29
N VAL A 51 -8.14 -38.50 -22.76
CA VAL A 51 -8.69 -39.65 -23.51
C VAL A 51 -10.00 -39.21 -24.18
N HIS A 52 -9.90 -38.36 -25.18
CA HIS A 52 -11.10 -37.86 -25.84
C HIS A 52 -12.17 -38.91 -26.13
N GLU A 53 -13.41 -38.42 -26.20
CA GLU A 53 -14.58 -39.25 -26.46
C GLU A 53 -14.75 -40.47 -25.55
N GLY A 54 -15.20 -40.21 -24.33
CA GLY A 54 -15.43 -41.26 -23.34
C GLY A 54 -14.75 -42.59 -23.55
N TYR A 55 -15.37 -43.68 -23.10
CA TYR A 55 -14.76 -44.99 -23.23
C TYR A 55 -14.25 -45.27 -24.62
N GLN A 56 -14.86 -44.62 -25.63
CA GLN A 56 -14.45 -44.82 -27.00
C GLN A 56 -12.93 -44.66 -27.13
N GLY A 57 -12.45 -43.41 -27.21
CA GLY A 57 -11.03 -43.16 -27.34
C GLY A 57 -10.12 -44.14 -26.61
N LEU A 58 -10.60 -44.65 -25.49
CA LEU A 58 -9.83 -45.61 -24.74
C LEU A 58 -9.72 -46.87 -25.58
N VAL A 59 -10.83 -47.26 -26.18
CA VAL A 59 -10.87 -48.44 -27.03
C VAL A 59 -10.05 -48.13 -28.26
N ASP A 60 -10.45 -47.10 -28.98
CA ASP A 60 -9.72 -46.68 -30.15
C ASP A 60 -8.28 -46.59 -29.68
N GLY A 61 -7.87 -45.39 -29.25
CA GLY A 61 -6.52 -45.19 -28.79
C GLY A 61 -5.82 -44.22 -29.72
N GLY A 62 -4.53 -44.46 -29.94
CA GLY A 62 -3.76 -43.60 -30.82
C GLY A 62 -3.88 -42.10 -30.60
N ASP A 63 -4.65 -41.42 -31.45
CA ASP A 63 -4.84 -39.98 -31.37
C ASP A 63 -5.96 -39.57 -30.42
N HIS A 64 -6.53 -40.55 -29.72
CA HIS A 64 -7.61 -40.29 -28.78
C HIS A 64 -7.06 -40.20 -27.36
N ILE A 65 -5.77 -40.49 -27.23
CA ILE A 65 -5.11 -40.43 -25.94
C ILE A 65 -3.94 -39.46 -26.00
N ARG A 66 -4.23 -38.18 -25.92
CA ARG A 66 -3.16 -37.19 -25.95
C ARG A 66 -2.78 -36.86 -24.51
N GLU A 67 -1.57 -36.33 -24.32
CA GLU A 67 -1.08 -35.95 -22.99
C GLU A 67 -1.46 -34.51 -22.66
N ALA A 68 -1.90 -34.32 -21.43
CA ALA A 68 -2.33 -33.02 -20.93
C ALA A 68 -1.26 -32.24 -20.21
N THR A 69 -1.26 -30.94 -20.46
CA THR A 69 -0.31 -30.05 -19.83
C THR A 69 -1.10 -29.29 -18.74
N TRP A 70 -0.56 -28.20 -18.25
CA TRP A 70 -1.24 -27.45 -17.23
C TRP A 70 -2.02 -26.39 -17.97
N GLU A 71 -1.39 -25.75 -18.96
CA GLU A 71 -2.07 -24.74 -19.75
C GLU A 71 -3.33 -25.33 -20.41
N SER A 72 -3.34 -26.65 -20.62
CA SER A 72 -4.44 -27.36 -21.26
C SER A 72 -5.80 -27.26 -20.59
N VAL A 73 -5.81 -27.29 -19.27
CA VAL A 73 -7.05 -27.20 -18.52
C VAL A 73 -7.45 -25.79 -18.12
N SER A 74 -6.68 -24.82 -18.58
CA SER A 74 -6.95 -23.41 -18.33
C SER A 74 -8.32 -23.01 -18.88
N MET A 75 -9.03 -22.14 -18.16
CA MET A 75 -10.34 -21.67 -18.59
C MET A 75 -11.38 -22.75 -18.91
N MET A 76 -11.55 -23.71 -18.00
CA MET A 76 -12.52 -24.79 -18.17
C MET A 76 -13.59 -24.75 -17.11
N LEU A 77 -13.20 -24.36 -15.91
CA LEU A 77 -14.13 -24.27 -14.81
C LEU A 77 -15.48 -23.76 -15.28
N GLN A 78 -15.49 -22.57 -15.87
CA GLN A 78 -16.71 -21.91 -16.36
C GLN A 78 -17.49 -22.54 -17.53
N LEU A 79 -16.86 -23.48 -18.24
CA LEU A 79 -17.49 -24.10 -19.40
C LEU A 79 -18.26 -25.33 -19.10
N GLY A 80 -19.50 -25.38 -19.60
CA GLY A 80 -20.33 -26.55 -19.41
C GLY A 80 -19.97 -27.74 -20.30
N GLY A 81 -20.66 -28.86 -20.06
CA GLY A 81 -20.40 -30.06 -20.83
C GLY A 81 -18.98 -30.55 -20.69
N THR A 82 -18.66 -31.61 -21.42
CA THR A 82 -17.30 -32.15 -21.39
C THR A 82 -16.46 -31.58 -22.54
N VAL A 83 -15.19 -31.30 -22.27
CA VAL A 83 -14.32 -30.77 -23.32
C VAL A 83 -13.35 -31.85 -23.75
N ILE A 84 -13.08 -32.79 -22.86
CA ILE A 84 -12.20 -33.88 -23.21
C ILE A 84 -13.02 -34.71 -24.18
N GLY A 85 -14.34 -34.49 -24.15
CA GLY A 85 -15.22 -35.22 -25.04
C GLY A 85 -15.85 -36.48 -24.46
N SER A 86 -17.13 -36.64 -24.76
CA SER A 86 -17.90 -37.79 -24.30
C SER A 86 -18.62 -38.39 -25.50
N ALA A 87 -18.58 -39.72 -25.61
CA ALA A 87 -19.19 -40.43 -26.71
C ALA A 87 -20.32 -41.36 -26.24
N ARG A 88 -20.30 -42.60 -26.72
CA ARG A 88 -21.31 -43.58 -26.34
C ARG A 88 -20.82 -44.99 -26.65
N CYS A 89 -19.51 -45.11 -26.88
CA CYS A 89 -18.90 -46.40 -27.20
C CYS A 89 -19.55 -47.64 -26.57
N LYS A 90 -20.21 -48.45 -27.39
CA LYS A 90 -20.85 -49.66 -26.90
C LYS A 90 -19.92 -50.87 -27.08
N ASP A 91 -18.83 -50.66 -27.81
CA ASP A 91 -17.81 -51.68 -28.06
C ASP A 91 -17.18 -52.11 -26.75
N PHE A 92 -17.14 -51.17 -25.79
CA PHE A 92 -16.56 -51.40 -24.47
C PHE A 92 -17.47 -52.29 -23.62
N ARG A 93 -18.78 -52.21 -23.87
CA ARG A 93 -19.77 -53.01 -23.13
C ARG A 93 -19.54 -54.49 -23.44
N GLU A 94 -18.62 -54.74 -24.34
CA GLU A 94 -18.26 -56.10 -24.72
C GLU A 94 -16.75 -56.23 -24.53
N ARG A 95 -16.31 -57.43 -24.23
CA ARG A 95 -14.89 -57.69 -24.04
C ARG A 95 -14.12 -57.61 -25.35
N GLU A 96 -14.81 -57.81 -26.46
CA GLU A 96 -14.16 -57.74 -27.76
C GLU A 96 -13.61 -56.33 -27.94
N GLY A 97 -13.80 -55.50 -26.91
CA GLY A 97 -13.33 -54.13 -26.96
C GLY A 97 -12.56 -53.69 -25.74
N ARG A 98 -13.00 -54.13 -24.56
CA ARG A 98 -12.31 -53.77 -23.33
C ARG A 98 -10.85 -54.16 -23.46
N LEU A 99 -10.60 -55.29 -24.12
CA LEU A 99 -9.24 -55.79 -24.29
C LEU A 99 -8.35 -54.88 -25.10
N ARG A 100 -8.91 -54.19 -26.09
CA ARG A 100 -8.10 -53.30 -26.91
C ARG A 100 -7.80 -52.05 -26.12
N ALA A 101 -8.79 -51.60 -25.33
CA ALA A 101 -8.59 -50.43 -24.50
C ALA A 101 -7.42 -50.77 -23.59
N ALA A 102 -7.56 -51.83 -22.79
CA ALA A 102 -6.48 -52.25 -21.90
C ALA A 102 -5.17 -52.24 -22.66
N HIS A 103 -5.19 -52.82 -23.86
CA HIS A 103 -3.98 -52.84 -24.65
C HIS A 103 -3.45 -51.41 -24.68
N ASN A 104 -4.30 -50.48 -25.11
CA ASN A 104 -3.94 -49.07 -25.19
C ASN A 104 -3.35 -48.52 -23.91
N LEU A 105 -3.85 -48.97 -22.77
CA LEU A 105 -3.34 -48.50 -21.48
C LEU A 105 -1.94 -49.02 -21.27
N VAL A 106 -1.79 -50.34 -21.25
CA VAL A 106 -0.50 -50.98 -21.07
C VAL A 106 0.50 -50.56 -22.15
N LYS A 107 0.00 -50.27 -23.35
CA LYS A 107 0.84 -49.85 -24.47
C LYS A 107 1.35 -48.43 -24.24
N ARG A 108 0.60 -47.65 -23.46
CA ARG A 108 0.96 -46.26 -23.12
C ARG A 108 1.50 -46.23 -21.69
N GLY A 109 1.46 -47.38 -21.02
CA GLY A 109 1.94 -47.47 -19.65
C GLY A 109 1.12 -46.59 -18.74
N ILE A 110 0.06 -47.14 -18.17
CA ILE A 110 -0.83 -46.40 -17.29
C ILE A 110 -1.43 -47.37 -16.25
N THR A 111 -1.28 -47.07 -14.96
CA THR A 111 -1.82 -47.93 -13.90
C THR A 111 -3.02 -47.31 -13.16
N ASN A 112 -3.33 -46.06 -13.46
CA ASN A 112 -4.44 -45.36 -12.82
C ASN A 112 -5.46 -44.82 -13.82
N LEU A 113 -6.73 -44.99 -13.49
CA LEU A 113 -7.77 -44.53 -14.39
C LEU A 113 -8.93 -43.81 -13.71
N CYS A 114 -9.10 -42.52 -14.01
CA CYS A 114 -10.21 -41.78 -13.44
C CYS A 114 -11.36 -41.81 -14.44
N VAL A 115 -12.53 -42.26 -14.00
CA VAL A 115 -13.71 -42.30 -14.85
C VAL A 115 -14.74 -41.29 -14.33
N ILE A 116 -14.97 -40.19 -15.02
CA ILE A 116 -15.97 -39.24 -14.53
C ILE A 116 -17.26 -39.51 -15.27
N GLY A 117 -18.16 -40.26 -14.64
CA GLY A 117 -19.40 -40.58 -15.31
C GLY A 117 -20.63 -40.80 -14.46
N GLY A 118 -21.50 -41.67 -14.96
CA GLY A 118 -22.75 -41.97 -14.28
C GLY A 118 -22.93 -43.45 -13.95
N ASP A 119 -24.10 -43.74 -13.40
CA ASP A 119 -24.48 -45.08 -12.99
C ASP A 119 -23.97 -46.18 -13.92
N GLY A 120 -24.04 -45.92 -15.22
CA GLY A 120 -23.58 -46.87 -16.22
C GLY A 120 -22.09 -46.79 -16.42
N SER A 121 -21.62 -45.65 -16.93
CA SER A 121 -20.18 -45.48 -17.13
C SER A 121 -19.44 -46.03 -15.89
N LEU A 122 -19.89 -45.60 -14.72
CA LEU A 122 -19.30 -46.02 -13.45
C LEU A 122 -19.37 -47.52 -13.34
N THR A 123 -20.52 -48.10 -13.62
CA THR A 123 -20.65 -49.56 -13.55
C THR A 123 -19.80 -50.27 -14.61
N GLY A 124 -19.43 -49.53 -15.64
CA GLY A 124 -18.62 -50.11 -16.69
C GLY A 124 -17.17 -50.22 -16.25
N ALA A 125 -16.67 -49.13 -15.69
CA ALA A 125 -15.31 -49.10 -15.18
C ALA A 125 -15.25 -50.20 -14.15
N ASP A 126 -16.31 -50.29 -13.34
CA ASP A 126 -16.40 -51.31 -12.31
C ASP A 126 -16.01 -52.64 -12.95
N THR A 127 -16.95 -53.21 -13.68
CA THR A 127 -16.74 -54.47 -14.34
C THR A 127 -15.39 -54.52 -15.06
N PHE A 128 -14.81 -53.37 -15.36
CA PHE A 128 -13.52 -53.34 -16.04
C PHE A 128 -12.37 -53.69 -15.09
N ARG A 129 -12.43 -53.13 -13.89
CA ARG A 129 -11.43 -53.37 -12.86
C ARG A 129 -11.44 -54.85 -12.52
N SER A 130 -12.63 -55.43 -12.58
CA SER A 130 -12.78 -56.85 -12.27
C SER A 130 -12.21 -57.73 -13.38
N GLU A 131 -12.82 -57.65 -14.55
CA GLU A 131 -12.39 -58.45 -15.68
C GLU A 131 -11.02 -58.00 -16.19
N TRP A 132 -10.20 -57.42 -15.31
CA TRP A 132 -8.88 -56.95 -15.70
C TRP A 132 -7.78 -58.00 -15.51
N SER A 133 -7.99 -58.91 -14.56
CA SER A 133 -7.01 -59.95 -14.29
C SER A 133 -6.74 -60.78 -15.55
N ASP A 134 -7.79 -61.45 -16.03
CA ASP A 134 -7.68 -62.29 -17.22
C ASP A 134 -7.29 -61.48 -18.45
N LEU A 135 -7.66 -60.21 -18.48
CA LEU A 135 -7.35 -59.34 -19.61
C LEU A 135 -5.88 -59.36 -20.00
N LEU A 136 -5.02 -59.66 -19.04
CA LEU A 136 -3.58 -59.72 -19.31
C LEU A 136 -3.23 -61.04 -19.99
N SER A 137 -3.48 -62.14 -19.29
CA SER A 137 -3.19 -63.48 -19.82
C SER A 137 -3.71 -63.66 -21.24
N ASP A 138 -4.89 -63.10 -21.51
CA ASP A 138 -5.49 -63.20 -22.83
C ASP A 138 -4.76 -62.29 -23.82
N LEU A 139 -4.57 -61.03 -23.46
CA LEU A 139 -3.86 -60.10 -24.34
C LEU A 139 -2.37 -60.46 -24.35
N GLN A 140 -2.06 -61.66 -23.88
CA GLN A 140 -0.68 -62.15 -23.84
C GLN A 140 -0.44 -63.18 -24.94
N LYS A 141 -1.53 -63.81 -25.38
CA LYS A 141 -1.44 -64.80 -26.44
C LYS A 141 -0.79 -64.18 -27.68
N ALA A 142 -0.73 -62.86 -27.71
CA ALA A 142 -0.13 -62.15 -28.84
C ALA A 142 -0.01 -60.64 -28.64
N GLY A 143 -0.58 -60.11 -27.56
CA GLY A 143 -0.51 -58.67 -27.30
C GLY A 143 0.88 -58.08 -27.40
N LYS A 144 1.52 -57.85 -26.26
CA LYS A 144 2.87 -57.30 -26.25
C LYS A 144 3.74 -58.20 -25.37
N ILE A 145 5.04 -57.91 -25.32
CA ILE A 145 5.96 -58.72 -24.53
C ILE A 145 5.38 -58.96 -23.14
N THR A 146 5.51 -60.19 -22.65
CA THR A 146 4.98 -60.55 -21.34
C THR A 146 5.84 -59.93 -20.23
N ALA A 147 6.80 -59.10 -20.64
CA ALA A 147 7.68 -58.42 -19.69
C ALA A 147 6.89 -57.33 -18.96
N GLU A 148 5.88 -56.81 -19.64
CA GLU A 148 5.03 -55.75 -19.09
C GLU A 148 4.04 -56.25 -18.03
N GLU A 149 3.32 -57.33 -18.33
CA GLU A 149 2.35 -57.89 -17.40
C GLU A 149 3.01 -58.24 -16.06
N ALA A 150 4.28 -58.58 -16.12
CA ALA A 150 5.04 -58.92 -14.92
C ALA A 150 5.57 -57.61 -14.37
N THR A 151 5.01 -56.50 -14.85
CA THR A 151 5.41 -55.17 -14.42
C THR A 151 4.23 -54.19 -14.37
N ARG A 152 3.02 -54.74 -14.18
CA ARG A 152 1.77 -53.96 -14.09
C ARG A 152 0.60 -54.87 -13.67
N SER A 153 0.93 -55.99 -13.01
CA SER A 153 -0.06 -57.00 -12.55
C SER A 153 -1.30 -56.54 -11.78
N SER A 154 -1.54 -57.13 -10.62
CA SER A 154 -2.70 -56.79 -9.80
C SER A 154 -2.64 -55.32 -9.38
N TYR A 155 -2.29 -54.48 -10.35
CA TYR A 155 -2.16 -53.05 -10.15
C TYR A 155 -2.90 -52.28 -11.26
N LEU A 156 -4.22 -52.19 -11.17
CA LEU A 156 -5.03 -51.44 -12.15
C LEU A 156 -5.98 -50.58 -11.32
N ASN A 157 -5.53 -49.39 -10.95
CA ASN A 157 -6.37 -48.55 -10.12
C ASN A 157 -7.35 -47.67 -10.87
N ILE A 158 -8.62 -47.72 -10.46
CA ILE A 158 -9.64 -46.88 -11.10
C ILE A 158 -10.50 -46.18 -10.05
N VAL A 159 -10.70 -44.88 -10.23
CA VAL A 159 -11.54 -44.15 -9.32
C VAL A 159 -12.74 -43.65 -10.10
N GLY A 160 -13.92 -43.85 -9.54
CA GLY A 160 -15.09 -43.41 -10.24
C GLY A 160 -15.46 -42.07 -9.67
N LEU A 161 -15.65 -41.10 -10.53
CA LEU A 161 -16.02 -39.76 -10.11
C LEU A 161 -17.41 -39.53 -10.71
N VAL A 162 -18.44 -39.47 -9.86
CA VAL A 162 -19.83 -39.36 -10.35
C VAL A 162 -20.36 -38.05 -10.96
N GLY A 163 -20.51 -38.03 -12.28
CA GLY A 163 -21.04 -36.83 -12.89
C GLY A 163 -22.37 -37.14 -13.53
N SER A 164 -23.45 -36.51 -13.08
CA SER A 164 -24.75 -36.76 -13.70
C SER A 164 -25.86 -35.83 -13.22
N ILE A 165 -26.58 -35.20 -14.14
CA ILE A 165 -27.65 -34.28 -13.72
C ILE A 165 -28.85 -34.99 -13.08
N ASP A 166 -28.79 -36.33 -13.07
CA ASP A 166 -29.84 -37.22 -12.52
C ASP A 166 -29.88 -37.25 -11.00
N ASN A 167 -28.68 -37.32 -10.40
CA ASN A 167 -28.48 -37.38 -8.95
C ASN A 167 -29.00 -38.72 -8.48
N ASP A 168 -29.00 -39.66 -9.41
CA ASP A 168 -29.47 -41.02 -9.21
C ASP A 168 -28.51 -41.87 -8.42
N PHE A 169 -27.25 -41.86 -8.83
CA PHE A 169 -26.26 -42.68 -8.17
C PHE A 169 -26.43 -42.62 -6.67
N CYS A 170 -26.31 -43.79 -6.03
CA CYS A 170 -26.47 -43.92 -4.59
C CYS A 170 -25.14 -44.10 -3.88
N GLY A 171 -24.94 -43.34 -2.81
CA GLY A 171 -23.70 -43.41 -2.07
C GLY A 171 -23.01 -42.07 -2.06
N THR A 172 -23.59 -41.14 -2.80
CA THR A 172 -23.05 -39.81 -2.88
C THR A 172 -24.23 -38.86 -2.67
N ASP A 173 -24.00 -37.82 -1.87
CA ASP A 173 -25.00 -36.83 -1.54
C ASP A 173 -25.41 -35.95 -2.73
N MET A 174 -24.46 -35.73 -3.63
CA MET A 174 -24.67 -34.95 -4.85
C MET A 174 -23.81 -35.46 -5.98
N THR A 175 -24.30 -35.29 -7.19
CA THR A 175 -23.54 -35.71 -8.35
C THR A 175 -23.24 -34.40 -9.06
N ILE A 176 -22.30 -34.44 -9.97
CA ILE A 176 -21.98 -33.22 -10.70
C ILE A 176 -23.14 -32.76 -11.61
N GLY A 177 -23.28 -31.45 -11.74
CA GLY A 177 -24.29 -30.88 -12.62
C GLY A 177 -25.72 -30.74 -12.19
N THR A 178 -26.13 -31.53 -11.22
CA THR A 178 -27.51 -31.44 -10.80
C THR A 178 -27.89 -30.08 -10.22
N ASP A 179 -26.96 -29.37 -9.58
CA ASP A 179 -27.32 -28.05 -9.07
C ASP A 179 -27.53 -27.10 -10.24
N SER A 180 -26.67 -27.20 -11.26
CA SER A 180 -26.79 -26.33 -12.42
C SER A 180 -28.07 -26.73 -13.11
N ALA A 181 -28.26 -28.03 -13.27
CA ALA A 181 -29.49 -28.52 -13.86
C ALA A 181 -30.68 -27.88 -13.13
N LEU A 182 -30.56 -27.81 -11.81
CA LEU A 182 -31.59 -27.22 -10.99
C LEU A 182 -31.80 -25.76 -11.33
N HIS A 183 -30.70 -25.05 -11.61
CA HIS A 183 -30.75 -23.64 -11.98
C HIS A 183 -31.54 -23.45 -13.28
N ARG A 184 -31.18 -24.23 -14.29
CA ARG A 184 -31.87 -24.19 -15.60
C ARG A 184 -33.38 -24.29 -15.37
N ILE A 185 -33.80 -25.46 -14.93
CA ILE A 185 -35.20 -25.70 -14.66
C ILE A 185 -35.78 -24.54 -13.89
N THR A 186 -35.00 -24.00 -12.97
CA THR A 186 -35.53 -22.92 -12.18
C THR A 186 -35.75 -21.63 -12.91
N GLU A 187 -34.75 -21.21 -13.69
CA GLU A 187 -34.82 -19.98 -14.49
C GLU A 187 -36.07 -19.97 -15.37
N ILE A 188 -36.42 -21.16 -15.89
CA ILE A 188 -37.58 -21.32 -16.78
C ILE A 188 -38.87 -21.08 -15.98
N VAL A 189 -39.13 -21.95 -15.00
CA VAL A 189 -40.33 -21.79 -14.19
C VAL A 189 -40.30 -20.38 -13.64
N ASP A 190 -39.13 -19.93 -13.21
CA ASP A 190 -38.97 -18.58 -12.69
C ASP A 190 -39.61 -17.61 -13.67
N ALA A 191 -39.37 -17.85 -14.96
CA ALA A 191 -39.92 -17.02 -16.03
C ALA A 191 -41.37 -17.39 -16.33
N ILE A 192 -41.64 -18.69 -16.48
CA ILE A 192 -43.00 -19.14 -16.74
C ILE A 192 -43.82 -18.43 -15.68
N THR A 193 -43.47 -18.71 -14.44
CA THR A 193 -44.13 -18.18 -13.27
C THR A 193 -44.40 -16.68 -13.25
N THR A 194 -43.40 -15.87 -13.58
CA THR A 194 -43.61 -14.42 -13.53
C THR A 194 -44.12 -13.75 -14.80
N THR A 195 -45.17 -14.32 -15.38
CA THR A 195 -45.76 -13.77 -16.59
C THR A 195 -47.24 -14.10 -16.66
N ALA A 196 -47.59 -15.35 -16.34
CA ALA A 196 -48.97 -15.80 -16.35
C ALA A 196 -49.87 -14.85 -15.57
N GLN A 197 -50.44 -13.87 -16.26
CA GLN A 197 -51.31 -12.89 -15.64
C GLN A 197 -52.68 -12.89 -16.32
N SER A 198 -52.71 -13.37 -17.56
CA SER A 198 -53.96 -13.42 -18.33
C SER A 198 -54.86 -14.53 -17.80
N HIS A 199 -55.16 -15.50 -18.66
CA HIS A 199 -56.02 -16.63 -18.30
C HIS A 199 -55.41 -17.55 -17.23
N GLN A 200 -56.24 -18.41 -16.66
CA GLN A 200 -55.78 -19.33 -15.62
C GLN A 200 -54.78 -20.36 -16.16
N ARG A 201 -53.76 -19.87 -16.87
CA ARG A 201 -52.72 -20.74 -17.44
C ARG A 201 -52.36 -21.92 -16.53
N THR A 202 -52.03 -23.06 -17.13
CA THR A 202 -51.69 -24.23 -16.36
C THR A 202 -50.55 -25.04 -16.94
N PHE A 203 -49.35 -24.50 -16.85
CA PHE A 203 -48.19 -25.20 -17.36
C PHE A 203 -47.98 -26.63 -16.94
N VAL A 204 -47.42 -27.42 -17.82
CA VAL A 204 -47.16 -28.77 -17.45
C VAL A 204 -45.75 -29.21 -17.78
N LEU A 205 -44.77 -28.58 -17.15
CA LEU A 205 -43.37 -28.91 -17.34
C LEU A 205 -43.05 -30.39 -17.04
N GLU A 206 -42.32 -31.01 -17.96
CA GLU A 206 -41.89 -32.39 -17.83
C GLU A 206 -40.40 -32.20 -17.71
N VAL A 207 -39.80 -32.71 -16.63
CA VAL A 207 -38.35 -32.58 -16.38
C VAL A 207 -37.65 -33.91 -16.40
N MET A 208 -36.33 -33.85 -16.41
CA MET A 208 -35.48 -35.03 -16.51
C MET A 208 -35.69 -36.07 -15.46
N GLY A 209 -34.86 -37.10 -15.47
CA GLY A 209 -35.02 -38.14 -14.47
C GLY A 209 -35.63 -39.43 -15.02
N ARG A 210 -34.74 -40.32 -15.44
CA ARG A 210 -35.15 -41.60 -15.98
C ARG A 210 -35.88 -42.34 -14.90
N HIS A 211 -35.13 -42.80 -13.90
CA HIS A 211 -35.74 -43.52 -12.79
C HIS A 211 -35.77 -42.73 -11.49
N CYS A 212 -35.12 -41.56 -11.48
CA CYS A 212 -35.09 -40.77 -10.25
C CYS A 212 -35.98 -39.54 -10.26
N GLY A 213 -36.84 -39.44 -9.24
CA GLY A 213 -37.72 -38.30 -9.12
C GLY A 213 -37.08 -37.05 -8.51
N TYR A 214 -35.79 -37.17 -8.17
CA TYR A 214 -35.09 -36.05 -7.58
C TYR A 214 -35.42 -34.67 -8.19
N LEU A 215 -34.73 -34.28 -9.27
CA LEU A 215 -34.97 -32.97 -9.89
C LEU A 215 -36.44 -32.55 -9.90
N ALA A 216 -37.32 -33.51 -10.18
CA ALA A 216 -38.76 -33.27 -10.25
C ALA A 216 -39.36 -32.82 -8.96
N LEU A 217 -38.91 -33.44 -7.87
CA LEU A 217 -39.40 -33.12 -6.55
C LEU A 217 -38.87 -31.77 -6.09
N VAL A 218 -37.53 -31.69 -6.08
CA VAL A 218 -36.75 -30.53 -5.68
C VAL A 218 -37.14 -29.25 -6.40
N THR A 219 -37.51 -29.41 -7.66
CA THR A 219 -37.93 -28.32 -8.50
C THR A 219 -39.38 -27.93 -8.05
N SER A 220 -40.13 -28.90 -7.55
CA SER A 220 -41.50 -28.60 -7.12
C SER A 220 -41.43 -27.89 -5.78
N LEU A 221 -40.46 -28.31 -5.00
CA LEU A 221 -40.26 -27.76 -3.69
C LEU A 221 -39.77 -26.32 -3.77
N SER A 222 -39.11 -25.94 -4.87
CA SER A 222 -38.61 -24.56 -5.04
C SER A 222 -39.57 -23.65 -5.77
N CYS A 223 -40.51 -24.24 -6.51
CA CYS A 223 -41.47 -23.45 -7.27
C CYS A 223 -42.81 -23.46 -6.61
N GLY A 224 -43.06 -24.51 -5.85
CA GLY A 224 -44.34 -24.59 -5.20
C GLY A 224 -45.23 -25.22 -6.23
N ALA A 225 -44.77 -26.32 -6.80
CA ALA A 225 -45.52 -27.03 -7.82
C ALA A 225 -46.89 -27.41 -7.24
N ASP A 226 -47.92 -27.33 -8.08
CA ASP A 226 -49.28 -27.64 -7.69
C ASP A 226 -49.54 -29.12 -7.56
N TRP A 227 -48.68 -29.92 -8.14
CA TRP A 227 -48.82 -31.35 -8.06
C TRP A 227 -47.50 -31.83 -8.60
N VAL A 228 -47.19 -33.11 -8.45
CA VAL A 228 -45.91 -33.62 -8.95
C VAL A 228 -46.05 -35.06 -9.31
N PHE A 229 -45.13 -35.60 -10.10
CA PHE A 229 -45.24 -37.00 -10.42
C PHE A 229 -43.85 -37.50 -10.36
N ILE A 230 -43.57 -38.50 -9.54
CA ILE A 230 -42.21 -39.04 -9.50
C ILE A 230 -42.31 -40.57 -9.45
N PRO A 231 -41.30 -41.26 -9.98
CA PRO A 231 -41.15 -42.73 -10.07
C PRO A 231 -41.30 -43.55 -8.80
N GLU A 232 -40.39 -43.34 -7.85
CA GLU A 232 -40.36 -44.09 -6.59
C GLU A 232 -41.65 -44.12 -5.74
N CYS A 233 -42.65 -43.35 -6.14
CA CYS A 233 -43.91 -43.32 -5.43
C CYS A 233 -45.10 -42.91 -6.32
N PRO A 234 -45.48 -43.78 -7.27
CA PRO A 234 -46.59 -43.55 -8.19
C PRO A 234 -47.90 -43.34 -7.47
N PRO A 235 -48.74 -42.42 -7.96
CA PRO A 235 -50.05 -41.96 -7.48
C PRO A 235 -51.19 -42.97 -7.22
N ASP A 236 -50.82 -44.19 -6.88
CA ASP A 236 -51.78 -45.26 -6.58
C ASP A 236 -53.24 -44.82 -6.38
N ASP A 237 -54.12 -45.33 -7.24
CA ASP A 237 -55.57 -45.08 -7.23
C ASP A 237 -56.07 -43.76 -7.78
N ASN A 238 -57.39 -43.66 -7.87
CA ASN A 238 -58.08 -42.48 -8.40
C ASN A 238 -57.47 -41.12 -8.04
N TRP A 239 -56.53 -40.65 -8.86
CA TRP A 239 -55.87 -39.37 -8.59
C TRP A 239 -56.40 -38.20 -9.38
N GLU A 240 -56.70 -38.44 -10.65
CA GLU A 240 -57.17 -37.40 -11.56
C GLU A 240 -58.21 -36.51 -10.88
N ASP A 241 -59.09 -37.17 -10.13
CA ASP A 241 -60.16 -36.46 -9.43
C ASP A 241 -59.42 -35.57 -8.47
N HIS A 242 -58.60 -36.21 -7.65
CA HIS A 242 -57.80 -35.51 -6.66
C HIS A 242 -57.19 -34.27 -7.33
N LEU A 243 -56.33 -34.50 -8.32
CA LEU A 243 -55.64 -33.43 -9.04
C LEU A 243 -56.54 -32.34 -9.63
N CYS A 244 -57.78 -32.71 -9.93
CA CYS A 244 -58.69 -31.74 -10.51
C CYS A 244 -59.40 -31.03 -9.36
N ARG A 245 -59.84 -31.83 -8.38
CA ARG A 245 -60.49 -31.36 -7.14
C ARG A 245 -59.58 -30.26 -6.64
N ARG A 246 -58.29 -30.59 -6.62
CA ARG A 246 -57.24 -29.70 -6.17
C ARG A 246 -57.17 -28.47 -7.01
N LEU A 247 -56.84 -28.67 -8.29
CA LEU A 247 -56.70 -27.57 -9.22
C LEU A 247 -57.88 -26.63 -9.29
N SER A 248 -59.08 -27.14 -8.99
CA SER A 248 -60.27 -26.30 -8.99
C SER A 248 -60.38 -25.70 -7.60
N GLU A 249 -60.19 -26.54 -6.57
CA GLU A 249 -60.23 -26.06 -5.19
C GLU A 249 -59.35 -24.81 -5.25
N THR A 250 -58.09 -25.01 -5.60
CA THR A 250 -57.16 -23.88 -5.69
C THR A 250 -57.56 -22.78 -6.67
N ARG A 251 -58.35 -23.13 -7.68
CA ARG A 251 -58.77 -22.15 -8.70
C ARG A 251 -59.71 -21.10 -8.09
N THR A 252 -60.72 -21.59 -7.37
CA THR A 252 -61.69 -20.73 -6.71
C THR A 252 -61.09 -20.07 -5.47
N ARG A 253 -60.05 -20.70 -4.93
CA ARG A 253 -59.36 -20.18 -3.75
C ARG A 253 -58.61 -18.92 -4.17
N GLY A 254 -58.78 -18.54 -5.44
CA GLY A 254 -58.12 -17.36 -5.96
C GLY A 254 -56.66 -17.56 -6.34
N SER A 255 -56.41 -17.81 -7.63
CA SER A 255 -55.05 -18.01 -8.14
C SER A 255 -54.96 -17.94 -9.67
N ARG A 256 -53.84 -17.46 -10.17
CA ARG A 256 -53.65 -17.35 -11.59
C ARG A 256 -53.20 -18.69 -12.18
N LEU A 257 -51.89 -18.91 -12.24
CA LEU A 257 -51.33 -20.13 -12.80
C LEU A 257 -51.31 -21.37 -11.94
N ASN A 258 -50.74 -22.43 -12.49
CA ASN A 258 -50.61 -23.72 -11.84
C ASN A 258 -49.42 -24.35 -12.49
N ILE A 259 -48.55 -25.01 -11.74
CA ILE A 259 -47.39 -25.64 -12.35
C ILE A 259 -47.33 -27.10 -11.94
N ILE A 260 -47.86 -27.99 -12.76
CA ILE A 260 -47.85 -29.43 -12.47
C ILE A 260 -46.50 -29.96 -12.96
N ILE A 261 -45.49 -30.19 -12.12
CA ILE A 261 -44.25 -30.71 -12.69
C ILE A 261 -44.39 -32.22 -12.94
N VAL A 262 -43.69 -32.80 -13.93
CA VAL A 262 -43.78 -34.26 -14.25
C VAL A 262 -42.40 -34.87 -14.50
N ALA A 263 -42.04 -35.88 -13.74
CA ALA A 263 -40.76 -36.49 -14.01
C ALA A 263 -41.00 -37.22 -15.29
N GLU A 264 -39.91 -37.51 -16.00
CA GLU A 264 -40.00 -38.23 -17.24
C GLU A 264 -40.47 -39.65 -16.89
N GLY A 265 -39.73 -40.32 -16.01
CA GLY A 265 -40.09 -41.67 -15.59
C GLY A 265 -41.42 -41.81 -14.85
N ALA A 266 -42.23 -40.77 -14.92
CA ALA A 266 -43.52 -40.73 -14.27
C ALA A 266 -44.44 -41.86 -14.69
N ILE A 267 -44.66 -42.79 -13.78
CA ILE A 267 -45.51 -43.95 -14.01
C ILE A 267 -46.62 -43.92 -13.00
N ASP A 268 -47.59 -44.82 -13.15
CA ASP A 268 -48.67 -44.89 -12.18
C ASP A 268 -48.56 -46.17 -11.31
N ARG A 269 -49.55 -46.38 -10.45
CA ARG A 269 -49.58 -47.52 -9.55
C ARG A 269 -49.06 -48.81 -10.19
N ASN A 270 -49.71 -49.18 -11.29
CA ASN A 270 -49.37 -50.40 -12.02
C ASN A 270 -48.09 -50.28 -12.80
N GLY A 271 -47.97 -49.20 -13.56
CA GLY A 271 -46.77 -48.99 -14.35
C GLY A 271 -47.05 -48.34 -15.70
N LYS A 272 -48.30 -48.39 -16.15
CA LYS A 272 -48.65 -47.78 -17.43
C LYS A 272 -48.39 -46.28 -17.27
N PRO A 273 -47.17 -45.85 -17.61
CA PRO A 273 -46.68 -44.48 -17.54
C PRO A 273 -47.68 -43.36 -17.69
N ILE A 274 -47.48 -42.32 -16.88
CA ILE A 274 -48.30 -41.12 -16.87
C ILE A 274 -47.61 -40.29 -17.93
N THR A 275 -48.36 -39.60 -18.77
CA THR A 275 -47.75 -38.80 -19.82
C THR A 275 -47.98 -37.31 -19.62
N SER A 276 -46.97 -36.51 -19.88
CA SER A 276 -47.13 -35.08 -19.67
C SER A 276 -48.27 -34.54 -20.53
N GLU A 277 -48.50 -35.17 -21.69
CA GLU A 277 -49.55 -34.75 -22.59
C GLU A 277 -50.85 -35.28 -22.00
N GLY A 278 -50.83 -36.54 -21.59
CA GLY A 278 -52.02 -37.14 -21.01
C GLY A 278 -52.55 -36.28 -19.88
N VAL A 279 -51.65 -35.92 -18.98
CA VAL A 279 -51.99 -35.08 -17.86
C VAL A 279 -52.69 -33.88 -18.44
N LYS A 280 -52.05 -33.27 -19.44
CA LYS A 280 -52.56 -32.08 -20.12
C LYS A 280 -53.96 -32.27 -20.70
N ASP A 281 -54.24 -33.45 -21.25
CA ASP A 281 -55.55 -33.75 -21.82
C ASP A 281 -56.54 -33.72 -20.68
N LEU A 282 -56.27 -34.54 -19.67
CA LEU A 282 -57.08 -34.62 -18.45
C LEU A 282 -57.60 -33.27 -17.98
N VAL A 283 -56.71 -32.45 -17.49
CA VAL A 283 -57.17 -31.19 -16.97
C VAL A 283 -58.07 -30.45 -17.95
N VAL A 284 -57.77 -30.50 -19.23
CA VAL A 284 -58.59 -29.78 -20.20
C VAL A 284 -59.98 -30.41 -20.42
N ARG A 285 -60.02 -31.73 -20.48
CA ARG A 285 -61.28 -32.40 -20.68
C ARG A 285 -62.18 -32.34 -19.42
N ARG A 286 -61.55 -32.40 -18.24
CA ARG A 286 -62.30 -32.40 -16.98
C ARG A 286 -62.56 -31.00 -16.43
N LEU A 287 -61.60 -30.11 -16.57
CA LEU A 287 -61.76 -28.76 -16.05
C LEU A 287 -61.78 -27.73 -17.17
N GLY A 288 -61.04 -28.01 -18.23
CA GLY A 288 -60.98 -27.10 -19.37
C GLY A 288 -60.24 -25.78 -19.19
N TYR A 289 -59.01 -25.81 -18.70
CA TYR A 289 -58.23 -24.59 -18.51
C TYR A 289 -57.23 -24.57 -19.64
N ASP A 290 -56.75 -23.41 -20.04
CA ASP A 290 -55.75 -23.41 -21.10
C ASP A 290 -54.45 -23.95 -20.51
N THR A 291 -54.25 -25.24 -20.72
CA THR A 291 -53.08 -25.95 -20.26
C THR A 291 -52.06 -25.96 -21.38
N ARG A 292 -50.77 -26.02 -21.05
CA ARG A 292 -49.73 -26.03 -22.07
C ARG A 292 -48.48 -26.81 -21.67
N VAL A 293 -48.32 -28.01 -22.17
CA VAL A 293 -47.14 -28.81 -21.85
C VAL A 293 -45.80 -28.26 -22.37
N THR A 294 -44.70 -28.46 -21.64
CA THR A 294 -43.38 -28.04 -22.10
C THR A 294 -42.48 -29.16 -21.73
N VAL A 295 -41.39 -29.35 -22.45
CA VAL A 295 -40.55 -30.50 -22.17
C VAL A 295 -39.08 -30.13 -22.22
N LEU A 296 -38.69 -29.35 -21.22
CA LEU A 296 -37.33 -28.83 -21.08
C LEU A 296 -36.22 -29.57 -21.81
N GLY A 297 -36.08 -30.87 -21.57
CA GLY A 297 -35.04 -31.66 -22.19
C GLY A 297 -33.70 -31.05 -22.59
N HIS A 298 -32.67 -31.88 -22.65
CA HIS A 298 -31.30 -31.48 -23.02
C HIS A 298 -30.87 -30.01 -22.95
N VAL A 299 -31.55 -29.19 -22.14
CA VAL A 299 -31.17 -27.79 -21.94
C VAL A 299 -30.78 -27.75 -20.48
N GLN A 300 -31.34 -28.70 -19.73
CA GLN A 300 -31.08 -28.85 -18.30
C GLN A 300 -29.59 -29.10 -18.18
N ARG A 301 -29.05 -29.81 -19.16
CA ARG A 301 -27.62 -30.10 -19.24
C ARG A 301 -26.88 -28.89 -19.80
N GLY A 302 -27.62 -27.89 -20.21
CA GLY A 302 -26.94 -26.74 -20.76
C GLY A 302 -26.62 -25.66 -19.79
N GLY A 303 -26.36 -24.48 -20.33
CA GLY A 303 -26.03 -23.34 -19.51
C GLY A 303 -24.71 -23.62 -18.86
N THR A 304 -24.28 -22.69 -18.01
CA THR A 304 -23.01 -22.83 -17.31
C THR A 304 -23.14 -23.41 -15.92
N PRO A 305 -22.09 -24.09 -15.46
CA PRO A 305 -22.09 -24.71 -14.13
C PRO A 305 -22.10 -23.69 -13.00
N SER A 306 -23.01 -23.93 -12.08
CA SER A 306 -23.21 -23.11 -10.91
C SER A 306 -21.98 -23.21 -10.01
N ALA A 307 -21.84 -22.21 -9.14
CA ALA A 307 -20.75 -22.13 -8.17
C ALA A 307 -20.55 -23.46 -7.45
N PHE A 308 -21.65 -24.11 -7.10
CA PHE A 308 -21.53 -25.38 -6.41
C PHE A 308 -20.90 -26.48 -7.27
N ASP A 309 -21.37 -26.63 -8.50
CA ASP A 309 -20.82 -27.68 -9.33
C ASP A 309 -19.38 -27.51 -9.68
N ARG A 310 -18.96 -26.25 -9.83
CA ARG A 310 -17.55 -25.98 -10.14
C ARG A 310 -16.79 -26.40 -8.93
N ILE A 311 -17.28 -25.96 -7.77
CA ILE A 311 -16.60 -26.33 -6.55
C ILE A 311 -16.62 -27.85 -6.35
N LEU A 312 -17.82 -28.43 -6.40
CA LEU A 312 -17.89 -29.87 -6.20
C LEU A 312 -17.00 -30.63 -7.16
N GLY A 313 -16.86 -30.11 -8.39
CA GLY A 313 -16.01 -30.79 -9.35
C GLY A 313 -14.56 -30.88 -8.89
N SER A 314 -14.04 -29.72 -8.48
CA SER A 314 -12.68 -29.58 -8.03
C SER A 314 -12.39 -30.43 -6.81
N ARG A 315 -13.33 -30.49 -5.89
CA ARG A 315 -13.13 -31.29 -4.71
C ARG A 315 -13.01 -32.76 -5.12
N MET A 316 -13.99 -33.27 -5.86
CA MET A 316 -13.97 -34.65 -6.31
C MET A 316 -12.70 -34.95 -7.09
N GLY A 317 -12.34 -34.03 -7.97
CA GLY A 317 -11.14 -34.20 -8.76
C GLY A 317 -9.93 -34.49 -7.89
N VAL A 318 -9.70 -33.64 -6.89
CA VAL A 318 -8.57 -33.85 -6.00
C VAL A 318 -8.70 -35.15 -5.23
N GLU A 319 -9.91 -35.49 -4.82
CA GLU A 319 -10.10 -36.71 -4.09
C GLU A 319 -9.71 -37.90 -4.95
N ALA A 320 -10.18 -37.90 -6.19
CA ALA A 320 -9.85 -38.98 -7.10
C ALA A 320 -8.33 -39.25 -7.14
N VAL A 321 -7.58 -38.26 -7.62
CA VAL A 321 -6.11 -38.35 -7.77
C VAL A 321 -5.42 -38.83 -6.51
N MET A 322 -5.90 -38.39 -5.35
CA MET A 322 -5.28 -38.84 -4.12
C MET A 322 -5.57 -40.33 -4.08
N ALA A 323 -6.84 -40.66 -4.17
CA ALA A 323 -7.30 -42.03 -4.13
C ALA A 323 -6.58 -42.90 -5.15
N LEU A 324 -6.23 -42.32 -6.30
CA LEU A 324 -5.52 -43.05 -7.34
C LEU A 324 -4.10 -43.39 -6.93
N LEU A 325 -3.39 -42.40 -6.42
CA LEU A 325 -2.03 -42.56 -5.96
C LEU A 325 -1.91 -43.33 -4.63
N GLU A 326 -3.01 -43.43 -3.90
CA GLU A 326 -3.02 -44.14 -2.61
C GLU A 326 -3.56 -45.55 -2.71
N GLY A 327 -3.65 -46.06 -3.94
CA GLY A 327 -4.15 -47.41 -4.13
C GLY A 327 -3.09 -48.48 -3.93
N THR A 328 -3.54 -49.71 -3.65
CA THR A 328 -2.66 -50.86 -3.45
C THR A 328 -3.30 -52.10 -4.09
N PRO A 329 -2.48 -53.04 -4.59
CA PRO A 329 -3.03 -54.25 -5.21
C PRO A 329 -4.02 -54.99 -4.33
N ASP A 330 -4.22 -54.47 -3.11
CA ASP A 330 -5.15 -55.09 -2.16
C ASP A 330 -6.36 -54.19 -1.87
N THR A 331 -6.32 -52.98 -2.43
CA THR A 331 -7.41 -52.02 -2.26
C THR A 331 -8.44 -52.23 -3.36
N PRO A 332 -9.74 -52.17 -3.01
CA PRO A 332 -10.80 -52.37 -4.00
C PRO A 332 -11.07 -51.15 -4.88
N ALA A 333 -12.00 -51.32 -5.81
CA ALA A 333 -12.38 -50.25 -6.73
C ALA A 333 -12.98 -49.09 -5.95
N CYS A 334 -12.54 -47.88 -6.26
CA CYS A 334 -13.04 -46.74 -5.54
C CYS A 334 -13.92 -45.74 -6.29
N VAL A 335 -14.86 -45.16 -5.55
CA VAL A 335 -15.78 -44.12 -6.05
C VAL A 335 -15.84 -42.99 -5.01
N VAL A 336 -15.05 -41.94 -5.22
CA VAL A 336 -15.05 -40.82 -4.27
C VAL A 336 -16.36 -40.04 -4.37
N SER A 337 -16.77 -39.43 -3.27
CA SER A 337 -17.97 -38.63 -3.29
C SER A 337 -18.17 -37.84 -2.01
N LEU A 338 -19.18 -36.97 -2.03
CA LEU A 338 -19.49 -36.10 -0.91
C LEU A 338 -20.52 -36.77 -0.02
N SER A 339 -20.47 -36.47 1.27
CA SER A 339 -21.42 -36.99 2.24
C SER A 339 -21.17 -36.25 3.54
N GLY A 340 -22.24 -35.64 4.07
CA GLY A 340 -22.10 -34.89 5.28
C GLY A 340 -21.09 -33.80 5.01
N ASN A 341 -21.02 -33.38 3.75
CA ASN A 341 -20.15 -32.29 3.31
C ASN A 341 -18.63 -32.57 3.35
N GLN A 342 -18.21 -33.84 3.32
CA GLN A 342 -16.79 -34.21 3.30
C GLN A 342 -16.54 -35.32 2.27
N ALA A 343 -15.38 -35.31 1.60
CA ALA A 343 -15.02 -36.33 0.61
C ALA A 343 -14.94 -37.68 1.20
N VAL A 344 -15.25 -38.68 0.41
CA VAL A 344 -15.17 -40.02 0.92
C VAL A 344 -14.90 -40.89 -0.29
N ARG A 345 -14.20 -41.98 -0.05
CA ARG A 345 -13.91 -42.92 -1.10
C ARG A 345 -14.82 -44.07 -0.69
N LEU A 346 -15.72 -44.45 -1.59
CA LEU A 346 -16.65 -45.55 -1.30
C LEU A 346 -16.40 -46.72 -2.21
N PRO A 347 -16.74 -47.92 -1.75
CA PRO A 347 -16.55 -49.14 -2.55
C PRO A 347 -17.40 -49.06 -3.82
N LEU A 348 -16.70 -48.89 -4.95
CA LEU A 348 -17.34 -48.80 -6.25
C LEU A 348 -18.43 -49.85 -6.36
N MET A 349 -18.02 -51.12 -6.26
CA MET A 349 -18.96 -52.25 -6.35
C MET A 349 -20.19 -52.06 -5.48
N GLU A 350 -19.97 -51.88 -4.18
CA GLU A 350 -21.07 -51.69 -3.26
C GLU A 350 -22.04 -50.63 -3.75
N CYS A 351 -21.51 -49.52 -4.24
CA CYS A 351 -22.36 -48.43 -4.72
C CYS A 351 -23.21 -48.83 -5.92
N VAL A 352 -22.57 -49.47 -6.89
CA VAL A 352 -23.26 -49.91 -8.08
C VAL A 352 -24.30 -50.96 -7.70
N GLN A 353 -23.84 -52.07 -7.11
CA GLN A 353 -24.72 -53.15 -6.71
C GLN A 353 -25.98 -52.64 -5.99
N VAL A 354 -25.88 -51.47 -5.38
CA VAL A 354 -27.00 -50.92 -4.64
C VAL A 354 -27.79 -49.91 -5.41
N THR A 355 -27.06 -49.03 -6.07
CA THR A 355 -27.71 -47.99 -6.84
C THR A 355 -28.58 -48.70 -7.89
N LYS A 356 -28.33 -50.01 -8.07
CA LYS A 356 -29.09 -50.83 -9.00
C LYS A 356 -30.30 -51.37 -8.25
N ASP A 357 -30.04 -51.79 -7.01
CA ASP A 357 -31.09 -52.32 -6.16
C ASP A 357 -32.34 -51.50 -6.28
N VAL A 358 -32.22 -50.17 -6.23
CA VAL A 358 -33.40 -49.33 -6.32
C VAL A 358 -34.25 -49.52 -7.56
N THR A 359 -33.62 -49.84 -8.68
CA THR A 359 -34.33 -50.04 -9.95
C THR A 359 -35.27 -51.24 -9.85
N LYS A 360 -34.71 -52.41 -9.56
CA LYS A 360 -35.51 -53.63 -9.41
C LYS A 360 -36.61 -53.34 -8.41
N ALA A 361 -36.20 -52.97 -7.21
CA ALA A 361 -37.12 -52.66 -6.13
C ALA A 361 -38.25 -51.81 -6.65
N MET A 362 -38.01 -51.12 -7.76
CA MET A 362 -39.01 -50.23 -8.35
C MET A 362 -39.74 -50.95 -9.47
N ASP A 363 -39.04 -51.89 -10.10
CA ASP A 363 -39.60 -52.69 -11.17
C ASP A 363 -40.75 -53.49 -10.56
N GLU A 364 -40.52 -54.07 -9.38
CA GLU A 364 -41.59 -54.79 -8.68
C GLU A 364 -42.41 -53.67 -8.03
N LYS A 365 -43.72 -53.74 -8.10
CA LYS A 365 -44.56 -52.71 -7.51
C LYS A 365 -44.14 -52.32 -6.08
N ARG A 366 -42.95 -52.74 -5.64
CA ARG A 366 -42.46 -52.41 -4.29
C ARG A 366 -41.86 -51.00 -4.12
N PHE A 367 -42.73 -50.00 -4.26
CA PHE A 367 -42.34 -48.60 -4.15
C PHE A 367 -41.94 -48.10 -2.77
N ASP A 368 -42.42 -48.77 -1.74
CA ASP A 368 -42.10 -48.40 -0.38
C ASP A 368 -40.63 -48.71 -0.21
N GLU A 369 -40.21 -49.83 -0.80
CA GLU A 369 -38.81 -50.24 -0.74
C GLU A 369 -38.02 -49.29 -1.62
N ALA A 370 -38.70 -48.78 -2.64
CA ALA A 370 -38.09 -47.85 -3.57
C ALA A 370 -37.75 -46.61 -2.77
N MET A 371 -38.79 -45.83 -2.50
CA MET A 371 -38.66 -44.61 -1.73
C MET A 371 -37.74 -44.78 -0.55
N LYS A 372 -37.57 -46.00 -0.07
CA LYS A 372 -36.68 -46.26 1.06
C LYS A 372 -35.21 -46.32 0.63
N LEU A 373 -34.90 -47.21 -0.30
CA LEU A 373 -33.54 -47.34 -0.77
C LEU A 373 -33.02 -45.96 -1.17
N ARG A 374 -33.95 -45.07 -1.54
CA ARG A 374 -33.66 -43.68 -1.93
C ARG A 374 -33.56 -42.91 -0.59
N GLY A 375 -34.66 -43.00 0.14
CA GLY A 375 -34.84 -42.41 1.46
C GLY A 375 -34.08 -41.22 2.00
N ARG A 376 -34.14 -41.14 3.32
CA ARG A 376 -33.50 -40.09 4.11
C ARG A 376 -34.20 -38.75 3.84
N SER A 377 -33.41 -37.86 3.26
CA SER A 377 -33.79 -36.53 2.88
C SER A 377 -34.85 -36.61 1.79
N PHE A 378 -34.54 -37.38 0.75
CA PHE A 378 -35.47 -37.56 -0.36
C PHE A 378 -36.86 -37.65 0.22
N MET A 379 -37.06 -38.75 0.93
CA MET A 379 -38.34 -39.04 1.58
C MET A 379 -38.88 -37.82 2.33
N ASN A 380 -37.96 -37.07 2.92
CA ASN A 380 -38.33 -35.88 3.67
C ASN A 380 -38.91 -34.81 2.74
N ASN A 381 -38.16 -34.46 1.69
CA ASN A 381 -38.57 -33.45 0.69
C ASN A 381 -39.97 -33.79 0.24
N TRP A 382 -40.15 -35.08 -0.05
CA TRP A 382 -41.44 -35.59 -0.49
C TRP A 382 -42.45 -35.16 0.52
N GLU A 383 -42.25 -35.65 1.74
CA GLU A 383 -43.13 -35.36 2.86
C GLU A 383 -43.41 -33.88 3.06
N VAL A 384 -42.35 -33.09 3.15
CA VAL A 384 -42.50 -31.65 3.33
C VAL A 384 -43.15 -30.97 2.11
N TYR A 385 -42.81 -31.46 0.90
CA TYR A 385 -43.35 -30.90 -0.34
C TYR A 385 -44.87 -30.90 -0.29
N LYS A 386 -45.42 -32.10 -0.13
CA LYS A 386 -46.86 -32.34 -0.05
C LYS A 386 -47.54 -31.48 1.00
N LEU A 387 -46.95 -31.45 2.19
CA LEU A 387 -47.50 -30.68 3.30
C LEU A 387 -47.70 -29.24 2.98
N LEU A 388 -46.62 -28.61 2.53
CA LEU A 388 -46.65 -27.19 2.18
C LEU A 388 -47.52 -26.96 0.95
N ALA A 389 -47.57 -27.98 0.09
CA ALA A 389 -48.36 -27.97 -1.14
C ALA A 389 -49.87 -28.02 -0.92
N HIS A 390 -50.28 -28.54 0.23
CA HIS A 390 -51.71 -28.65 0.58
C HIS A 390 -52.46 -27.40 0.22
N ILE A 391 -53.76 -27.53 0.15
CA ILE A 391 -54.58 -26.37 -0.19
C ILE A 391 -55.17 -25.86 1.10
N ARG A 392 -55.49 -26.83 1.95
CA ARG A 392 -56.13 -26.69 3.27
C ARG A 392 -55.96 -25.33 3.92
N PRO A 393 -55.46 -25.26 5.16
CA PRO A 393 -54.98 -26.21 6.18
C PRO A 393 -56.13 -26.49 7.15
N PRO A 394 -55.85 -27.23 8.26
CA PRO A 394 -56.85 -27.58 9.28
C PRO A 394 -57.60 -26.42 9.97
N ALA A 395 -58.66 -26.78 10.68
CA ALA A 395 -59.50 -25.83 11.41
C ALA A 395 -58.78 -25.52 12.72
N PRO A 396 -58.61 -24.24 13.01
CA PRO A 396 -57.95 -23.71 14.21
C PRO A 396 -58.82 -23.76 15.45
N LYS A 397 -58.38 -24.54 16.44
CA LYS A 397 -59.13 -24.65 17.67
C LYS A 397 -58.77 -23.49 18.59
N SER A 398 -58.67 -23.76 19.89
CA SER A 398 -58.32 -22.71 20.85
C SER A 398 -57.10 -23.08 21.68
N GLY A 399 -57.06 -24.30 22.18
CA GLY A 399 -55.94 -24.73 23.00
C GLY A 399 -54.66 -24.85 22.20
N SER A 400 -54.61 -24.09 21.12
CA SER A 400 -53.49 -24.10 20.23
C SER A 400 -52.35 -23.17 20.66
N TYR A 401 -51.13 -23.71 20.65
CA TYR A 401 -49.95 -22.95 21.02
C TYR A 401 -49.73 -21.91 19.95
N THR A 402 -49.39 -20.69 20.32
CA THR A 402 -49.15 -19.70 19.30
C THR A 402 -47.66 -19.29 19.14
N VAL A 403 -47.11 -19.44 17.94
CA VAL A 403 -45.70 -19.11 17.67
C VAL A 403 -45.51 -17.82 16.90
N ALA A 404 -44.32 -17.24 17.01
CA ALA A 404 -43.97 -16.03 16.28
C ALA A 404 -42.65 -16.23 15.59
N VAL A 405 -42.63 -15.81 14.32
CA VAL A 405 -41.46 -15.89 13.45
C VAL A 405 -41.09 -14.49 13.01
N MET A 406 -39.78 -14.28 12.89
CA MET A 406 -39.23 -12.99 12.51
C MET A 406 -37.86 -13.09 11.86
N ASN A 407 -37.49 -11.99 11.20
CA ASN A 407 -36.20 -11.94 10.54
C ASN A 407 -35.32 -10.96 11.31
N VAL A 408 -34.05 -11.29 11.41
CA VAL A 408 -33.11 -10.44 12.14
C VAL A 408 -31.76 -10.49 11.45
N GLY A 409 -31.17 -9.30 11.24
CA GLY A 409 -29.86 -9.21 10.62
C GLY A 409 -30.01 -8.57 9.27
N ALA A 410 -28.98 -8.68 8.44
CA ALA A 410 -29.04 -8.13 7.09
C ALA A 410 -29.86 -9.17 6.32
N PRO A 411 -30.58 -8.75 5.27
CA PRO A 411 -31.40 -9.72 4.49
C PRO A 411 -30.68 -10.81 3.70
N ALA A 412 -31.44 -11.87 3.38
CA ALA A 412 -30.84 -12.99 2.67
C ALA A 412 -31.80 -13.70 1.71
N ALA A 413 -31.23 -14.30 0.67
CA ALA A 413 -32.03 -15.01 -0.30
C ALA A 413 -32.44 -16.29 0.37
N GLY A 414 -33.70 -16.37 0.80
CA GLY A 414 -34.20 -17.55 1.48
C GLY A 414 -35.09 -17.19 2.67
N MET A 415 -34.93 -15.99 3.21
CA MET A 415 -35.73 -15.60 4.34
C MET A 415 -37.18 -15.85 4.08
N ASN A 416 -37.70 -15.34 2.98
CA ASN A 416 -39.12 -15.50 2.68
C ASN A 416 -39.48 -16.96 2.51
N ALA A 417 -38.52 -17.80 2.11
CA ALA A 417 -38.81 -19.21 1.90
C ALA A 417 -38.94 -19.91 3.20
N ALA A 418 -38.20 -19.43 4.18
CA ALA A 418 -38.19 -20.01 5.51
C ALA A 418 -39.45 -19.53 6.23
N VAL A 419 -39.71 -18.23 6.18
CA VAL A 419 -40.91 -17.73 6.78
C VAL A 419 -42.14 -18.43 6.23
N ARG A 420 -42.08 -18.89 4.99
CA ARG A 420 -43.24 -19.55 4.45
C ARG A 420 -43.48 -20.97 4.96
N SER A 421 -42.45 -21.78 5.18
CA SER A 421 -42.74 -23.10 5.67
C SER A 421 -42.96 -23.03 7.16
N THR A 422 -42.27 -22.10 7.81
CA THR A 422 -42.45 -21.96 9.25
C THR A 422 -43.94 -21.76 9.48
N VAL A 423 -44.55 -20.80 8.80
CA VAL A 423 -45.97 -20.55 8.96
C VAL A 423 -46.85 -21.71 8.41
N ARG A 424 -46.57 -22.22 7.23
CA ARG A 424 -47.40 -23.29 6.73
C ARG A 424 -47.29 -24.46 7.67
N ILE A 425 -46.10 -24.99 7.87
CA ILE A 425 -45.99 -26.14 8.77
C ILE A 425 -46.59 -25.86 10.13
N GLY A 426 -46.44 -24.65 10.63
CA GLY A 426 -47.05 -24.30 11.90
C GLY A 426 -48.54 -24.56 11.76
N LEU A 427 -49.21 -23.77 10.91
CA LEU A 427 -50.64 -23.87 10.62
C LEU A 427 -51.13 -25.27 10.34
N ILE A 428 -50.27 -26.16 9.92
CA ILE A 428 -50.73 -27.48 9.64
C ILE A 428 -50.70 -28.30 10.93
N GLN A 429 -50.05 -27.79 11.96
CA GLN A 429 -49.97 -28.49 13.24
C GLN A 429 -51.19 -28.08 14.03
N GLY A 430 -51.89 -27.08 13.53
CA GLY A 430 -53.05 -26.61 14.21
C GLY A 430 -52.66 -25.52 15.18
N ASN A 431 -51.42 -25.04 15.09
CA ASN A 431 -51.01 -23.99 16.00
C ASN A 431 -51.29 -22.63 15.37
N ARG A 432 -51.15 -21.55 16.13
CA ARG A 432 -51.39 -20.23 15.59
C ARG A 432 -50.01 -19.69 15.24
N VAL A 433 -49.88 -18.86 14.20
CA VAL A 433 -48.57 -18.30 13.81
C VAL A 433 -48.67 -16.79 13.62
N LEU A 434 -47.91 -16.04 14.40
CA LEU A 434 -47.93 -14.59 14.28
C LEU A 434 -46.72 -14.24 13.48
N VAL A 435 -46.77 -13.11 12.82
CA VAL A 435 -45.68 -12.70 11.96
C VAL A 435 -45.17 -11.34 12.45
N VAL A 436 -43.84 -11.23 12.65
CA VAL A 436 -43.24 -9.99 13.17
C VAL A 436 -42.49 -9.11 12.18
N HIS A 437 -42.87 -7.85 12.10
CA HIS A 437 -42.19 -6.98 11.16
C HIS A 437 -40.97 -6.28 11.74
N ASP A 438 -39.83 -6.48 11.11
CA ASP A 438 -38.59 -5.81 11.51
C ASP A 438 -37.95 -6.36 12.76
N GLY A 439 -37.62 -7.65 12.71
CA GLY A 439 -36.94 -8.31 13.81
C GLY A 439 -37.32 -7.96 15.22
N PHE A 440 -36.32 -7.60 16.02
CA PHE A 440 -36.59 -7.28 17.39
C PHE A 440 -37.23 -5.93 17.56
N GLU A 441 -37.23 -5.10 16.52
CA GLU A 441 -37.93 -3.84 16.64
C GLU A 441 -39.37 -4.30 16.48
N GLY A 442 -39.50 -5.60 16.22
CA GLY A 442 -40.79 -6.21 16.03
C GLY A 442 -41.59 -6.47 17.29
N PRO A 443 -41.28 -7.51 18.12
CA PRO A 443 -42.10 -7.72 19.31
C PRO A 443 -42.12 -6.46 20.14
N ALA A 444 -41.09 -5.64 19.99
CA ALA A 444 -41.05 -4.42 20.78
C ALA A 444 -42.05 -3.34 20.36
N LYS A 445 -41.90 -2.71 19.20
CA LYS A 445 -42.86 -1.67 18.76
C LYS A 445 -44.28 -2.25 18.68
N GLY A 446 -44.39 -3.58 18.61
CA GLY A 446 -45.69 -4.19 18.55
C GLY A 446 -46.23 -4.58 17.17
N GLN A 447 -45.43 -4.40 16.12
CA GLN A 447 -45.84 -4.74 14.76
C GLN A 447 -45.90 -6.24 14.59
N ILE A 448 -47.05 -6.79 14.95
CA ILE A 448 -47.26 -8.21 14.94
C ILE A 448 -48.59 -8.52 14.33
N GLU A 449 -48.62 -9.49 13.42
CA GLU A 449 -49.87 -9.89 12.75
C GLU A 449 -50.02 -11.39 12.84
N GLU A 450 -51.23 -11.86 12.56
CA GLU A 450 -51.53 -13.29 12.56
C GLU A 450 -51.39 -13.68 11.12
N ALA A 451 -50.60 -14.71 10.85
CA ALA A 451 -50.37 -15.16 9.49
C ALA A 451 -51.20 -16.39 9.06
N GLY A 452 -52.07 -16.18 8.09
CA GLY A 452 -52.86 -17.28 7.60
C GLY A 452 -52.11 -18.00 6.49
N TRP A 453 -52.64 -19.15 6.09
CA TRP A 453 -52.03 -19.95 5.04
C TRP A 453 -51.64 -19.18 3.79
N SER A 454 -52.43 -18.18 3.43
CA SER A 454 -52.11 -17.43 2.21
C SER A 454 -51.07 -16.34 2.42
N TYR A 455 -50.97 -15.81 3.63
CA TYR A 455 -50.01 -14.75 3.90
C TYR A 455 -48.67 -15.03 3.21
N VAL A 456 -48.18 -16.26 3.31
CA VAL A 456 -46.91 -16.63 2.71
C VAL A 456 -47.02 -17.05 1.24
N GLY A 457 -48.25 -17.06 0.72
CA GLY A 457 -48.50 -17.46 -0.65
C GLY A 457 -47.44 -17.00 -1.63
N GLY A 458 -46.82 -17.97 -2.30
CA GLY A 458 -45.76 -17.74 -3.29
C GLY A 458 -44.70 -16.72 -2.88
N TRP A 459 -43.79 -17.18 -2.02
CA TRP A 459 -42.73 -16.38 -1.44
C TRP A 459 -41.46 -17.18 -1.62
N THR A 460 -41.65 -18.49 -1.55
CA THR A 460 -40.55 -19.42 -1.65
C THR A 460 -39.50 -18.97 -2.66
N GLY A 461 -39.93 -18.35 -3.76
CA GLY A 461 -39.01 -17.86 -4.76
C GLY A 461 -38.63 -16.39 -4.62
N GLN A 462 -39.46 -15.54 -4.00
CA GLN A 462 -39.11 -14.11 -3.84
C GLN A 462 -37.89 -13.90 -2.93
N GLY A 463 -37.01 -13.01 -3.31
CA GLY A 463 -35.83 -12.80 -2.50
C GLY A 463 -36.07 -11.67 -1.52
N GLY A 464 -35.01 -11.25 -0.85
CA GLY A 464 -35.12 -10.19 0.13
C GLY A 464 -35.78 -10.64 1.42
N SER A 465 -36.44 -9.71 2.10
CA SER A 465 -37.14 -9.98 3.35
C SER A 465 -38.52 -9.37 3.31
N LYS A 466 -39.52 -10.19 3.04
CA LYS A 466 -40.89 -9.69 2.99
C LYS A 466 -41.32 -9.03 4.30
N LEU A 467 -41.01 -9.67 5.43
CA LEU A 467 -41.39 -9.15 6.76
C LEU A 467 -40.58 -7.95 7.20
N GLY A 468 -39.34 -7.89 6.75
CA GLY A 468 -38.49 -6.78 7.12
C GLY A 468 -37.54 -7.28 8.16
N SER A 469 -36.25 -7.08 7.96
CA SER A 469 -35.30 -7.53 8.95
C SER A 469 -34.43 -6.38 9.37
N LYS A 470 -34.25 -6.21 10.67
CA LYS A 470 -33.38 -5.16 11.18
C LYS A 470 -32.29 -5.91 12.00
N ARG A 471 -31.22 -5.26 12.44
CA ARG A 471 -30.21 -6.02 13.19
C ARG A 471 -30.17 -5.70 14.66
N THR A 472 -31.03 -4.76 15.06
CA THR A 472 -31.16 -4.31 16.46
C THR A 472 -31.34 -5.50 17.41
N LEU A 473 -30.82 -5.36 18.63
CA LEU A 473 -30.92 -6.40 19.60
C LEU A 473 -32.04 -6.26 20.62
N PRO A 474 -32.48 -7.38 21.20
CA PRO A 474 -33.55 -7.38 22.16
C PRO A 474 -33.34 -6.71 23.51
N LYS A 475 -32.28 -7.08 24.21
CA LYS A 475 -32.01 -6.58 25.54
C LYS A 475 -32.42 -5.18 25.80
N LYS A 476 -31.80 -4.26 25.11
CA LYS A 476 -32.09 -2.85 25.30
C LYS A 476 -33.58 -2.57 25.48
N SER A 477 -34.46 -3.54 25.17
CA SER A 477 -35.92 -3.33 25.25
C SER A 477 -36.81 -4.48 25.74
N PHE A 478 -36.22 -5.36 26.55
CA PHE A 478 -36.92 -6.51 27.12
C PHE A 478 -38.25 -6.14 27.69
N GLU A 479 -38.32 -4.98 28.35
CA GLU A 479 -39.57 -4.48 28.92
C GLU A 479 -40.69 -4.50 27.90
N GLN A 480 -40.48 -3.80 26.79
CA GLN A 480 -41.47 -3.73 25.73
C GLN A 480 -41.71 -5.08 25.05
N ILE A 481 -40.68 -5.85 24.80
CA ILE A 481 -40.99 -7.07 24.11
C ILE A 481 -41.73 -8.01 25.03
N SER A 482 -41.28 -8.13 26.27
CA SER A 482 -41.94 -9.06 27.19
C SER A 482 -43.38 -8.59 27.35
N ALA A 483 -43.54 -7.29 27.42
CA ALA A 483 -44.86 -6.72 27.57
C ALA A 483 -45.73 -7.22 26.45
N ASN A 484 -45.10 -7.34 25.28
CA ASN A 484 -45.74 -7.79 24.05
C ASN A 484 -45.92 -9.26 23.84
N ILE A 485 -45.01 -10.06 24.36
CA ILE A 485 -45.13 -11.49 24.16
C ILE A 485 -46.28 -11.98 25.03
N THR A 486 -46.70 -11.14 25.96
CA THR A 486 -47.80 -11.48 26.85
C THR A 486 -49.09 -11.02 26.21
N LYS A 487 -49.10 -9.79 25.72
CA LYS A 487 -50.28 -9.22 25.08
C LYS A 487 -50.78 -10.06 23.92
N PHE A 488 -49.88 -10.40 22.99
CA PHE A 488 -50.26 -11.17 21.83
C PHE A 488 -50.27 -12.65 22.11
N ASN A 489 -49.69 -13.01 23.23
CA ASN A 489 -49.62 -14.40 23.64
C ASN A 489 -48.60 -15.29 22.89
N ILE A 490 -47.46 -14.71 22.55
CA ILE A 490 -46.40 -15.42 21.87
C ILE A 490 -45.92 -16.50 22.82
N GLN A 491 -45.61 -17.69 22.33
CA GLN A 491 -45.20 -18.78 23.19
C GLN A 491 -44.00 -19.52 22.64
N GLY A 492 -43.29 -18.90 21.71
CA GLY A 492 -42.14 -19.56 21.11
C GLY A 492 -41.64 -18.56 20.12
N LEU A 493 -40.40 -18.68 19.73
CA LEU A 493 -39.86 -17.71 18.80
C LEU A 493 -39.06 -18.43 17.77
N VAL A 494 -39.26 -18.03 16.51
CA VAL A 494 -38.48 -18.61 15.42
C VAL A 494 -37.76 -17.46 14.75
N ILE A 495 -36.43 -17.49 14.85
CA ILE A 495 -35.63 -16.41 14.32
C ILE A 495 -34.77 -16.82 13.15
N ILE A 496 -35.07 -16.21 12.00
CA ILE A 496 -34.34 -16.42 10.76
C ILE A 496 -33.52 -15.15 10.69
N GLY A 497 -32.21 -15.32 10.71
CA GLY A 497 -31.31 -14.19 10.66
C GLY A 497 -29.89 -14.70 10.66
N GLY A 498 -28.92 -13.79 10.77
CA GLY A 498 -27.53 -14.18 10.77
C GLY A 498 -26.88 -14.12 12.13
N PHE A 499 -25.70 -13.50 12.26
CA PHE A 499 -25.05 -13.45 13.56
C PHE A 499 -25.86 -12.79 14.66
N GLU A 500 -26.48 -11.64 14.39
CA GLU A 500 -27.26 -11.01 15.44
C GLU A 500 -28.57 -11.70 15.70
N ALA A 501 -28.69 -12.93 15.23
CA ALA A 501 -29.88 -13.67 15.52
C ALA A 501 -29.29 -14.63 16.54
N TYR A 502 -28.14 -15.21 16.22
CA TYR A 502 -27.48 -16.09 17.15
C TYR A 502 -27.28 -15.21 18.39
N THR A 503 -26.52 -14.15 18.21
CA THR A 503 -26.23 -13.18 19.24
C THR A 503 -27.48 -12.68 19.93
N GLY A 504 -28.46 -12.20 19.19
CA GLY A 504 -29.65 -11.76 19.90
C GLY A 504 -30.30 -12.92 20.64
N GLY A 505 -29.99 -14.14 20.22
CA GLY A 505 -30.54 -15.33 20.84
C GLY A 505 -29.96 -15.42 22.22
N LEU A 506 -28.64 -15.55 22.32
CA LEU A 506 -27.94 -15.55 23.61
C LEU A 506 -28.52 -14.37 24.37
N GLU A 507 -28.60 -13.23 23.71
CA GLU A 507 -29.15 -12.12 24.43
C GLU A 507 -30.50 -12.45 25.05
N LEU A 508 -31.21 -13.44 24.54
CA LEU A 508 -32.50 -13.76 25.11
C LEU A 508 -32.40 -14.61 26.35
N MET A 509 -31.49 -15.57 26.37
CA MET A 509 -31.36 -16.42 27.52
C MET A 509 -31.19 -15.56 28.77
N GLU A 510 -30.20 -14.69 28.78
CA GLU A 510 -29.97 -13.87 29.95
C GLU A 510 -31.27 -13.30 30.42
N GLY A 511 -32.09 -12.86 29.50
CA GLY A 511 -33.36 -12.27 29.89
C GLY A 511 -34.18 -13.19 30.74
N ARG A 512 -34.04 -14.48 30.46
CA ARG A 512 -34.77 -15.49 31.20
C ARG A 512 -34.45 -15.41 32.67
N LYS A 513 -33.41 -14.67 33.03
CA LYS A 513 -33.03 -14.52 34.41
C LYS A 513 -33.78 -13.37 35.04
N GLN A 514 -33.88 -12.24 34.36
CA GLN A 514 -34.60 -11.12 34.92
C GLN A 514 -36.07 -11.08 34.49
N PHE A 515 -36.48 -11.89 33.50
CA PHE A 515 -37.89 -11.89 33.05
C PHE A 515 -38.45 -13.27 32.87
N ASP A 516 -39.71 -13.43 33.26
CA ASP A 516 -40.31 -14.74 33.17
C ASP A 516 -40.92 -15.01 31.84
N GLU A 517 -41.32 -13.93 31.14
CA GLU A 517 -41.91 -14.04 29.80
C GLU A 517 -40.91 -14.60 28.76
N LEU A 518 -39.71 -14.06 28.74
CA LEU A 518 -38.66 -14.54 27.86
C LEU A 518 -38.36 -16.02 28.11
N CYS A 519 -39.06 -16.60 29.06
CA CYS A 519 -38.84 -18.00 29.41
C CYS A 519 -39.58 -18.98 28.51
N ILE A 520 -39.67 -18.63 27.22
CA ILE A 520 -40.29 -19.45 26.16
C ILE A 520 -39.15 -20.02 25.35
N PRO A 521 -39.40 -21.03 24.52
CA PRO A 521 -38.24 -21.52 23.75
C PRO A 521 -38.07 -20.71 22.44
N PHE A 522 -36.90 -20.82 21.79
CA PHE A 522 -36.68 -20.14 20.51
C PHE A 522 -35.71 -20.99 19.69
N VAL A 523 -35.79 -20.92 18.34
CA VAL A 523 -34.85 -21.64 17.45
C VAL A 523 -34.38 -20.57 16.57
N VAL A 524 -33.12 -20.67 16.19
CA VAL A 524 -32.53 -19.70 15.30
C VAL A 524 -32.16 -20.37 14.00
N ILE A 525 -32.81 -19.95 12.92
CA ILE A 525 -32.52 -20.47 11.57
C ILE A 525 -31.52 -19.53 10.87
N PRO A 526 -30.29 -20.02 10.63
CA PRO A 526 -29.21 -19.25 10.01
C PRO A 526 -29.43 -18.75 8.59
N ALA A 527 -29.60 -17.45 8.46
CA ALA A 527 -29.82 -16.86 7.15
C ALA A 527 -28.88 -15.68 7.00
N THR A 528 -27.72 -15.94 6.42
CA THR A 528 -26.76 -14.87 6.26
C THR A 528 -25.95 -15.13 5.02
N VAL A 529 -25.77 -14.08 4.24
CA VAL A 529 -24.98 -14.10 3.01
C VAL A 529 -23.57 -14.56 3.28
N SER A 530 -23.03 -14.09 4.39
CA SER A 530 -21.69 -14.32 4.83
C SER A 530 -21.28 -15.66 5.37
N ASN A 531 -22.23 -16.48 5.78
CA ASN A 531 -21.94 -17.81 6.32
C ASN A 531 -21.01 -17.72 7.52
N ASN A 532 -21.30 -16.73 8.36
CA ASN A 532 -20.53 -16.46 9.56
C ASN A 532 -21.20 -16.92 10.83
N VAL A 533 -22.40 -17.48 10.75
CA VAL A 533 -23.06 -17.93 11.99
C VAL A 533 -22.50 -19.22 12.55
N PRO A 534 -22.19 -19.27 13.87
CA PRO A 534 -21.63 -20.49 14.44
C PRO A 534 -22.66 -21.56 14.48
N GLY A 535 -22.23 -22.81 14.45
CA GLY A 535 -23.18 -23.91 14.55
C GLY A 535 -23.83 -24.50 13.32
N SER A 536 -23.26 -24.24 12.15
CA SER A 536 -23.76 -24.76 10.88
C SER A 536 -22.70 -24.59 9.81
N ASP A 537 -22.58 -25.57 8.91
CA ASP A 537 -21.63 -25.53 7.80
C ASP A 537 -22.10 -24.54 6.74
N PHE A 538 -23.42 -24.34 6.63
CA PHE A 538 -23.98 -23.40 5.67
C PHE A 538 -25.06 -22.53 6.27
N SER A 539 -25.37 -21.40 5.65
CA SER A 539 -26.41 -20.53 6.11
C SER A 539 -27.22 -20.19 4.88
N VAL A 540 -28.42 -19.70 5.06
CA VAL A 540 -29.22 -19.40 3.90
C VAL A 540 -28.80 -18.10 3.31
N GLY A 541 -28.66 -18.10 1.98
CA GLY A 541 -28.27 -16.91 1.22
C GLY A 541 -26.81 -16.85 0.81
N ALA A 542 -26.00 -17.85 1.19
CA ALA A 542 -24.60 -17.83 0.83
C ALA A 542 -24.49 -18.24 -0.62
N ASP A 543 -25.01 -19.43 -0.94
CA ASP A 543 -25.02 -19.94 -2.31
C ASP A 543 -25.46 -18.82 -3.24
N THR A 544 -26.61 -18.23 -2.97
CA THR A 544 -27.06 -17.14 -3.79
C THR A 544 -25.96 -16.06 -3.89
N ALA A 545 -25.51 -15.51 -2.78
CA ALA A 545 -24.47 -14.51 -2.88
C ALA A 545 -23.36 -15.14 -3.72
N LEU A 546 -22.76 -16.19 -3.20
CA LEU A 546 -21.68 -16.88 -3.88
C LEU A 546 -21.88 -17.03 -5.37
N ASN A 547 -23.07 -17.40 -5.81
CA ASN A 547 -23.25 -17.56 -7.25
C ASN A 547 -23.14 -16.26 -8.01
N THR A 548 -23.44 -15.17 -7.36
CA THR A 548 -23.37 -13.89 -7.99
C THR A 548 -21.94 -13.44 -8.04
N ILE A 549 -21.17 -13.72 -7.01
CA ILE A 549 -19.79 -13.27 -7.07
C ILE A 549 -19.21 -14.00 -8.24
N CYS A 550 -19.08 -15.29 -8.07
CA CYS A 550 -18.59 -16.17 -9.11
C CYS A 550 -19.08 -15.73 -10.53
N THR A 551 -20.32 -15.30 -10.66
CA THR A 551 -20.80 -14.86 -11.94
C THR A 551 -20.06 -13.62 -12.39
N THR A 552 -20.26 -12.50 -11.71
CA THR A 552 -19.59 -11.27 -12.10
C THR A 552 -18.09 -11.45 -12.14
N CYS A 553 -17.57 -12.39 -11.37
CA CYS A 553 -16.14 -12.59 -11.45
C CYS A 553 -15.79 -12.97 -12.87
N ASP A 554 -16.59 -13.89 -13.46
CA ASP A 554 -16.43 -14.41 -14.83
C ASP A 554 -16.65 -13.33 -15.88
N ARG A 555 -17.67 -12.49 -15.65
CA ARG A 555 -18.01 -11.39 -16.54
C ARG A 555 -16.91 -10.34 -16.54
N ILE A 556 -16.20 -10.23 -15.43
CA ILE A 556 -15.15 -9.25 -15.38
C ILE A 556 -13.91 -9.79 -16.05
N LYS A 557 -13.76 -11.10 -16.08
CA LYS A 557 -12.62 -11.68 -16.75
C LYS A 557 -12.88 -11.51 -18.23
N GLN A 558 -13.05 -10.26 -18.67
CA GLN A 558 -13.30 -9.95 -20.07
C GLN A 558 -12.73 -8.56 -20.29
N SER A 559 -13.51 -7.56 -19.88
CA SER A 559 -13.16 -6.15 -19.96
C SER A 559 -12.58 -5.67 -21.29
N ALA A 560 -13.18 -4.62 -21.84
CA ALA A 560 -12.74 -4.05 -23.10
C ALA A 560 -11.33 -3.47 -22.97
N ALA A 561 -10.36 -4.34 -22.69
CA ALA A 561 -8.98 -3.93 -22.54
C ALA A 561 -8.38 -3.58 -23.89
N GLY A 562 -7.61 -2.49 -23.94
CA GLY A 562 -6.99 -2.08 -25.18
C GLY A 562 -5.94 -3.07 -25.63
N THR A 563 -5.73 -4.11 -24.82
CA THR A 563 -4.75 -5.14 -25.12
C THR A 563 -4.92 -6.31 -24.15
N LYS A 564 -4.39 -7.47 -24.54
CA LYS A 564 -4.49 -8.67 -23.71
C LYS A 564 -3.71 -8.47 -22.40
N ARG A 565 -3.21 -9.56 -21.82
CA ARG A 565 -2.47 -9.54 -20.55
C ARG A 565 -3.02 -8.49 -19.56
N ARG A 566 -3.76 -8.94 -18.55
CA ARG A 566 -4.38 -8.04 -17.56
C ARG A 566 -4.71 -8.76 -16.29
N VAL A 567 -4.52 -8.11 -15.14
CA VAL A 567 -4.81 -8.74 -13.86
C VAL A 567 -5.94 -8.05 -13.11
N PHE A 568 -6.86 -8.83 -12.55
CA PHE A 568 -7.97 -8.24 -11.78
C PHE A 568 -7.92 -8.48 -10.28
N ILE A 569 -8.08 -7.39 -9.52
CA ILE A 569 -8.07 -7.47 -8.08
C ILE A 569 -9.45 -7.06 -7.61
N ILE A 570 -10.14 -8.04 -7.02
CA ILE A 570 -11.50 -7.87 -6.55
C ILE A 570 -11.69 -8.15 -5.07
N GLU A 571 -12.40 -7.23 -4.42
CA GLU A 571 -12.72 -7.26 -3.00
C GLU A 571 -14.14 -7.82 -2.81
N THR A 572 -14.25 -8.95 -2.12
CA THR A 572 -15.54 -9.56 -1.86
C THR A 572 -16.09 -9.04 -0.54
N MET A 573 -17.32 -9.39 -0.22
CA MET A 573 -17.90 -8.93 1.03
C MET A 573 -17.80 -10.06 2.05
N GLY A 574 -18.64 -9.99 3.10
CA GLY A 574 -18.64 -10.99 4.15
C GLY A 574 -17.85 -10.62 5.38
N GLY A 575 -17.72 -9.32 5.67
CA GLY A 575 -17.00 -8.87 6.84
C GLY A 575 -15.72 -9.62 7.07
N TYR A 576 -15.55 -10.28 8.21
CA TYR A 576 -14.32 -11.01 8.47
C TYR A 576 -14.41 -12.43 8.07
N CYS A 577 -15.51 -12.87 7.48
CA CYS A 577 -15.56 -14.27 7.11
C CYS A 577 -15.07 -14.56 5.72
N GLY A 578 -14.01 -15.34 5.62
CA GLY A 578 -13.47 -15.67 4.33
C GLY A 578 -14.17 -16.81 3.59
N TYR A 579 -15.49 -16.91 3.72
CA TYR A 579 -16.18 -18.00 3.04
C TYR A 579 -16.36 -17.70 1.58
N LEU A 580 -17.08 -16.63 1.26
CA LEU A 580 -17.27 -16.23 -0.13
C LEU A 580 -15.89 -16.17 -0.84
N ALA A 581 -15.09 -15.17 -0.55
CA ALA A 581 -13.77 -15.09 -1.16
C ALA A 581 -13.12 -16.45 -1.30
N THR A 582 -12.99 -17.23 -0.25
CA THR A 582 -12.34 -18.53 -0.44
C THR A 582 -13.09 -19.36 -1.46
N MET A 583 -14.39 -19.54 -1.26
CA MET A 583 -15.19 -20.31 -2.21
C MET A 583 -15.12 -19.71 -3.60
N ALA A 584 -15.61 -18.50 -3.76
CA ALA A 584 -15.56 -17.82 -5.06
C ALA A 584 -14.13 -17.89 -5.57
N GLY A 585 -13.18 -17.76 -4.67
CA GLY A 585 -11.82 -17.83 -5.11
C GLY A 585 -11.60 -19.14 -5.82
N LEU A 586 -12.16 -20.23 -5.30
CA LEU A 586 -12.00 -21.53 -5.91
C LEU A 586 -12.93 -21.77 -7.11
N ALA A 587 -14.15 -21.24 -7.07
CA ALA A 587 -15.10 -21.43 -8.16
C ALA A 587 -14.69 -20.71 -9.42
N ALA A 588 -14.02 -19.58 -9.27
CA ALA A 588 -13.56 -18.81 -10.41
C ALA A 588 -12.05 -18.95 -10.60
N GLY A 589 -11.50 -20.00 -10.02
CA GLY A 589 -10.07 -20.21 -10.12
C GLY A 589 -9.17 -18.98 -10.09
N ALA A 590 -9.18 -18.24 -8.99
CA ALA A 590 -8.32 -17.07 -8.79
C ALA A 590 -6.91 -17.57 -8.36
N ASP A 591 -5.90 -16.72 -8.54
CA ASP A 591 -4.54 -17.13 -8.18
C ASP A 591 -4.36 -17.03 -6.68
N ALA A 592 -5.13 -16.12 -6.10
CA ALA A 592 -5.07 -15.87 -4.68
C ALA A 592 -6.35 -15.25 -4.20
N ALA A 593 -6.74 -15.66 -2.99
CA ALA A 593 -7.92 -15.18 -2.26
C ALA A 593 -7.45 -14.87 -0.84
N TYR A 594 -7.23 -13.60 -0.55
CA TYR A 594 -6.77 -13.17 0.77
C TYR A 594 -7.90 -13.07 1.77
N ILE A 595 -7.85 -13.97 2.74
CA ILE A 595 -8.87 -14.00 3.76
C ILE A 595 -8.26 -13.72 5.13
N PHE A 596 -9.13 -13.45 6.10
CA PHE A 596 -8.69 -13.18 7.46
C PHE A 596 -8.23 -14.45 8.20
N GLU A 597 -9.09 -15.43 8.29
CA GLU A 597 -8.73 -16.66 8.98
C GLU A 597 -7.41 -17.26 8.52
N GLU A 598 -6.77 -16.66 7.53
CA GLU A 598 -5.48 -17.17 7.05
C GLU A 598 -4.66 -15.94 6.73
N PRO A 599 -3.88 -15.49 7.71
CA PRO A 599 -2.98 -14.33 7.73
C PRO A 599 -1.80 -14.35 6.78
N PHE A 600 -1.66 -13.27 6.02
CA PHE A 600 -0.58 -13.16 5.09
C PHE A 600 0.34 -12.06 5.50
N THR A 601 1.62 -12.29 5.23
CA THR A 601 2.71 -11.39 5.53
C THR A 601 3.38 -10.93 4.23
N ILE A 602 3.58 -9.61 4.02
CA ILE A 602 4.23 -9.15 2.76
C ILE A 602 5.34 -10.07 2.27
N ARG A 603 5.95 -10.83 3.16
CA ARG A 603 6.97 -11.76 2.75
C ARG A 603 6.29 -12.74 1.79
N ASP A 604 5.02 -13.04 2.06
CA ASP A 604 4.20 -13.96 1.24
C ASP A 604 3.68 -13.19 0.05
N LEU A 605 2.75 -12.28 0.31
CA LEU A 605 2.15 -11.42 -0.69
C LEU A 605 3.11 -11.17 -1.83
N GLN A 606 4.38 -10.96 -1.49
CA GLN A 606 5.44 -10.75 -2.48
C GLN A 606 5.47 -12.02 -3.33
N ALA A 607 5.85 -13.12 -2.71
CA ALA A 607 5.89 -14.42 -3.36
C ALA A 607 4.61 -14.74 -4.12
N ASN A 608 3.50 -14.14 -3.73
CA ASN A 608 2.27 -14.43 -4.43
C ASN A 608 2.27 -13.71 -5.76
N VAL A 609 3.06 -12.65 -5.86
CA VAL A 609 3.19 -11.86 -7.09
C VAL A 609 4.40 -12.25 -7.91
N GLU A 610 5.52 -12.48 -7.24
CA GLU A 610 6.72 -12.91 -7.94
C GLU A 610 6.31 -14.33 -8.29
N HIS A 611 5.12 -14.45 -8.88
CA HIS A 611 4.55 -15.73 -9.26
C HIS A 611 3.47 -15.62 -10.34
N LEU A 612 2.48 -14.77 -10.12
CA LEU A 612 1.42 -14.56 -11.11
C LEU A 612 2.16 -13.97 -12.30
N VAL A 613 3.12 -13.10 -12.02
CA VAL A 613 3.90 -12.47 -13.07
C VAL A 613 4.62 -13.55 -13.86
N GLN A 614 5.36 -14.40 -13.18
CA GLN A 614 6.06 -15.49 -13.87
C GLN A 614 5.08 -16.33 -14.71
N LYS A 615 3.79 -16.03 -14.60
CA LYS A 615 2.75 -16.74 -15.32
C LYS A 615 2.14 -15.84 -16.39
N MET A 616 1.87 -14.59 -16.03
CA MET A 616 1.32 -13.62 -16.97
C MET A 616 2.37 -13.42 -18.06
N LYS A 617 3.60 -13.82 -17.74
CA LYS A 617 4.72 -13.69 -18.67
C LYS A 617 4.74 -14.86 -19.63
N THR A 618 3.77 -15.75 -19.50
CA THR A 618 3.71 -16.92 -20.35
C THR A 618 2.27 -17.38 -20.54
N THR A 619 2.01 -18.62 -20.14
CA THR A 619 0.70 -19.22 -20.25
C THR A 619 -0.51 -18.27 -20.08
N VAL A 620 -0.79 -17.86 -18.84
CA VAL A 620 -1.92 -16.97 -18.52
C VAL A 620 -1.98 -15.62 -19.23
N LYS A 621 -3.20 -15.20 -19.56
CA LYS A 621 -3.39 -13.91 -20.23
C LYS A 621 -4.33 -13.00 -19.41
N ARG A 622 -5.06 -13.59 -18.47
CA ARG A 622 -5.93 -12.81 -17.62
C ARG A 622 -5.69 -13.38 -16.24
N GLY A 623 -5.61 -12.49 -15.24
CA GLY A 623 -5.35 -12.92 -13.88
C GLY A 623 -6.44 -12.51 -12.91
N LEU A 624 -6.68 -13.40 -11.93
CA LEU A 624 -7.69 -13.17 -10.89
C LEU A 624 -7.11 -13.19 -9.48
N VAL A 625 -7.30 -12.09 -8.77
CA VAL A 625 -6.81 -11.95 -7.40
C VAL A 625 -7.95 -11.51 -6.46
N LEU A 626 -8.41 -12.46 -5.65
CA LEU A 626 -9.52 -12.19 -4.73
C LEU A 626 -9.14 -11.73 -3.32
N ARG A 627 -9.72 -10.62 -2.88
CA ARG A 627 -9.40 -10.13 -1.53
C ARG A 627 -10.59 -9.94 -0.60
N ASN A 628 -10.57 -10.64 0.53
CA ASN A 628 -11.62 -10.53 1.54
C ASN A 628 -11.67 -9.09 2.03
N GLU A 629 -12.83 -8.45 2.00
CA GLU A 629 -12.98 -7.07 2.44
C GLU A 629 -12.38 -6.77 3.82
N LYS A 630 -11.77 -7.74 4.50
CA LYS A 630 -11.15 -7.50 5.80
C LYS A 630 -10.01 -8.40 6.15
N CYS A 631 -9.48 -9.06 5.15
CA CYS A 631 -8.38 -9.96 5.38
C CYS A 631 -7.22 -9.36 6.15
N ASN A 632 -7.10 -8.01 6.19
CA ASN A 632 -5.96 -7.36 6.84
C ASN A 632 -5.99 -5.82 6.88
N GLU A 633 -5.90 -5.24 8.06
CA GLU A 633 -5.97 -3.79 8.27
C GLU A 633 -5.11 -2.91 7.39
N ASN A 634 -3.88 -3.36 7.10
CA ASN A 634 -2.91 -2.59 6.31
C ASN A 634 -2.87 -2.92 4.83
N TYR A 635 -2.76 -4.21 4.55
CA TYR A 635 -2.73 -4.69 3.18
C TYR A 635 -4.10 -4.61 2.58
N THR A 636 -4.58 -3.38 2.41
CA THR A 636 -5.88 -3.13 1.86
C THR A 636 -6.04 -3.55 0.38
N THR A 637 -7.19 -3.25 -0.21
CA THR A 637 -7.37 -3.56 -1.62
C THR A 637 -6.26 -2.76 -2.28
N ASP A 638 -6.40 -1.43 -2.26
CA ASP A 638 -5.42 -0.52 -2.82
C ASP A 638 -3.98 -0.94 -2.55
N PHE A 639 -3.70 -1.55 -1.42
CA PHE A 639 -2.32 -1.91 -1.25
C PHE A 639 -2.06 -3.03 -2.21
N ILE A 640 -2.75 -4.14 -2.04
CA ILE A 640 -2.58 -5.32 -2.91
C ILE A 640 -2.59 -4.90 -4.37
N PHE A 641 -3.53 -4.04 -4.71
CA PHE A 641 -3.62 -3.55 -6.07
C PHE A 641 -2.29 -2.97 -6.53
N ASN A 642 -1.96 -1.78 -6.02
CA ASN A 642 -0.71 -1.07 -6.30
C ASN A 642 0.46 -2.03 -6.25
N LEU A 643 0.53 -2.90 -5.25
CA LEU A 643 1.66 -3.80 -5.23
C LEU A 643 1.65 -4.58 -6.53
N TYR A 644 0.56 -5.33 -6.78
CA TYR A 644 0.40 -6.14 -8.01
C TYR A 644 0.64 -5.31 -9.28
N SER A 645 0.20 -4.07 -9.29
CA SER A 645 0.43 -3.24 -10.45
C SER A 645 1.94 -3.04 -10.66
N GLU A 646 2.56 -2.11 -9.93
CA GLU A 646 4.00 -1.88 -10.03
C GLU A 646 4.73 -3.15 -10.44
N GLU A 647 4.81 -4.11 -9.53
CA GLU A 647 5.46 -5.40 -9.78
C GLU A 647 5.24 -6.00 -11.19
N GLY A 648 4.15 -5.62 -11.84
CA GLY A 648 3.88 -6.17 -13.15
C GLY A 648 3.84 -5.14 -14.25
N LYS A 649 4.47 -3.98 -14.02
CA LYS A 649 4.52 -2.92 -15.03
C LYS A 649 5.20 -3.53 -16.23
N GLY A 650 4.68 -3.27 -17.42
CA GLY A 650 5.29 -3.86 -18.61
C GLY A 650 4.60 -5.17 -18.92
N ILE A 651 4.89 -6.22 -18.14
CA ILE A 651 4.30 -7.54 -18.34
C ILE A 651 2.78 -7.62 -18.41
N PHE A 652 2.04 -6.88 -17.59
CA PHE A 652 0.59 -6.91 -17.70
C PHE A 652 -0.09 -5.65 -17.25
N ASP A 653 -1.39 -5.57 -17.47
CA ASP A 653 -2.12 -4.39 -17.07
C ASP A 653 -2.87 -4.87 -15.84
N SER A 654 -3.66 -4.00 -15.21
CA SER A 654 -4.43 -4.41 -14.04
C SER A 654 -5.45 -3.36 -13.66
N ARG A 655 -6.60 -3.83 -13.22
CA ARG A 655 -7.69 -2.96 -12.78
C ARG A 655 -8.12 -3.54 -11.45
N LYS A 656 -8.80 -2.72 -10.65
CA LYS A 656 -9.28 -3.19 -9.35
C LYS A 656 -10.77 -2.96 -9.22
N ASN A 657 -11.48 -4.00 -8.82
CA ASN A 657 -12.91 -3.91 -8.66
C ASN A 657 -13.35 -4.21 -7.24
N VAL A 658 -14.30 -3.42 -6.77
CA VAL A 658 -14.85 -3.63 -5.44
C VAL A 658 -16.34 -3.92 -5.60
N LEU A 659 -16.69 -5.21 -5.52
CA LEU A 659 -18.06 -5.66 -5.70
C LEU A 659 -18.90 -5.08 -4.60
N GLY A 660 -18.44 -5.22 -3.37
CA GLY A 660 -19.24 -4.70 -2.29
C GLY A 660 -20.51 -5.51 -2.18
N HIS A 661 -21.52 -4.90 -1.56
CA HIS A 661 -22.80 -5.56 -1.32
C HIS A 661 -23.90 -5.28 -2.33
N MET A 662 -23.62 -5.60 -3.59
CA MET A 662 -24.58 -5.40 -4.68
C MET A 662 -25.92 -6.05 -4.34
N GLN A 663 -26.86 -5.21 -3.91
CA GLN A 663 -28.21 -5.63 -3.53
C GLN A 663 -28.37 -7.15 -3.38
N GLN A 664 -28.08 -7.66 -2.20
CA GLN A 664 -28.19 -9.09 -1.92
C GLN A 664 -29.66 -9.47 -1.78
N GLY A 665 -30.55 -8.61 -2.27
CA GLY A 665 -31.98 -8.88 -2.19
C GLY A 665 -32.54 -9.34 -3.52
N GLY A 666 -31.68 -9.93 -4.35
CA GLY A 666 -32.10 -10.41 -5.64
C GLY A 666 -33.11 -11.54 -5.56
N SER A 667 -32.68 -12.77 -5.85
CA SER A 667 -33.55 -13.94 -5.78
C SER A 667 -32.77 -15.21 -5.43
N PRO A 668 -33.28 -15.98 -4.46
CA PRO A 668 -32.68 -17.21 -3.96
C PRO A 668 -32.52 -18.30 -4.96
N THR A 669 -31.37 -18.94 -5.01
CA THR A 669 -31.20 -20.04 -5.96
C THR A 669 -32.02 -21.19 -5.43
N PRO A 670 -32.18 -22.26 -6.21
CA PRO A 670 -32.97 -23.38 -5.73
C PRO A 670 -32.44 -23.96 -4.40
N PHE A 671 -31.12 -24.02 -4.21
CA PHE A 671 -30.59 -24.56 -2.96
C PHE A 671 -30.92 -23.77 -1.73
N ASP A 672 -30.97 -22.45 -1.82
CA ASP A 672 -31.32 -21.72 -0.61
C ASP A 672 -32.80 -21.85 -0.39
N ARG A 673 -33.58 -21.98 -1.45
CA ARG A 673 -34.99 -22.09 -1.23
C ARG A 673 -35.30 -23.44 -0.61
N ASN A 674 -34.54 -24.46 -0.98
CA ASN A 674 -34.80 -25.75 -0.38
C ASN A 674 -34.35 -25.66 1.05
N PHE A 675 -33.09 -25.29 1.23
CA PHE A 675 -32.50 -25.14 2.55
C PHE A 675 -33.40 -24.31 3.43
N ALA A 676 -33.82 -23.14 3.02
CA ALA A 676 -34.66 -22.40 3.92
C ALA A 676 -36.06 -23.04 4.09
N THR A 677 -36.47 -23.89 3.17
CA THR A 677 -37.80 -24.48 3.31
C THR A 677 -37.76 -25.66 4.27
N LYS A 678 -36.74 -26.50 4.10
CA LYS A 678 -36.53 -27.70 4.90
C LYS A 678 -36.34 -27.41 6.38
N MET A 679 -35.53 -26.42 6.72
CA MET A 679 -35.32 -26.01 8.11
C MET A 679 -36.58 -25.36 8.65
N GLY A 680 -37.03 -24.30 8.02
CA GLY A 680 -38.24 -23.66 8.48
C GLY A 680 -39.27 -24.65 8.99
N ALA A 681 -39.25 -25.90 8.51
CA ALA A 681 -40.18 -26.93 8.97
C ALA A 681 -39.53 -27.61 10.17
N LYS A 682 -38.40 -28.26 9.89
CA LYS A 682 -37.59 -28.92 10.92
C LYS A 682 -37.65 -28.15 12.25
N ALA A 683 -37.53 -26.83 12.18
CA ALA A 683 -37.57 -26.01 13.36
C ALA A 683 -38.96 -25.90 13.89
N MET A 684 -39.93 -25.59 13.04
CA MET A 684 -41.29 -25.48 13.54
C MET A 684 -41.88 -26.79 14.07
N ASN A 685 -41.24 -27.91 13.78
CA ASN A 685 -41.73 -29.18 14.27
C ASN A 685 -41.14 -29.35 15.66
N TRP A 686 -39.82 -29.16 15.75
CA TRP A 686 -39.01 -29.22 16.99
C TRP A 686 -39.53 -28.25 18.00
N MET A 687 -39.95 -27.09 17.55
CA MET A 687 -40.45 -26.07 18.46
C MET A 687 -41.82 -26.32 19.01
N ALA A 688 -42.64 -27.04 18.26
CA ALA A 688 -43.98 -27.34 18.73
C ALA A 688 -43.81 -28.27 19.92
N GLY A 689 -42.77 -29.10 19.86
CA GLY A 689 -42.48 -30.01 20.96
C GLY A 689 -42.06 -29.20 22.18
N LYS A 690 -40.87 -28.64 22.14
CA LYS A 690 -40.40 -27.79 23.23
C LYS A 690 -41.52 -26.91 23.80
N ILE A 691 -42.57 -26.61 23.06
CA ILE A 691 -43.61 -25.81 23.68
C ILE A 691 -44.56 -26.70 24.47
N LYS A 692 -44.76 -27.95 24.06
CA LYS A 692 -45.65 -28.81 24.84
C LYS A 692 -44.87 -29.10 26.12
N GLU A 693 -43.67 -29.64 25.96
CA GLU A 693 -42.81 -29.98 27.07
C GLU A 693 -42.49 -28.82 28.05
N SER A 694 -42.97 -27.62 27.79
CA SER A 694 -42.68 -26.49 28.67
C SER A 694 -43.96 -25.94 29.19
N TYR A 695 -45.05 -26.62 28.88
CA TYR A 695 -46.35 -26.16 29.36
C TYR A 695 -46.50 -26.86 30.69
N ARG A 696 -46.70 -26.08 31.75
CA ARG A 696 -46.85 -26.69 33.06
C ARG A 696 -48.19 -26.39 33.68
N ASN A 697 -48.36 -25.19 34.21
CA ASN A 697 -49.64 -24.90 34.81
C ASN A 697 -50.34 -23.73 34.14
N GLY A 698 -51.00 -23.98 33.03
CA GLY A 698 -51.67 -22.88 32.35
C GLY A 698 -50.69 -21.76 32.05
N ARG A 699 -49.45 -22.13 31.74
CA ARG A 699 -48.39 -21.17 31.42
C ARG A 699 -47.19 -21.93 30.89
N ILE A 700 -46.34 -21.29 30.08
CA ILE A 700 -45.17 -22.02 29.65
C ILE A 700 -43.92 -21.46 30.33
N PHE A 701 -43.00 -22.37 30.68
CA PHE A 701 -41.78 -21.99 31.36
C PHE A 701 -40.61 -22.82 30.90
N ALA A 702 -39.97 -22.33 29.84
CA ALA A 702 -38.79 -22.97 29.30
C ALA A 702 -37.73 -22.20 30.06
N ASN A 703 -36.94 -22.92 30.85
CA ASN A 703 -35.87 -22.32 31.64
C ASN A 703 -34.64 -23.21 31.59
N THR A 704 -34.63 -24.14 30.63
CA THR A 704 -33.52 -25.07 30.42
C THR A 704 -32.75 -24.55 29.19
N PRO A 705 -31.60 -25.12 28.86
CA PRO A 705 -30.91 -24.59 27.69
C PRO A 705 -31.35 -25.19 26.35
N ASP A 706 -31.93 -26.39 26.41
CA ASP A 706 -32.44 -27.07 25.23
C ASP A 706 -33.45 -26.19 24.52
N SER A 707 -34.24 -25.43 25.25
CA SER A 707 -35.25 -24.60 24.62
C SER A 707 -34.74 -23.37 23.88
N GLY A 708 -33.41 -23.20 23.83
CA GLY A 708 -32.86 -22.04 23.15
C GLY A 708 -31.77 -22.44 22.18
N CYS A 709 -32.15 -22.84 20.97
CA CYS A 709 -31.17 -23.29 19.98
C CYS A 709 -30.99 -22.59 18.65
N VAL A 710 -29.92 -23.00 18.01
CA VAL A 710 -29.59 -22.55 16.69
C VAL A 710 -29.51 -23.89 15.97
N LEU A 711 -30.24 -24.01 14.87
CA LEU A 711 -30.30 -25.25 14.09
C LEU A 711 -29.32 -25.10 12.97
N GLY A 712 -28.44 -26.05 12.80
CA GLY A 712 -27.50 -25.90 11.72
C GLY A 712 -26.99 -27.19 11.13
N MET A 713 -26.34 -27.06 9.98
CA MET A 713 -25.78 -28.20 9.29
C MET A 713 -24.48 -28.58 9.97
N ARG A 714 -24.33 -29.84 10.38
CA ARG A 714 -23.10 -30.28 11.03
C ARG A 714 -22.87 -31.67 10.51
N LYS A 715 -22.03 -31.78 9.51
CA LYS A 715 -21.77 -33.07 8.90
C LYS A 715 -23.06 -33.63 8.33
N ARG A 716 -23.17 -34.95 8.22
CA ARG A 716 -24.36 -35.53 7.60
C ARG A 716 -25.74 -35.13 8.08
N ALA A 717 -25.85 -34.36 9.16
CA ALA A 717 -27.16 -34.00 9.69
C ALA A 717 -27.40 -32.60 10.21
N LEU A 718 -28.66 -32.22 10.22
CA LEU A 718 -29.11 -30.95 10.74
C LEU A 718 -29.09 -31.17 12.27
N VAL A 719 -28.77 -30.16 13.07
CA VAL A 719 -28.74 -30.43 14.51
C VAL A 719 -29.04 -29.25 15.40
N PHE A 720 -29.88 -29.46 16.40
CA PHE A 720 -30.22 -28.35 17.27
C PHE A 720 -29.13 -28.24 18.31
N GLN A 721 -28.63 -27.02 18.53
CA GLN A 721 -27.55 -26.80 19.49
C GLN A 721 -27.93 -25.57 20.23
N PRO A 722 -27.78 -25.57 21.57
CA PRO A 722 -28.15 -24.40 22.39
C PRO A 722 -27.14 -23.25 22.29
N VAL A 723 -27.67 -22.04 22.09
CA VAL A 723 -26.83 -20.87 21.90
C VAL A 723 -25.68 -20.75 22.88
N THR A 724 -25.97 -21.02 24.14
CA THR A 724 -24.98 -20.96 25.20
C THR A 724 -23.87 -21.97 24.99
N GLU A 725 -24.21 -23.15 24.48
CA GLU A 725 -23.21 -24.20 24.22
C GLU A 725 -22.24 -23.79 23.11
N LEU A 726 -22.65 -22.80 22.32
CA LEU A 726 -21.85 -22.32 21.19
C LEU A 726 -20.97 -21.14 21.50
N GLN A 727 -21.25 -20.43 22.59
CA GLN A 727 -20.47 -19.25 23.01
C GLN A 727 -18.97 -19.46 22.90
N ASN A 728 -18.50 -20.58 23.42
CA ASN A 728 -17.09 -20.89 23.40
C ASN A 728 -16.65 -21.48 22.07
N GLN A 729 -17.54 -21.46 21.08
CA GLN A 729 -17.19 -21.97 19.78
C GLN A 729 -17.23 -20.76 18.87
N THR A 730 -17.32 -19.57 19.44
CA THR A 730 -17.41 -18.42 18.59
C THR A 730 -16.60 -17.21 18.95
N ASP A 731 -15.82 -16.70 17.99
CA ASP A 731 -15.06 -15.47 18.16
C ASP A 731 -16.05 -14.31 18.00
N PHE A 732 -16.41 -13.62 19.06
CA PHE A 732 -17.36 -12.50 18.96
C PHE A 732 -16.73 -11.19 18.49
N GLU A 733 -15.40 -11.11 18.54
CA GLU A 733 -14.74 -9.89 18.12
C GLU A 733 -15.00 -9.69 16.67
N HIS A 734 -14.79 -10.75 15.91
CA HIS A 734 -14.94 -10.72 14.47
C HIS A 734 -16.23 -11.33 13.95
N ARG A 735 -17.15 -11.58 14.86
CA ARG A 735 -18.43 -12.15 14.54
C ARG A 735 -18.30 -13.33 13.63
N ILE A 736 -17.43 -14.24 13.95
CA ILE A 736 -17.34 -15.39 13.09
C ILE A 736 -17.14 -16.57 14.01
N PRO A 737 -17.34 -17.78 13.49
CA PRO A 737 -17.14 -18.94 14.36
C PRO A 737 -15.68 -19.22 14.45
N LYS A 738 -15.32 -20.18 15.28
CA LYS A 738 -13.94 -20.61 15.41
C LYS A 738 -14.03 -21.96 14.71
N GLU A 739 -13.03 -22.34 13.94
CA GLU A 739 -13.12 -23.63 13.26
C GLU A 739 -14.17 -23.61 12.15
N GLN A 740 -13.77 -23.16 10.95
CA GLN A 740 -14.62 -23.10 9.77
C GLN A 740 -14.21 -24.35 8.98
N TRP A 741 -15.16 -25.16 8.54
CA TRP A 741 -14.80 -26.41 7.85
C TRP A 741 -14.01 -26.19 6.62
N TRP A 742 -14.46 -25.19 5.87
CA TRP A 742 -13.87 -24.85 4.61
C TRP A 742 -12.42 -24.43 4.60
N LEU A 743 -11.86 -24.08 5.73
CA LEU A 743 -10.46 -23.71 5.75
C LEU A 743 -9.69 -24.95 5.38
N LYS A 744 -10.40 -26.07 5.26
CA LYS A 744 -9.75 -27.32 4.88
C LYS A 744 -9.45 -27.34 3.39
N LEU A 745 -10.19 -26.53 2.64
CA LEU A 745 -10.04 -26.41 1.19
C LEU A 745 -8.90 -25.50 0.74
N ARG A 746 -8.57 -24.47 1.51
CA ARG A 746 -7.51 -23.55 1.14
C ARG A 746 -6.37 -24.21 0.38
N PRO A 747 -5.78 -25.25 0.95
CA PRO A 747 -4.69 -25.91 0.23
C PRO A 747 -5.02 -26.29 -1.22
N ILE A 748 -6.13 -27.00 -1.47
CA ILE A 748 -6.46 -27.38 -2.85
C ILE A 748 -6.59 -26.12 -3.67
N LEU A 749 -7.26 -25.14 -3.13
CA LEU A 749 -7.44 -23.89 -3.82
C LEU A 749 -6.06 -23.40 -4.24
N LYS A 750 -5.02 -23.70 -3.44
CA LYS A 750 -3.66 -23.26 -3.76
C LYS A 750 -2.93 -24.10 -4.76
N ILE A 751 -3.10 -25.41 -4.74
CA ILE A 751 -2.39 -26.26 -5.68
C ILE A 751 -2.95 -26.09 -7.08
N LEU A 752 -4.22 -25.75 -7.18
CA LEU A 752 -4.82 -25.57 -8.48
C LEU A 752 -4.29 -24.31 -9.09
N ALA A 753 -3.67 -23.46 -8.28
CA ALA A 753 -3.13 -22.22 -8.83
C ALA A 753 -1.64 -22.42 -9.09
N LYS A 754 -1.18 -23.64 -8.88
CA LYS A 754 0.23 -24.03 -9.06
C LYS A 754 1.14 -23.35 -8.04
N TYR A 755 1.13 -23.86 -6.81
CA TYR A 755 1.96 -23.31 -5.76
C TYR A 755 2.69 -24.42 -5.02
N GLU A 756 3.55 -24.04 -4.08
CA GLU A 756 4.33 -24.99 -3.30
C GLU A 756 5.15 -25.86 -4.23
N ALA B 9 35.46 1.44 1.62
CA ALA B 9 35.36 -0.05 1.52
C ALA B 9 35.25 -0.67 2.91
N ARG B 10 34.30 -1.59 3.07
CA ARG B 10 34.10 -2.26 4.36
C ARG B 10 35.38 -3.04 4.69
N THR B 11 36.34 -2.92 3.77
CA THR B 11 37.63 -3.57 3.90
C THR B 11 38.73 -2.49 4.02
N LEU B 12 38.60 -1.45 3.21
CA LEU B 12 39.57 -0.36 3.18
C LEU B 12 40.05 0.09 4.55
N GLY B 13 39.36 -0.34 5.61
CA GLY B 13 39.76 0.08 6.94
C GLY B 13 40.03 -1.02 7.94
N VAL B 14 39.99 -2.26 7.49
CA VAL B 14 40.23 -3.39 8.39
C VAL B 14 41.61 -3.34 9.01
N GLY B 15 41.66 -3.61 10.31
CA GLY B 15 42.92 -3.61 11.03
C GLY B 15 43.32 -2.27 11.60
N LYS B 16 43.45 -1.28 10.73
CA LYS B 16 43.83 0.07 11.14
C LYS B 16 42.92 0.56 12.26
N ALA B 17 43.20 1.77 12.73
CA ALA B 17 42.40 2.37 13.78
C ALA B 17 42.59 3.88 13.73
N ILE B 18 41.63 4.62 14.24
CA ILE B 18 41.73 6.07 14.20
C ILE B 18 41.17 6.68 15.48
N ALA B 19 41.50 7.93 15.73
CA ALA B 19 41.03 8.61 16.93
C ALA B 19 40.66 10.03 16.60
N VAL B 20 39.41 10.36 16.86
CA VAL B 20 38.92 11.70 16.59
C VAL B 20 38.93 12.44 17.91
N LEU B 21 39.06 13.75 17.84
CA LEU B 21 39.10 14.56 19.03
C LEU B 21 38.76 15.99 18.62
N THR B 22 38.04 16.67 19.48
CA THR B 22 37.62 18.04 19.22
C THR B 22 38.18 18.98 20.25
N SER B 23 39.01 19.92 19.79
CA SER B 23 39.59 20.95 20.64
C SER B 23 39.14 22.24 19.97
N GLY B 24 39.44 23.38 20.58
CA GLY B 24 39.01 24.64 20.00
C GLY B 24 37.59 24.97 20.42
N GLY B 25 37.18 26.20 20.17
CA GLY B 25 35.84 26.60 20.56
C GLY B 25 34.73 25.67 20.08
N ASP B 26 33.60 25.70 20.77
CA ASP B 26 32.44 24.90 20.41
C ASP B 26 31.84 25.55 19.17
N ALA B 27 31.48 24.75 18.17
CA ALA B 27 30.85 25.25 16.94
C ALA B 27 29.83 24.25 16.42
N GLN B 28 28.65 24.76 16.11
CA GLN B 28 27.53 23.95 15.65
C GLN B 28 27.79 23.15 14.40
N GLY B 29 27.92 21.85 14.57
CA GLY B 29 28.15 20.96 13.47
C GLY B 29 29.28 19.99 13.76
N MET B 30 29.92 20.11 14.90
CA MET B 30 31.01 19.19 15.19
C MET B 30 30.44 17.85 15.55
N ASN B 31 29.34 17.85 16.29
CA ASN B 31 28.73 16.59 16.68
C ASN B 31 28.45 15.82 15.42
N ALA B 32 27.86 16.54 14.47
CA ALA B 32 27.52 16.00 13.17
C ALA B 32 28.73 15.28 12.57
N ALA B 33 29.87 15.99 12.56
CA ALA B 33 31.14 15.51 12.05
C ALA B 33 31.76 14.38 12.85
N VAL B 34 31.72 14.46 14.17
CA VAL B 34 32.30 13.38 14.95
C VAL B 34 31.54 12.11 14.59
N ARG B 35 30.21 12.25 14.61
CA ARG B 35 29.32 11.15 14.32
C ARG B 35 29.73 10.49 13.00
N ALA B 36 29.80 11.29 11.95
CA ALA B 36 30.17 10.78 10.65
C ALA B 36 31.45 9.96 10.75
N VAL B 37 32.51 10.58 11.29
CA VAL B 37 33.82 9.94 11.46
C VAL B 37 33.74 8.58 12.15
N VAL B 38 33.08 8.57 13.31
CA VAL B 38 32.90 7.36 14.10
C VAL B 38 32.24 6.29 13.23
N ARG B 39 31.07 6.62 12.70
CA ARG B 39 30.27 5.75 11.85
C ARG B 39 30.96 5.32 10.55
N VAL B 40 31.42 6.30 9.76
CA VAL B 40 32.06 5.96 8.50
C VAL B 40 33.29 5.12 8.76
N GLY B 41 33.94 5.38 9.88
CA GLY B 41 35.14 4.63 10.21
C GLY B 41 34.81 3.22 10.64
N ILE B 42 33.80 3.10 11.49
CA ILE B 42 33.37 1.81 11.98
C ILE B 42 33.09 0.94 10.79
N PHE B 43 32.26 1.50 9.91
CA PHE B 43 31.82 0.86 8.67
C PHE B 43 32.99 0.42 7.81
N THR B 44 33.92 1.33 7.56
CA THR B 44 35.08 1.01 6.76
C THR B 44 35.91 -0.16 7.31
N GLY B 45 35.52 -0.66 8.48
CA GLY B 45 36.23 -1.79 9.06
C GLY B 45 37.21 -1.50 10.18
N ALA B 46 37.44 -0.23 10.49
CA ALA B 46 38.38 0.13 11.55
C ALA B 46 37.68 0.29 12.89
N ARG B 47 38.45 0.60 13.92
CA ARG B 47 37.88 0.80 15.25
C ARG B 47 38.23 2.23 15.63
N VAL B 48 37.21 3.02 15.94
CA VAL B 48 37.39 4.42 16.28
C VAL B 48 37.40 4.68 17.77
N PHE B 49 38.30 5.58 18.19
CA PHE B 49 38.45 5.94 19.59
C PHE B 49 38.11 7.39 19.88
N PHE B 50 37.30 7.60 20.91
CA PHE B 50 36.96 8.95 21.33
C PHE B 50 38.10 9.51 22.18
N VAL B 51 38.21 10.83 22.29
CA VAL B 51 39.27 11.42 23.10
C VAL B 51 38.64 12.63 23.73
N HIS B 52 38.18 12.47 24.97
CA HIS B 52 37.49 13.55 25.65
C HIS B 52 38.26 14.82 26.02
N GLU B 53 37.49 15.89 26.21
CA GLU B 53 38.00 17.22 26.55
C GLU B 53 39.17 17.76 25.71
N GLY B 54 39.26 17.29 24.47
CA GLY B 54 40.29 17.74 23.53
C GLY B 54 41.68 17.19 23.71
N TYR B 55 42.68 18.05 23.48
CA TYR B 55 44.08 17.65 23.65
C TYR B 55 44.28 17.28 25.12
N GLN B 56 43.67 18.06 26.02
CA GLN B 56 43.78 17.80 27.45
C GLN B 56 43.74 16.30 27.73
N GLY B 57 42.70 15.63 27.25
CA GLY B 57 42.58 14.19 27.45
C GLY B 57 43.57 13.40 26.62
N LEU B 58 44.17 14.05 25.64
CA LEU B 58 45.14 13.38 24.79
C LEU B 58 46.47 13.35 25.53
N VAL B 59 46.87 14.50 26.06
CA VAL B 59 48.09 14.66 26.82
C VAL B 59 47.90 13.83 28.08
N ASP B 60 46.71 13.88 28.66
CA ASP B 60 46.40 13.07 29.83
C ASP B 60 46.39 11.64 29.27
N GLY B 61 45.26 10.93 29.40
CA GLY B 61 45.20 9.58 28.86
C GLY B 61 44.21 8.64 29.52
N GLY B 62 44.42 7.35 29.31
CA GLY B 62 43.59 6.29 29.89
C GLY B 62 42.11 6.49 30.12
N ASP B 63 41.75 7.54 30.85
CA ASP B 63 40.36 7.83 31.14
C ASP B 63 39.73 8.54 29.95
N HIS B 64 40.24 9.74 29.66
CA HIS B 64 39.76 10.57 28.56
C HIS B 64 39.95 9.92 27.20
N ILE B 65 40.04 8.60 27.15
CA ILE B 65 40.23 7.87 25.91
C ILE B 65 39.42 6.57 25.82
N ARG B 66 38.16 6.70 25.40
CA ARG B 66 37.27 5.55 25.26
C ARG B 66 37.18 5.08 23.80
N GLU B 67 36.57 3.91 23.60
CA GLU B 67 36.36 3.36 22.28
C GLU B 67 34.91 3.68 21.96
N ALA B 68 34.67 4.14 20.73
CA ALA B 68 33.34 4.52 20.32
C ALA B 68 32.54 3.36 19.77
N THR B 69 31.27 3.34 20.12
CA THR B 69 30.40 2.29 19.66
C THR B 69 29.46 2.91 18.65
N TRP B 70 29.22 2.21 17.55
CA TRP B 70 28.31 2.71 16.54
C TRP B 70 27.15 3.47 17.18
N GLU B 71 26.52 2.84 18.15
CA GLU B 71 25.38 3.43 18.83
C GLU B 71 25.72 4.65 19.70
N SER B 72 27.02 4.85 19.98
CA SER B 72 27.47 5.96 20.82
C SER B 72 27.18 7.36 20.31
N VAL B 73 27.48 7.59 19.03
CA VAL B 73 27.28 8.89 18.41
C VAL B 73 25.84 9.16 18.06
N SER B 74 24.93 8.27 18.48
CA SER B 74 23.49 8.41 18.22
C SER B 74 22.91 9.73 18.74
N MET B 75 21.70 10.07 18.31
CA MET B 75 21.05 11.31 18.74
C MET B 75 21.96 12.53 18.92
N MET B 76 23.04 12.62 18.13
CA MET B 76 23.97 13.74 18.21
C MET B 76 23.71 14.81 17.15
N LEU B 77 23.46 14.34 15.94
CA LEU B 77 23.23 15.20 14.81
C LEU B 77 22.54 16.55 15.06
N GLN B 78 21.52 16.56 15.89
CA GLN B 78 20.79 17.80 16.15
C GLN B 78 21.37 18.60 17.30
N LEU B 79 22.43 18.09 17.92
CA LEU B 79 23.05 18.73 19.07
C LEU B 79 24.07 19.79 18.79
N GLY B 80 23.95 20.95 19.42
CA GLY B 80 24.94 22.02 19.23
C GLY B 80 26.29 21.65 19.82
N GLY B 81 27.30 22.50 19.59
CA GLY B 81 28.64 22.25 20.12
C GLY B 81 29.14 20.83 20.03
N THR B 82 30.06 20.43 20.90
CA THR B 82 30.58 19.05 20.89
C THR B 82 30.14 18.22 22.10
N VAL B 83 30.08 16.91 21.92
CA VAL B 83 29.67 15.98 22.97
C VAL B 83 30.92 15.41 23.65
N ILE B 84 32.00 15.33 22.90
CA ILE B 84 33.28 14.80 23.36
C ILE B 84 34.02 15.77 24.29
N GLY B 85 33.50 16.99 24.44
CA GLY B 85 34.14 17.97 25.30
C GLY B 85 35.32 18.64 24.61
N SER B 86 35.84 19.73 25.19
CA SER B 86 36.97 20.42 24.60
C SER B 86 37.51 21.53 25.47
N ALA B 87 38.65 21.28 26.12
CA ALA B 87 39.27 22.27 26.99
C ALA B 87 40.39 22.97 26.22
N ARG B 88 40.88 24.07 26.79
CA ARG B 88 41.95 24.85 26.18
C ARG B 88 43.29 24.44 26.78
N CYS B 89 43.57 23.14 26.77
CA CYS B 89 44.82 22.59 27.31
C CYS B 89 46.10 23.10 26.65
N LYS B 90 46.83 23.98 27.33
CA LYS B 90 48.06 24.51 26.77
C LYS B 90 49.29 23.63 27.03
N ASP B 91 49.11 22.51 27.73
CA ASP B 91 50.21 21.58 27.99
C ASP B 91 50.66 21.03 26.64
N PHE B 92 49.82 21.23 25.63
CA PHE B 92 50.08 20.79 24.28
C PHE B 92 50.90 21.87 23.58
N ARG B 93 50.56 23.13 23.85
CA ARG B 93 51.24 24.27 23.26
C ARG B 93 52.74 24.06 23.30
N GLU B 94 53.24 23.51 24.40
CA GLU B 94 54.67 23.27 24.56
C GLU B 94 55.04 21.88 24.07
N ARG B 95 56.34 21.59 24.06
CA ARG B 95 56.84 20.29 23.61
C ARG B 95 57.03 19.36 24.80
N GLU B 96 56.86 19.92 25.99
CA GLU B 96 57.01 19.16 27.22
C GLU B 96 55.84 18.20 27.38
N GLY B 97 54.66 18.65 26.96
CA GLY B 97 53.47 17.81 27.08
C GLY B 97 53.30 16.87 25.90
N ARG B 98 53.66 17.36 24.73
CA ARG B 98 53.55 16.59 23.49
C ARG B 98 54.00 15.17 23.68
N LEU B 99 55.29 14.96 23.97
CA LEU B 99 55.78 13.61 24.19
C LEU B 99 54.79 12.80 25.06
N ARG B 100 54.20 13.47 26.05
CA ARG B 100 53.25 12.83 26.96
C ARG B 100 52.02 12.38 26.20
N ALA B 101 51.49 13.27 25.37
CA ALA B 101 50.34 12.95 24.57
C ALA B 101 50.81 11.89 23.59
N ALA B 102 51.87 12.21 22.85
CA ALA B 102 52.44 11.29 21.86
C ALA B 102 52.61 9.91 22.47
N HIS B 103 53.02 9.86 23.73
CA HIS B 103 53.19 8.59 24.40
C HIS B 103 51.87 7.85 24.25
N ASN B 104 50.83 8.41 24.86
CA ASN B 104 49.48 7.85 24.80
C ASN B 104 49.18 7.20 23.44
N LEU B 105 49.60 7.84 22.37
CA LEU B 105 49.36 7.34 21.02
C LEU B 105 50.05 6.00 20.78
N VAL B 106 51.37 6.02 20.64
CA VAL B 106 52.17 4.82 20.41
C VAL B 106 51.79 3.70 21.37
N LYS B 107 51.27 4.09 22.53
CA LYS B 107 50.84 3.13 23.55
C LYS B 107 49.67 2.29 23.05
N ARG B 108 48.46 2.80 23.29
CA ARG B 108 47.22 2.12 22.90
C ARG B 108 47.30 1.47 21.51
N GLY B 109 47.96 2.14 20.59
CA GLY B 109 48.09 1.62 19.23
C GLY B 109 47.78 2.70 18.22
N ILE B 110 46.69 3.42 18.49
CA ILE B 110 46.22 4.52 17.67
C ILE B 110 47.30 5.11 16.77
N THR B 111 47.13 4.95 15.45
CA THR B 111 48.10 5.47 14.49
C THR B 111 47.59 6.69 13.71
N ASN B 112 46.28 6.75 13.50
CA ASN B 112 45.66 7.84 12.77
C ASN B 112 44.83 8.76 13.65
N LEU B 113 45.14 10.05 13.58
CA LEU B 113 44.46 11.03 14.41
C LEU B 113 43.65 12.06 13.59
N CYS B 114 42.44 12.34 14.07
CA CYS B 114 41.56 13.31 13.41
C CYS B 114 41.31 14.45 14.38
N VAL B 115 41.85 15.62 14.06
CA VAL B 115 41.68 16.79 14.91
C VAL B 115 40.60 17.70 14.34
N ILE B 116 39.50 17.83 15.07
CA ILE B 116 38.39 18.67 14.64
C ILE B 116 38.35 19.97 15.43
N GLY B 117 38.70 21.07 14.78
CA GLY B 117 38.66 22.35 15.47
C GLY B 117 38.94 23.56 14.61
N GLY B 118 39.17 24.71 15.27
CA GLY B 118 39.45 25.96 14.58
C GLY B 118 40.92 26.14 14.23
N ASP B 119 41.22 27.26 13.57
CA ASP B 119 42.60 27.53 13.15
C ASP B 119 43.63 27.12 14.19
N GLY B 120 43.63 27.81 15.32
CA GLY B 120 44.59 27.48 16.36
C GLY B 120 44.73 26.00 16.57
N SER B 121 43.64 25.31 16.89
CA SER B 121 43.70 23.87 17.13
C SER B 121 44.57 23.15 16.09
N LEU B 122 44.37 23.53 14.83
CA LEU B 122 45.07 22.96 13.71
C LEU B 122 46.50 23.45 13.59
N THR B 123 46.73 24.72 13.89
CA THR B 123 48.08 25.28 13.79
C THR B 123 49.02 24.48 14.68
N GLY B 124 48.47 23.93 15.74
CA GLY B 124 49.28 23.12 16.63
C GLY B 124 49.26 21.68 16.19
N ALA B 125 48.45 21.39 15.18
CA ALA B 125 48.35 20.06 14.64
C ALA B 125 49.57 19.87 13.75
N ASP B 126 49.79 20.87 12.92
CA ASP B 126 50.91 20.93 11.97
C ASP B 126 52.22 20.96 12.73
N THR B 127 52.25 21.74 13.80
CA THR B 127 53.45 21.83 14.61
C THR B 127 53.64 20.54 15.40
N PHE B 128 52.65 19.67 15.39
CA PHE B 128 52.73 18.41 16.11
C PHE B 128 53.14 17.25 15.20
N ARG B 129 53.02 17.47 13.91
CA ARG B 129 53.38 16.44 12.95
C ARG B 129 54.77 16.71 12.46
N SER B 130 55.12 17.99 12.38
CA SER B 130 56.43 18.38 11.93
C SER B 130 57.43 18.05 13.01
N GLU B 131 56.92 17.60 14.14
CA GLU B 131 57.77 17.22 15.27
C GLU B 131 57.70 15.74 15.58
N TRP B 132 56.73 15.06 15.00
CA TRP B 132 56.58 13.64 15.23
C TRP B 132 57.75 12.87 14.62
N SER B 133 58.32 13.42 13.55
CA SER B 133 59.45 12.78 12.88
C SER B 133 60.72 12.90 13.74
N ASP B 134 60.61 13.65 14.84
CA ASP B 134 61.73 13.86 15.75
C ASP B 134 61.34 13.57 17.20
N LEU B 135 60.04 13.44 17.46
CA LEU B 135 59.54 13.18 18.81
C LEU B 135 59.58 11.69 19.12
N LEU B 136 59.63 10.87 18.08
CA LEU B 136 59.72 9.42 18.25
C LEU B 136 61.19 9.13 18.49
N SER B 137 62.02 10.16 18.28
CA SER B 137 63.46 10.06 18.45
C SER B 137 63.80 10.25 19.93
N ASP B 138 63.05 11.12 20.60
CA ASP B 138 63.26 11.37 22.02
C ASP B 138 62.48 10.38 22.87
N LEU B 139 62.02 9.30 22.24
CA LEU B 139 61.27 8.27 22.94
C LEU B 139 62.22 7.13 23.29
N GLN B 140 63.50 7.34 22.99
CA GLN B 140 64.54 6.36 23.28
C GLN B 140 65.10 6.65 24.67
N LYS B 141 64.23 6.42 25.67
CA LYS B 141 64.53 6.61 27.08
C LYS B 141 63.48 5.79 27.84
N ALA B 142 62.69 6.46 28.69
CA ALA B 142 61.65 5.79 29.48
C ALA B 142 60.29 5.76 28.77
N GLY B 143 60.24 5.16 27.59
CA GLY B 143 58.99 5.09 26.85
C GLY B 143 58.39 3.71 26.84
N LYS B 144 58.09 3.19 25.65
CA LYS B 144 57.52 1.85 25.52
C LYS B 144 58.44 0.96 24.70
N ILE B 145 58.18 -0.34 24.80
CA ILE B 145 58.95 -1.35 24.08
C ILE B 145 59.05 -0.94 22.61
N THR B 146 60.27 -0.75 22.13
CA THR B 146 60.49 -0.33 20.74
C THR B 146 60.06 -1.42 19.74
N ALA B 147 59.21 -2.33 20.20
CA ALA B 147 58.68 -3.41 19.37
C ALA B 147 57.32 -2.94 18.86
N GLU B 148 56.84 -1.86 19.47
CA GLU B 148 55.58 -1.25 19.11
C GLU B 148 55.83 0.15 18.54
N GLU B 149 56.86 0.83 19.05
CA GLU B 149 57.21 2.16 18.60
C GLU B 149 58.11 2.07 17.37
N ALA B 150 58.13 0.88 16.77
CA ALA B 150 58.90 0.60 15.58
C ALA B 150 57.93 0.54 14.41
N THR B 151 56.76 -0.04 14.64
CA THR B 151 55.72 -0.16 13.63
C THR B 151 54.87 1.11 13.70
N ARG B 152 54.09 1.24 14.77
CA ARG B 152 53.25 2.42 14.98
C ARG B 152 54.16 3.58 15.39
N SER B 153 55.03 3.97 14.47
CA SER B 153 55.96 5.06 14.71
C SER B 153 55.81 6.15 13.66
N SER B 154 56.86 6.37 12.86
CA SER B 154 56.87 7.39 11.82
C SER B 154 55.52 7.43 11.13
N TYR B 155 54.80 6.32 11.18
CA TYR B 155 53.48 6.25 10.58
C TYR B 155 52.44 6.94 11.48
N LEU B 156 52.18 8.20 11.20
CA LEU B 156 51.18 8.98 11.94
C LEU B 156 50.42 9.87 10.97
N ASN B 157 49.25 9.43 10.53
CA ASN B 157 48.46 10.21 9.60
C ASN B 157 47.44 11.03 10.36
N ILE B 158 47.43 12.34 10.12
CA ILE B 158 46.46 13.20 10.77
C ILE B 158 45.63 13.95 9.71
N VAL B 159 44.36 14.17 10.02
CA VAL B 159 43.51 14.90 9.11
C VAL B 159 42.90 15.95 10.00
N GLY B 160 42.92 17.19 9.51
CA GLY B 160 42.35 18.27 10.26
C GLY B 160 41.05 18.60 9.59
N LEU B 161 39.98 18.57 10.38
CA LEU B 161 38.60 18.87 9.94
C LEU B 161 38.32 20.22 10.64
N VAL B 162 37.96 21.25 9.91
CA VAL B 162 37.79 22.57 10.53
C VAL B 162 36.46 22.99 11.21
N GLY B 163 36.44 23.00 12.55
CA GLY B 163 35.25 23.41 13.25
C GLY B 163 35.50 24.80 13.79
N SER B 164 34.83 25.82 13.27
CA SER B 164 35.04 27.20 13.71
C SER B 164 33.97 28.21 13.26
N ILE B 165 33.22 28.84 14.18
CA ILE B 165 32.20 29.77 13.69
C ILE B 165 32.78 31.04 13.06
N ASP B 166 34.10 31.21 13.15
CA ASP B 166 34.76 32.39 12.60
C ASP B 166 34.78 32.47 11.06
N ASN B 167 35.19 31.36 10.43
CA ASN B 167 35.35 31.19 8.97
C ASN B 167 36.61 31.99 8.63
N ASP B 168 37.54 31.98 9.59
CA ASP B 168 38.84 32.67 9.55
C ASP B 168 39.94 31.89 8.86
N PHE B 169 39.72 30.60 8.73
CA PHE B 169 40.66 29.66 8.11
C PHE B 169 40.61 29.71 6.58
N CYS B 170 41.78 29.77 5.95
CA CYS B 170 41.90 29.84 4.50
C CYS B 170 42.17 28.47 3.92
N GLY B 171 41.61 28.22 2.75
CA GLY B 171 41.78 26.94 2.09
C GLY B 171 40.46 26.18 2.13
N THR B 172 39.40 26.89 2.50
CA THR B 172 38.07 26.33 2.63
C THR B 172 37.07 27.46 2.42
N ASP B 173 35.95 27.17 1.77
CA ASP B 173 34.95 28.23 1.55
C ASP B 173 34.01 28.37 2.74
N MET B 174 33.86 27.28 3.51
CA MET B 174 32.99 27.27 4.68
C MET B 174 33.43 26.39 5.83
N THR B 175 33.38 26.92 7.03
CA THR B 175 33.75 26.14 8.19
C THR B 175 32.49 25.69 8.91
N ILE B 176 32.57 24.54 9.56
CA ILE B 176 31.40 24.04 10.27
C ILE B 176 30.95 25.05 11.34
N GLY B 177 29.66 25.39 11.35
CA GLY B 177 29.14 26.30 12.37
C GLY B 177 28.90 27.73 11.93
N THR B 178 29.74 28.23 11.05
CA THR B 178 29.54 29.62 10.66
C THR B 178 28.16 29.92 10.05
N ASP B 179 27.44 28.87 9.64
CA ASP B 179 26.12 29.11 9.10
C ASP B 179 25.17 29.26 10.26
N SER B 180 25.24 28.34 11.23
CA SER B 180 24.38 28.37 12.41
C SER B 180 24.66 29.66 13.09
N ALA B 181 25.94 29.91 13.33
CA ALA B 181 26.33 31.17 13.95
C ALA B 181 25.51 32.29 13.26
N LEU B 182 25.52 32.30 11.94
CA LEU B 182 24.79 33.31 11.18
C LEU B 182 23.31 33.25 11.39
N HIS B 183 22.79 32.06 11.67
CA HIS B 183 21.38 31.90 11.93
C HIS B 183 21.06 32.61 13.22
N ARG B 184 21.84 32.26 14.26
CA ARG B 184 21.74 32.85 15.58
C ARG B 184 21.77 34.34 15.53
N ILE B 185 22.80 34.89 14.89
CA ILE B 185 22.84 36.32 14.85
C ILE B 185 21.75 36.92 14.03
N THR B 186 21.12 36.17 13.14
CA THR B 186 20.05 36.78 12.37
C THR B 186 18.78 36.84 13.18
N GLU B 187 18.46 35.74 13.86
CA GLU B 187 17.27 35.67 14.70
C GLU B 187 17.19 36.93 15.53
N ILE B 188 18.32 37.30 16.14
CA ILE B 188 18.38 38.46 16.99
C ILE B 188 18.06 39.73 16.25
N VAL B 189 18.84 40.08 15.24
CA VAL B 189 18.54 41.31 14.49
C VAL B 189 17.13 41.21 13.90
N ASP B 190 16.75 39.98 13.58
CA ASP B 190 15.44 39.68 13.01
C ASP B 190 14.40 40.22 13.97
N ALA B 191 14.71 40.20 15.27
CA ALA B 191 13.78 40.71 16.29
C ALA B 191 13.91 42.21 16.47
N ILE B 192 15.12 42.66 16.77
CA ILE B 192 15.40 44.07 16.96
C ILE B 192 14.74 44.86 15.83
N THR B 193 14.70 44.24 14.65
CA THR B 193 14.16 44.89 13.47
C THR B 193 12.65 44.90 13.30
N THR B 194 12.02 43.72 13.37
CA THR B 194 10.58 43.64 13.20
C THR B 194 9.82 44.41 14.28
N THR B 195 10.51 45.31 14.98
CA THR B 195 9.88 46.10 16.04
C THR B 195 10.61 47.42 16.24
N ALA B 196 10.12 48.47 15.59
CA ALA B 196 10.71 49.80 15.69
C ALA B 196 9.66 50.86 15.91
N GLN B 197 8.62 50.51 16.69
CA GLN B 197 7.54 51.44 16.99
C GLN B 197 8.10 52.62 17.78
N SER B 198 9.34 52.50 18.20
CA SER B 198 10.00 53.54 18.98
C SER B 198 10.34 54.75 18.12
N HIS B 199 11.33 55.53 18.54
CA HIS B 199 11.73 56.71 17.81
C HIS B 199 12.65 56.35 16.64
N GLN B 200 13.96 56.44 16.89
CA GLN B 200 14.97 56.13 15.88
C GLN B 200 16.09 55.27 16.49
N ARG B 201 15.69 54.35 17.37
CA ARG B 201 16.61 53.45 18.07
C ARG B 201 17.75 52.85 17.25
N THR B 202 18.89 53.54 17.27
CA THR B 202 20.10 53.13 16.58
C THR B 202 20.88 51.98 17.25
N PHE B 203 20.67 50.76 16.80
CA PHE B 203 21.36 49.63 17.39
C PHE B 203 22.79 49.41 16.92
N VAL B 204 23.63 48.99 17.87
CA VAL B 204 25.03 48.71 17.61
C VAL B 204 25.37 47.31 18.04
N LEU B 205 25.40 46.37 17.11
CA LEU B 205 25.70 45.00 17.44
C LEU B 205 27.17 44.57 17.35
N GLU B 206 27.60 43.78 18.33
CA GLU B 206 28.97 43.28 18.38
C GLU B 206 28.93 41.77 18.20
N VAL B 207 29.58 41.33 17.11
CA VAL B 207 29.59 39.93 16.72
C VAL B 207 30.97 39.31 16.76
N MET B 208 31.00 37.98 16.91
CA MET B 208 32.22 37.19 16.99
C MET B 208 33.20 37.46 15.85
N GLY B 209 34.31 36.72 15.87
CA GLY B 209 35.33 36.88 14.85
C GLY B 209 36.46 37.77 15.32
N ARG B 210 37.54 37.17 15.78
CA ARG B 210 38.65 37.96 16.27
C ARG B 210 39.31 38.80 15.18
N HIS B 211 39.96 38.13 14.23
CA HIS B 211 40.65 38.79 13.14
C HIS B 211 39.97 38.60 11.82
N CYS B 212 38.78 38.02 11.85
CA CYS B 212 38.04 37.79 10.62
C CYS B 212 36.72 38.53 10.65
N GLY B 213 36.52 39.41 9.70
CA GLY B 213 35.28 40.16 9.67
C GLY B 213 34.26 39.53 8.75
N TYR B 214 34.35 38.22 8.56
CA TYR B 214 33.40 37.53 7.70
C TYR B 214 32.06 37.46 8.37
N LEU B 215 32.04 36.72 9.46
CA LEU B 215 30.82 36.52 10.23
C LEU B 215 30.12 37.80 10.51
N ALA B 216 30.78 38.91 10.23
CA ALA B 216 30.21 40.22 10.49
C ALA B 216 29.71 40.84 9.22
N LEU B 217 30.56 40.79 8.18
CA LEU B 217 30.28 41.35 6.84
C LEU B 217 29.01 40.73 6.27
N VAL B 218 29.04 39.41 6.11
CA VAL B 218 27.91 38.62 5.65
C VAL B 218 26.65 39.07 6.39
N THR B 219 26.65 38.95 7.71
CA THR B 219 25.48 39.41 8.46
C THR B 219 25.14 40.87 8.14
N SER B 220 26.13 41.70 7.87
CA SER B 220 25.85 43.10 7.54
C SER B 220 25.16 43.20 6.18
N LEU B 221 25.23 42.14 5.40
CA LEU B 221 24.67 42.16 4.08
C LEU B 221 23.25 41.60 4.06
N SER B 222 23.00 40.65 4.95
CA SER B 222 21.72 39.98 5.03
C SER B 222 20.70 40.71 5.87
N CYS B 223 21.08 41.88 6.38
CA CYS B 223 20.21 42.66 7.25
C CYS B 223 20.23 44.10 6.85
N GLY B 224 20.93 44.39 5.77
CA GLY B 224 21.01 45.76 5.30
C GLY B 224 21.49 46.72 6.36
N ALA B 225 22.55 46.32 7.06
CA ALA B 225 23.14 47.12 8.12
C ALA B 225 23.56 48.49 7.61
N ASP B 226 23.31 49.52 8.42
CA ASP B 226 23.63 50.87 8.03
C ASP B 226 25.12 51.11 7.93
N TRP B 227 25.92 50.35 8.67
CA TRP B 227 27.37 50.52 8.65
C TRP B 227 28.06 49.31 9.25
N VAL B 228 29.26 48.98 8.77
CA VAL B 228 29.98 47.83 9.31
C VAL B 228 31.33 48.22 9.79
N PHE B 229 31.93 47.34 10.55
CA PHE B 229 33.28 47.53 11.08
C PHE B 229 33.96 46.17 11.00
N ILE B 230 34.90 46.03 10.06
CA ILE B 230 35.64 44.79 9.91
C ILE B 230 37.16 45.01 9.83
N PRO B 231 37.92 44.13 10.48
CA PRO B 231 39.38 44.12 10.54
C PRO B 231 40.04 44.21 9.17
N GLU B 232 39.78 43.21 8.34
CA GLU B 232 40.36 43.16 7.01
C GLU B 232 40.42 44.51 6.29
N CYS B 233 39.82 45.55 6.87
CA CYS B 233 39.82 46.85 6.22
C CYS B 233 39.26 47.97 7.12
N PRO B 234 40.08 48.46 8.09
CA PRO B 234 39.66 49.52 9.04
C PRO B 234 39.20 50.79 8.36
N PRO B 235 38.19 51.47 8.96
CA PRO B 235 37.59 52.73 8.46
C PRO B 235 38.64 53.71 7.98
N ASP B 236 38.40 54.30 6.82
CA ASP B 236 39.38 55.22 6.24
C ASP B 236 39.36 56.66 6.73
N ASP B 237 39.75 56.88 7.99
CA ASP B 237 39.82 58.22 8.57
C ASP B 237 38.51 59.02 8.48
N ASN B 238 38.31 59.95 9.41
CA ASN B 238 37.10 60.78 9.44
C ASN B 238 35.82 59.94 9.35
N TRP B 239 35.98 58.64 9.55
CA TRP B 239 34.88 57.70 9.51
C TRP B 239 33.74 58.08 10.44
N GLU B 240 34.02 58.95 11.41
CA GLU B 240 33.01 59.38 12.36
C GLU B 240 32.15 60.45 11.73
N ASP B 241 32.79 61.41 11.07
CA ASP B 241 32.03 62.45 10.42
C ASP B 241 31.19 61.83 9.30
N HIS B 242 31.74 60.80 8.66
CA HIS B 242 31.05 60.10 7.57
C HIS B 242 29.91 59.28 8.11
N LEU B 243 30.20 58.42 9.08
CA LEU B 243 29.18 57.59 9.70
C LEU B 243 28.00 58.40 10.17
N CYS B 244 28.21 59.65 10.50
CA CYS B 244 27.09 60.45 10.97
C CYS B 244 26.37 61.10 9.82
N ARG B 245 27.11 61.76 8.93
CA ARG B 245 26.49 62.38 7.77
C ARG B 245 25.56 61.35 7.12
N ARG B 246 25.86 60.07 7.32
CA ARG B 246 25.06 58.97 6.81
C ARG B 246 23.83 59.02 7.64
N LEU B 247 23.96 58.43 8.82
CA LEU B 247 22.91 58.36 9.82
C LEU B 247 21.93 59.55 9.85
N SER B 248 22.43 60.73 9.52
CA SER B 248 21.64 61.98 9.52
C SER B 248 20.83 62.17 8.26
N GLU B 249 21.21 61.44 7.21
CA GLU B 249 20.50 61.49 5.95
C GLU B 249 19.49 60.36 6.03
N THR B 250 19.98 59.16 6.34
CA THR B 250 19.10 58.01 6.49
C THR B 250 18.02 58.42 7.50
N ARG B 251 18.41 59.19 8.51
CA ARG B 251 17.47 59.66 9.53
C ARG B 251 16.45 60.58 8.90
N THR B 252 16.96 61.70 8.38
CA THR B 252 16.11 62.69 7.75
C THR B 252 15.49 62.06 6.53
N ARG B 253 15.87 60.82 6.22
CA ARG B 253 15.32 60.11 5.06
C ARG B 253 14.18 59.20 5.52
N GLY B 254 13.77 59.39 6.77
CA GLY B 254 12.68 58.59 7.32
C GLY B 254 13.09 57.17 7.63
N SER B 255 14.02 57.00 8.55
CA SER B 255 14.46 55.65 8.91
C SER B 255 14.10 55.34 10.36
N ARG B 256 13.50 54.17 10.55
CA ARG B 256 13.08 53.72 11.87
C ARG B 256 14.29 53.35 12.72
N LEU B 257 14.87 52.18 12.43
CA LEU B 257 16.01 51.68 13.20
C LEU B 257 17.32 51.54 12.43
N ASN B 258 18.37 52.17 12.94
CA ASN B 258 19.66 52.07 12.32
C ASN B 258 20.45 50.97 12.98
N ILE B 259 20.94 50.02 12.18
CA ILE B 259 21.73 48.96 12.75
C ILE B 259 23.18 49.17 12.33
N ILE B 260 24.10 48.91 13.25
CA ILE B 260 25.51 49.03 12.96
C ILE B 260 26.20 47.80 13.50
N ILE B 261 26.79 47.02 12.60
CA ILE B 261 27.45 45.81 13.02
C ILE B 261 28.91 46.15 13.26
N VAL B 262 29.44 45.64 14.37
CA VAL B 262 30.82 45.87 14.76
C VAL B 262 31.55 44.57 14.97
N ALA B 263 32.49 44.27 14.09
CA ALA B 263 33.28 43.06 14.28
C ALA B 263 33.80 43.18 15.72
N GLU B 264 33.88 42.07 16.47
CA GLU B 264 34.39 42.23 17.82
C GLU B 264 35.83 42.72 17.76
N GLY B 265 36.59 42.19 16.83
CA GLY B 265 37.96 42.64 16.68
C GLY B 265 38.14 43.79 15.68
N ALA B 266 37.29 44.82 15.74
CA ALA B 266 37.41 45.94 14.81
C ALA B 266 38.45 46.98 15.23
N ILE B 267 39.02 47.69 14.24
CA ILE B 267 40.04 48.70 14.49
C ILE B 267 39.99 49.84 13.47
N ASP B 268 40.70 50.92 13.76
CA ASP B 268 40.74 52.05 12.84
C ASP B 268 41.95 51.86 11.94
N ARG B 269 42.21 52.86 11.09
CA ARG B 269 43.32 52.78 10.15
C ARG B 269 44.70 52.66 10.79
N ASN B 270 44.82 53.03 12.06
CA ASN B 270 46.12 52.95 12.75
C ASN B 270 46.35 51.79 13.70
N GLY B 271 45.28 51.11 14.13
CA GLY B 271 45.43 49.99 15.04
C GLY B 271 44.59 50.18 16.28
N LYS B 272 44.20 51.44 16.53
CA LYS B 272 43.38 51.78 17.67
C LYS B 272 42.01 51.13 17.46
N PRO B 273 41.75 50.05 18.18
CA PRO B 273 40.49 49.33 18.07
C PRO B 273 39.24 50.19 18.23
N ILE B 274 38.24 49.92 17.40
CA ILE B 274 36.96 50.63 17.44
C ILE B 274 36.12 49.75 18.36
N THR B 275 35.39 50.37 19.28
CA THR B 275 34.59 49.57 20.20
C THR B 275 33.07 49.75 20.07
N SER B 276 32.34 48.69 20.40
CA SER B 276 30.89 48.74 20.33
C SER B 276 30.43 49.97 21.09
N GLU B 277 30.72 49.98 22.39
CA GLU B 277 30.36 51.10 23.27
C GLU B 277 30.91 52.37 22.64
N GLY B 278 32.19 52.32 22.30
CA GLY B 278 32.83 53.46 21.68
C GLY B 278 32.00 54.13 20.61
N VAL B 279 31.27 53.34 19.84
CA VAL B 279 30.43 53.92 18.81
C VAL B 279 29.16 54.38 19.48
N LYS B 280 28.64 53.51 20.36
CA LYS B 280 27.42 53.76 21.10
C LYS B 280 27.37 55.20 21.62
N ASP B 281 28.53 55.83 21.67
CA ASP B 281 28.62 57.19 22.16
C ASP B 281 28.70 58.20 21.03
N LEU B 282 29.85 58.26 20.36
CA LEU B 282 30.03 59.20 19.24
C LEU B 282 28.69 59.51 18.62
N VAL B 283 27.86 58.47 18.54
CA VAL B 283 26.52 58.56 17.99
C VAL B 283 25.67 59.49 18.84
N VAL B 284 25.61 59.23 20.14
CA VAL B 284 24.85 60.07 21.04
C VAL B 284 25.46 61.47 21.02
N ARG B 285 26.76 61.54 21.31
CA ARG B 285 27.47 62.80 21.32
C ARG B 285 27.15 63.71 20.14
N ARG B 286 27.56 63.29 18.93
CA ARG B 286 27.36 64.09 17.71
C ARG B 286 25.98 64.07 17.05
N LEU B 287 25.13 63.13 17.45
CA LEU B 287 23.78 63.01 16.90
C LEU B 287 22.73 62.91 18.01
N GLY B 288 22.95 62.03 18.97
CA GLY B 288 21.98 61.87 20.04
C GLY B 288 20.73 61.08 19.70
N TYR B 289 20.85 59.73 19.71
CA TYR B 289 19.76 58.79 19.41
C TYR B 289 19.70 57.75 20.53
N ASP B 290 18.53 57.15 20.80
CA ASP B 290 18.39 56.17 21.89
C ASP B 290 19.35 54.98 21.86
N THR B 291 20.31 55.07 20.95
CA THR B 291 21.40 54.11 20.68
C THR B 291 21.73 52.96 21.64
N ARG B 292 20.95 51.90 21.65
CA ARG B 292 21.28 50.81 22.58
C ARG B 292 22.56 50.07 22.12
N VAL B 293 22.85 48.91 22.69
CA VAL B 293 24.06 48.16 22.32
C VAL B 293 23.97 46.73 22.77
N THR B 294 24.18 45.79 21.86
CA THR B 294 24.10 44.40 22.27
C THR B 294 25.40 43.76 21.93
N VAL B 295 25.69 42.67 22.61
CA VAL B 295 26.88 41.89 22.38
C VAL B 295 26.34 40.48 22.37
N LEU B 296 25.81 40.07 21.24
CA LEU B 296 25.21 38.75 21.12
C LEU B 296 26.01 37.75 21.95
N GLY B 297 27.33 37.89 21.93
CA GLY B 297 28.13 37.01 22.73
C GLY B 297 28.18 35.52 22.44
N HIS B 298 27.93 34.71 23.45
CA HIS B 298 27.98 33.26 23.34
C HIS B 298 26.82 32.65 22.57
N VAL B 299 25.78 33.42 22.30
CA VAL B 299 24.63 32.86 21.57
C VAL B 299 25.10 32.28 20.23
N GLN B 300 25.95 33.04 19.57
CA GLN B 300 26.49 32.70 18.29
C GLN B 300 26.90 31.25 18.24
N ARG B 301 27.48 30.74 19.30
CA ARG B 301 27.89 29.34 19.28
C ARG B 301 26.78 28.42 19.77
N GLY B 302 25.66 29.03 20.13
CA GLY B 302 24.54 28.27 20.69
C GLY B 302 23.64 27.41 19.83
N GLY B 303 22.36 27.77 19.84
CA GLY B 303 21.33 27.06 19.09
C GLY B 303 21.54 25.62 18.64
N THR B 304 20.73 25.23 17.66
CA THR B 304 20.82 23.88 17.09
C THR B 304 21.44 24.08 15.72
N PRO B 305 22.35 23.18 15.32
CA PRO B 305 22.99 23.30 14.02
C PRO B 305 22.06 23.21 12.85
N SER B 306 22.16 24.20 11.99
CA SER B 306 21.34 24.31 10.80
C SER B 306 21.53 23.11 9.88
N ALA B 307 20.63 23.02 8.90
CA ALA B 307 20.61 21.95 7.92
C ALA B 307 21.98 21.89 7.32
N PHE B 308 22.43 23.04 6.80
CA PHE B 308 23.73 23.09 6.17
C PHE B 308 24.83 22.48 6.99
N ASP B 309 25.02 23.03 8.19
CA ASP B 309 26.09 22.56 9.06
C ASP B 309 26.04 21.09 9.38
N ARG B 310 24.84 20.55 9.52
CA ARG B 310 24.71 19.12 9.79
C ARG B 310 25.17 18.37 8.55
N ILE B 311 24.72 18.84 7.39
CA ILE B 311 25.12 18.21 6.11
C ILE B 311 26.65 18.30 6.02
N LEU B 312 27.14 19.53 6.17
CA LEU B 312 28.57 19.78 6.09
C LEU B 312 29.38 18.98 7.07
N GLY B 313 28.83 18.78 8.26
CA GLY B 313 29.58 18.01 9.24
C GLY B 313 29.75 16.61 8.74
N SER B 314 28.64 16.07 8.25
CA SER B 314 28.61 14.72 7.76
C SER B 314 29.54 14.51 6.57
N ARG B 315 29.52 15.43 5.61
CA ARG B 315 30.39 15.27 4.46
C ARG B 315 31.87 15.31 4.87
N MET B 316 32.29 16.38 5.55
CA MET B 316 33.67 16.53 6.02
C MET B 316 34.13 15.32 6.78
N GLY B 317 33.24 14.78 7.60
CA GLY B 317 33.58 13.62 8.38
C GLY B 317 34.04 12.46 7.52
N VAL B 318 33.23 12.10 6.55
CA VAL B 318 33.59 10.99 5.69
C VAL B 318 34.91 11.27 5.01
N GLU B 319 35.02 12.45 4.39
CA GLU B 319 36.23 12.86 3.68
C GLU B 319 37.44 12.70 4.59
N ALA B 320 37.26 13.06 5.86
CA ALA B 320 38.31 12.94 6.84
C ALA B 320 38.67 11.47 6.94
N VAL B 321 37.72 10.62 7.30
CA VAL B 321 38.07 9.21 7.40
C VAL B 321 38.73 8.67 6.14
N MET B 322 38.24 9.04 4.97
CA MET B 322 38.84 8.54 3.74
C MET B 322 40.30 8.91 3.63
N ALA B 323 40.62 10.13 3.99
CA ALA B 323 41.98 10.59 3.94
C ALA B 323 42.85 9.84 4.92
N LEU B 324 42.31 9.49 6.09
CA LEU B 324 43.07 8.76 7.10
C LEU B 324 43.59 7.42 6.60
N LEU B 325 42.66 6.63 6.08
CA LEU B 325 42.99 5.32 5.58
C LEU B 325 43.73 5.39 4.26
N GLU B 326 43.18 6.14 3.30
CA GLU B 326 43.86 6.24 2.01
C GLU B 326 45.32 6.71 2.22
N GLY B 327 45.52 7.63 3.17
CA GLY B 327 46.84 8.18 3.46
C GLY B 327 48.01 7.22 3.68
N THR B 328 49.21 7.69 3.38
CA THR B 328 50.44 6.90 3.52
C THR B 328 51.55 7.75 4.12
N PRO B 329 52.79 7.24 4.10
CA PRO B 329 53.96 7.95 4.63
C PRO B 329 54.45 9.03 3.69
N ASP B 330 54.09 8.91 2.41
CA ASP B 330 54.51 9.90 1.42
C ASP B 330 53.52 11.04 1.42
N THR B 331 52.42 10.86 2.16
CA THR B 331 51.37 11.86 2.23
C THR B 331 51.34 12.61 3.55
N PRO B 332 51.46 13.94 3.49
CA PRO B 332 51.46 14.94 4.56
C PRO B 332 50.22 14.99 5.46
N ALA B 333 49.95 16.18 5.98
CA ALA B 333 48.81 16.46 6.85
C ALA B 333 47.83 17.25 6.03
N CYS B 334 46.63 16.72 5.90
CA CYS B 334 45.62 17.39 5.12
C CYS B 334 44.44 17.85 5.94
N VAL B 335 43.68 18.75 5.34
CA VAL B 335 42.49 19.28 5.96
C VAL B 335 41.37 19.19 4.95
N VAL B 336 40.55 18.14 5.07
CA VAL B 336 39.41 17.94 4.19
C VAL B 336 38.60 19.21 4.31
N SER B 337 38.19 19.79 3.21
CA SER B 337 37.45 21.02 3.32
C SER B 337 36.54 21.11 2.12
N LEU B 338 35.67 22.11 2.15
CA LEU B 338 34.76 22.27 1.06
C LEU B 338 35.28 23.39 0.19
N SER B 339 35.53 23.09 -1.07
CA SER B 339 35.99 24.08 -2.04
C SER B 339 35.10 23.85 -3.24
N GLY B 340 34.29 24.85 -3.59
CA GLY B 340 33.38 24.68 -4.71
C GLY B 340 32.53 23.44 -4.51
N ASN B 341 31.69 23.49 -3.47
CA ASN B 341 30.82 22.37 -3.16
C ASN B 341 31.46 20.97 -3.36
N GLN B 342 32.80 20.90 -3.30
CA GLN B 342 33.56 19.65 -3.42
C GLN B 342 34.43 19.31 -2.17
N ALA B 343 34.47 18.03 -1.79
CA ALA B 343 35.27 17.58 -0.66
C ALA B 343 36.68 17.48 -1.16
N VAL B 344 37.59 18.23 -0.56
CA VAL B 344 38.96 18.24 -1.03
C VAL B 344 39.94 18.28 0.10
N ARG B 345 40.93 17.40 0.09
CA ARG B 345 41.94 17.41 1.15
C ARG B 345 42.93 18.53 0.83
N LEU B 346 43.45 19.21 1.85
CA LEU B 346 44.43 20.27 1.62
C LEU B 346 45.58 20.16 2.60
N PRO B 347 46.79 20.53 2.17
CA PRO B 347 47.98 20.47 3.01
C PRO B 347 47.86 21.31 4.27
N LEU B 348 47.94 20.65 5.42
CA LEU B 348 47.83 21.35 6.69
C LEU B 348 48.66 22.62 6.79
N MET B 349 49.93 22.53 6.39
CA MET B 349 50.85 23.66 6.44
C MET B 349 50.42 24.90 5.68
N GLU B 350 50.35 24.78 4.36
CA GLU B 350 49.95 25.92 3.54
C GLU B 350 48.69 26.57 4.13
N CYS B 351 47.75 25.74 4.59
CA CYS B 351 46.51 26.21 5.18
C CYS B 351 46.77 27.07 6.40
N VAL B 352 47.74 26.66 7.20
CA VAL B 352 48.10 27.45 8.35
C VAL B 352 49.00 28.63 7.87
N GLN B 353 49.81 28.36 6.85
CA GLN B 353 50.68 29.39 6.33
C GLN B 353 49.83 30.57 5.89
N VAL B 354 48.78 30.27 5.13
CA VAL B 354 47.91 31.31 4.62
C VAL B 354 47.04 31.83 5.73
N THR B 355 46.99 31.08 6.82
CA THR B 355 46.21 31.46 7.97
C THR B 355 46.84 32.62 8.69
N LYS B 356 48.09 32.43 9.12
CA LYS B 356 48.84 33.46 9.83
C LYS B 356 49.18 34.63 8.93
N ASP B 357 49.47 34.34 7.68
CA ASP B 357 49.80 35.38 6.74
C ASP B 357 48.79 36.52 6.80
N VAL B 358 47.50 36.18 6.86
CA VAL B 358 46.44 37.22 6.92
C VAL B 358 46.48 38.05 8.18
N THR B 359 47.03 37.49 9.26
CA THR B 359 47.14 38.23 10.50
C THR B 359 48.18 39.32 10.31
N LYS B 360 49.43 38.91 10.08
CA LYS B 360 50.52 39.84 9.87
C LYS B 360 50.06 40.99 8.98
N ALA B 361 49.72 40.67 7.74
CA ALA B 361 49.26 41.68 6.78
C ALA B 361 48.37 42.75 7.41
N MET B 362 47.70 42.40 8.51
CA MET B 362 46.80 43.30 9.22
C MET B 362 47.50 44.11 10.29
N ASP B 363 48.58 43.53 10.83
CA ASP B 363 49.39 44.16 11.87
C ASP B 363 50.22 45.26 11.20
N GLU B 364 50.21 45.25 9.88
CA GLU B 364 50.92 46.19 9.05
C GLU B 364 49.92 47.15 8.41
N LYS B 365 50.25 48.43 8.40
CA LYS B 365 49.39 49.45 7.81
C LYS B 365 48.81 49.03 6.45
N ARG B 366 49.30 47.93 5.90
CA ARG B 366 48.83 47.43 4.61
C ARG B 366 47.83 46.28 4.78
N PHE B 367 46.55 46.65 4.94
CA PHE B 367 45.47 45.69 5.11
C PHE B 367 45.06 45.09 3.77
N ASP B 368 45.16 45.90 2.72
CA ASP B 368 44.84 45.47 1.37
C ASP B 368 45.48 44.11 1.10
N GLU B 369 46.56 43.82 1.84
CA GLU B 369 47.26 42.56 1.70
C GLU B 369 46.33 41.48 2.21
N ALA B 370 45.90 41.63 3.45
CA ALA B 370 44.98 40.69 4.07
C ALA B 370 43.71 40.65 3.24
N MET B 371 43.12 41.81 2.99
CA MET B 371 41.91 41.86 2.18
C MET B 371 42.03 40.92 1.00
N LYS B 372 43.00 41.18 0.12
CA LYS B 372 43.21 40.32 -1.04
C LYS B 372 43.38 38.90 -0.52
N LEU B 373 44.25 38.78 0.47
CA LEU B 373 44.54 37.49 1.10
C LEU B 373 43.29 36.76 1.61
N ARG B 374 42.24 37.52 1.93
CA ARG B 374 41.02 36.95 2.47
C ARG B 374 40.18 36.23 1.42
N GLY B 375 40.16 36.74 0.19
CA GLY B 375 39.37 36.08 -0.82
C GLY B 375 38.78 36.96 -1.93
N ARG B 376 38.31 36.31 -3.00
CA ARG B 376 37.71 37.02 -4.11
C ARG B 376 36.27 37.24 -3.69
N SER B 377 35.66 36.19 -3.15
CA SER B 377 34.28 36.27 -2.71
C SER B 377 34.18 37.22 -1.55
N PHE B 378 35.01 37.00 -0.53
CA PHE B 378 34.97 37.86 0.64
C PHE B 378 34.98 39.29 0.17
N MET B 379 35.87 39.56 -0.78
CA MET B 379 36.00 40.90 -1.28
C MET B 379 34.81 41.33 -2.09
N ASN B 380 34.01 40.39 -2.54
CA ASN B 380 32.84 40.76 -3.30
C ASN B 380 31.78 41.24 -2.30
N ASN B 381 31.49 40.40 -1.31
CA ASN B 381 30.51 40.74 -0.31
C ASN B 381 30.73 42.19 0.06
N TRP B 382 31.97 42.49 0.45
CA TRP B 382 32.35 43.84 0.83
C TRP B 382 31.89 44.78 -0.29
N GLU B 383 32.58 44.76 -1.41
CA GLU B 383 32.23 45.60 -2.54
C GLU B 383 30.72 45.82 -2.73
N VAL B 384 29.96 44.73 -2.71
CA VAL B 384 28.49 44.81 -2.88
C VAL B 384 27.78 45.45 -1.71
N TYR B 385 28.03 44.91 -0.51
CA TYR B 385 27.42 45.43 0.69
C TYR B 385 27.44 46.95 0.63
N LYS B 386 28.64 47.48 0.58
CA LYS B 386 28.81 48.92 0.53
C LYS B 386 27.96 49.53 -0.52
N LEU B 387 27.92 48.89 -1.69
CA LEU B 387 27.15 49.40 -2.82
C LEU B 387 25.65 49.52 -2.54
N LEU B 388 25.09 48.43 -2.03
CA LEU B 388 23.69 48.42 -1.72
C LEU B 388 23.38 49.31 -0.51
N ALA B 389 24.40 49.60 0.30
CA ALA B 389 24.28 50.44 1.50
C ALA B 389 24.08 51.94 1.26
N HIS B 390 24.74 52.48 0.23
CA HIS B 390 24.64 53.91 -0.11
C HIS B 390 23.32 54.55 0.23
N ILE B 391 23.38 55.86 0.45
CA ILE B 391 22.20 56.66 0.82
C ILE B 391 21.33 56.95 -0.41
N ARG B 392 21.99 57.40 -1.46
CA ARG B 392 21.33 57.72 -2.70
C ARG B 392 22.25 57.48 -3.88
N PRO B 393 21.67 57.00 -5.00
CA PRO B 393 22.37 56.71 -6.25
C PRO B 393 22.40 57.95 -7.12
N PRO B 394 23.25 57.97 -8.16
CA PRO B 394 23.35 59.13 -9.05
C PRO B 394 22.07 59.43 -9.86
N ALA B 395 22.16 60.43 -10.73
CA ALA B 395 21.05 60.83 -11.57
C ALA B 395 21.16 60.13 -12.93
N PRO B 396 20.10 59.41 -13.35
CA PRO B 396 20.09 58.69 -14.62
C PRO B 396 20.51 59.55 -15.81
N LYS B 397 21.78 59.41 -16.22
CA LYS B 397 22.35 60.16 -17.33
C LYS B 397 21.45 60.23 -18.57
N SER B 398 21.84 61.09 -19.51
CA SER B 398 21.08 61.31 -20.74
C SER B 398 20.66 60.00 -21.39
N GLY B 399 21.62 59.12 -21.62
CA GLY B 399 21.32 57.84 -22.26
C GLY B 399 21.48 56.61 -21.40
N SER B 400 20.44 56.30 -20.63
CA SER B 400 20.46 55.15 -19.76
C SER B 400 19.55 54.03 -20.23
N TYR B 401 20.05 52.80 -20.13
CA TYR B 401 19.28 51.63 -20.55
C TYR B 401 18.18 51.43 -19.53
N THR B 402 17.23 50.57 -19.85
CA THR B 402 16.16 50.33 -18.93
C THR B 402 15.85 48.84 -18.81
N VAL B 403 16.01 48.30 -17.63
CA VAL B 403 15.74 46.90 -17.42
C VAL B 403 14.44 46.73 -16.70
N ALA B 404 13.92 45.52 -16.72
CA ALA B 404 12.67 45.23 -16.06
C ALA B 404 12.93 43.93 -15.34
N VAL B 405 12.62 43.85 -14.05
CA VAL B 405 12.82 42.63 -13.28
C VAL B 405 11.45 42.08 -12.94
N MET B 406 11.32 40.77 -12.77
CA MET B 406 10.01 40.18 -12.52
C MET B 406 10.12 38.77 -11.94
N ASN B 407 9.14 38.30 -11.17
CA ASN B 407 9.31 36.96 -10.61
C ASN B 407 8.36 36.08 -11.35
N VAL B 408 8.71 34.80 -11.45
CA VAL B 408 7.91 33.85 -12.19
C VAL B 408 7.95 32.55 -11.47
N GLY B 409 6.77 31.98 -11.22
CA GLY B 409 6.67 30.68 -10.55
C GLY B 409 6.06 30.82 -9.17
N ALA B 410 6.09 29.74 -8.39
CA ALA B 410 5.55 29.86 -7.05
C ALA B 410 6.61 30.67 -6.37
N PRO B 411 6.27 31.28 -5.21
CA PRO B 411 7.21 32.10 -4.47
C PRO B 411 8.27 31.28 -3.73
N ALA B 412 9.49 31.80 -3.74
CA ALA B 412 10.59 31.17 -3.07
C ALA B 412 11.22 32.26 -2.22
N ALA B 413 11.68 31.87 -1.02
CA ALA B 413 12.31 32.74 -0.04
C ALA B 413 13.59 33.34 -0.57
N GLY B 414 13.60 34.64 -0.79
CA GLY B 414 14.81 35.27 -1.30
C GLY B 414 14.51 36.10 -2.52
N MET B 415 13.42 35.79 -3.23
CA MET B 415 13.07 36.55 -4.41
C MET B 415 13.16 38.05 -4.18
N ASN B 416 12.77 38.52 -3.00
CA ASN B 416 12.81 39.96 -2.72
C ASN B 416 14.20 40.49 -2.53
N ALA B 417 15.01 39.79 -1.76
CA ALA B 417 16.35 40.26 -1.60
C ALA B 417 16.85 40.50 -3.03
N ALA B 418 16.69 39.48 -3.88
CA ALA B 418 17.10 39.51 -5.29
C ALA B 418 16.55 40.69 -6.11
N VAL B 419 15.31 41.07 -5.86
CA VAL B 419 14.73 42.17 -6.61
C VAL B 419 15.38 43.44 -6.11
N ARG B 420 15.78 43.41 -4.84
CA ARG B 420 16.41 44.55 -4.18
C ARG B 420 17.71 44.97 -4.85
N SER B 421 18.63 44.01 -5.06
CA SER B 421 19.92 44.32 -5.70
C SER B 421 19.84 44.67 -7.15
N THR B 422 19.01 43.93 -7.87
CA THR B 422 18.80 44.18 -9.29
C THR B 422 18.39 45.64 -9.39
N VAL B 423 17.37 46.03 -8.64
CA VAL B 423 16.96 47.41 -8.71
C VAL B 423 18.07 48.34 -8.29
N ARG B 424 18.67 48.05 -7.15
CA ARG B 424 19.73 48.88 -6.62
C ARG B 424 20.94 48.93 -7.52
N ILE B 425 21.52 47.76 -7.77
CA ILE B 425 22.69 47.72 -8.64
C ILE B 425 22.30 48.30 -9.98
N GLY B 426 21.05 48.13 -10.37
CA GLY B 426 20.60 48.72 -11.61
C GLY B 426 20.77 50.23 -11.53
N LEU B 427 20.07 50.83 -10.57
CA LEU B 427 20.09 52.28 -10.33
C LEU B 427 21.46 52.88 -10.14
N ILE B 428 22.38 52.06 -9.65
CA ILE B 428 23.72 52.53 -9.40
C ILE B 428 24.57 52.64 -10.65
N GLN B 429 24.23 51.90 -11.69
CA GLN B 429 24.98 51.97 -12.92
C GLN B 429 24.45 53.16 -13.67
N GLY B 430 23.26 53.60 -13.27
CA GLY B 430 22.65 54.74 -13.92
C GLY B 430 21.57 54.35 -14.90
N ASN B 431 20.96 53.19 -14.72
CA ASN B 431 19.93 52.77 -15.66
C ASN B 431 18.57 52.64 -15.00
N ARG B 432 17.51 53.09 -15.64
CA ARG B 432 16.18 52.96 -15.06
C ARG B 432 15.82 51.48 -14.86
N VAL B 433 15.12 51.10 -13.81
CA VAL B 433 14.75 49.70 -13.65
C VAL B 433 13.23 49.61 -13.46
N LEU B 434 12.59 48.55 -13.93
CA LEU B 434 11.16 48.46 -13.81
C LEU B 434 10.73 47.20 -13.12
N VAL B 435 9.64 47.26 -12.39
CA VAL B 435 9.18 46.09 -11.67
C VAL B 435 7.92 45.70 -12.36
N VAL B 436 7.61 44.42 -12.31
CA VAL B 436 6.50 43.87 -13.04
C VAL B 436 5.72 43.01 -12.11
N HIS B 437 4.41 43.27 -12.06
CA HIS B 437 3.60 42.46 -11.17
C HIS B 437 3.11 41.17 -11.74
N ASP B 438 3.15 40.11 -10.95
CA ASP B 438 2.64 38.81 -11.37
C ASP B 438 3.26 38.28 -12.64
N GLY B 439 4.46 37.73 -12.50
CA GLY B 439 5.21 37.13 -13.60
C GLY B 439 5.02 37.69 -15.00
N PHE B 440 4.74 36.77 -15.91
CA PHE B 440 4.54 37.11 -17.32
C PHE B 440 3.21 37.81 -17.59
N GLU B 441 2.20 37.48 -16.77
CA GLU B 441 0.89 38.12 -16.83
C GLU B 441 1.19 39.60 -16.64
N GLY B 442 2.30 39.89 -15.99
CA GLY B 442 2.70 41.28 -15.84
C GLY B 442 2.99 41.99 -17.15
N PRO B 443 3.97 41.53 -17.99
CA PRO B 443 4.19 42.28 -19.23
C PRO B 443 2.99 42.01 -20.10
N ALA B 444 2.43 40.81 -19.96
CA ALA B 444 1.25 40.47 -20.73
C ALA B 444 0.25 41.65 -20.61
N LYS B 445 -0.33 41.83 -19.43
CA LYS B 445 -1.27 42.93 -19.18
C LYS B 445 -0.60 44.28 -19.37
N GLY B 446 -0.24 44.93 -18.27
CA GLY B 446 0.44 46.21 -18.40
C GLY B 446 0.98 46.67 -17.05
N GLN B 447 0.98 45.76 -16.08
CA GLN B 447 1.41 45.99 -14.72
C GLN B 447 2.92 46.14 -14.55
N ILE B 448 3.41 47.23 -15.07
CA ILE B 448 4.82 47.50 -15.10
C ILE B 448 4.94 48.88 -14.49
N GLU B 449 5.86 49.09 -13.51
CA GLU B 449 6.10 50.45 -12.95
C GLU B 449 7.57 50.68 -12.63
N GLU B 450 8.03 51.91 -12.82
CA GLU B 450 9.41 52.28 -12.58
C GLU B 450 9.66 52.15 -11.11
N ALA B 451 10.89 51.83 -10.73
CA ALA B 451 11.22 51.66 -9.32
C ALA B 451 12.45 52.46 -8.94
N GLY B 452 12.33 53.19 -7.84
CA GLY B 452 13.42 54.01 -7.33
C GLY B 452 14.13 53.34 -6.18
N TRP B 453 15.25 53.92 -5.76
CA TRP B 453 16.09 53.39 -4.68
C TRP B 453 15.33 52.98 -3.40
N SER B 454 14.38 53.81 -3.02
CA SER B 454 13.56 53.58 -1.84
C SER B 454 12.68 52.32 -1.98
N TYR B 455 12.15 52.14 -3.18
CA TYR B 455 11.24 51.05 -3.51
C TYR B 455 11.53 49.70 -2.88
N VAL B 456 12.78 49.26 -2.88
CA VAL B 456 13.10 47.94 -2.34
C VAL B 456 13.68 47.91 -0.95
N GLY B 457 14.10 49.07 -0.45
CA GLY B 457 14.66 49.12 0.88
C GLY B 457 13.70 48.42 1.80
N GLY B 458 14.17 47.40 2.50
CA GLY B 458 13.28 46.69 3.38
C GLY B 458 13.16 45.24 3.01
N TRP B 459 12.88 45.01 1.74
CA TRP B 459 12.68 43.69 1.17
C TRP B 459 13.62 42.59 1.56
N THR B 460 14.89 42.89 1.50
CA THR B 460 15.89 41.87 1.74
C THR B 460 15.56 40.74 2.68
N GLY B 461 15.13 41.04 3.90
CA GLY B 461 14.81 39.95 4.81
C GLY B 461 13.42 39.30 4.69
N GLN B 462 12.46 39.98 4.06
CA GLN B 462 11.11 39.46 3.92
C GLN B 462 10.80 38.37 2.88
N GLY B 463 10.29 37.24 3.36
CA GLY B 463 9.95 36.10 2.51
C GLY B 463 8.84 36.24 1.47
N GLY B 464 8.55 35.10 0.80
CA GLY B 464 7.55 35.05 -0.27
C GLY B 464 7.83 36.01 -1.43
N SER B 465 6.86 36.20 -2.34
CA SER B 465 7.08 37.11 -3.44
C SER B 465 6.98 38.49 -2.85
N LYS B 466 6.33 39.44 -3.54
CA LYS B 466 6.24 40.82 -3.06
C LYS B 466 5.92 41.64 -4.24
N LEU B 467 6.33 41.12 -5.40
CA LEU B 467 6.11 41.75 -6.71
C LEU B 467 4.98 40.99 -7.34
N GLY B 468 4.88 39.71 -6.96
CA GLY B 468 3.83 38.84 -7.43
C GLY B 468 4.34 37.75 -8.33
N SER B 469 3.97 36.48 -8.15
CA SER B 469 4.51 35.52 -9.10
C SER B 469 3.62 34.38 -9.55
N LYS B 470 3.11 34.48 -10.78
CA LYS B 470 2.30 33.42 -11.30
C LYS B 470 3.17 32.56 -12.22
N ARG B 471 2.94 31.25 -12.31
CA ARG B 471 3.81 30.46 -13.19
C ARG B 471 3.41 30.31 -14.68
N THR B 472 2.56 31.21 -15.15
CA THR B 472 2.12 31.15 -16.52
C THR B 472 3.22 31.63 -17.45
N LEU B 473 3.33 30.90 -18.59
CA LEU B 473 4.32 31.11 -19.66
C LEU B 473 3.98 32.21 -20.61
N PRO B 474 4.97 32.77 -21.28
CA PRO B 474 4.78 33.89 -22.22
C PRO B 474 4.25 33.72 -23.65
N LYS B 475 4.58 32.61 -24.32
CA LYS B 475 4.17 32.39 -25.71
C LYS B 475 2.82 32.95 -26.14
N LYS B 476 1.76 32.34 -25.63
CA LYS B 476 0.41 32.73 -26.00
C LYS B 476 0.04 34.16 -25.71
N SER B 477 1.02 35.01 -25.36
CA SER B 477 0.79 36.44 -25.09
C SER B 477 1.90 37.31 -25.67
N PHE B 478 2.76 36.66 -26.48
CA PHE B 478 3.90 37.28 -27.15
C PHE B 478 3.51 38.55 -27.87
N GLU B 479 2.29 38.52 -28.40
CA GLU B 479 1.73 39.62 -29.15
C GLU B 479 1.58 40.83 -28.27
N GLN B 480 1.23 40.61 -27.00
CA GLN B 480 1.06 41.70 -26.05
C GLN B 480 2.34 42.00 -25.31
N ILE B 481 3.02 40.98 -24.78
CA ILE B 481 4.22 41.28 -24.02
C ILE B 481 5.16 42.07 -24.92
N SER B 482 5.06 41.87 -26.22
CA SER B 482 5.93 42.60 -27.14
C SER B 482 5.51 44.06 -27.28
N ALA B 483 4.22 44.27 -27.47
CA ALA B 483 3.68 45.60 -27.61
C ALA B 483 4.17 46.41 -26.43
N ASN B 484 4.15 45.72 -25.28
CA ASN B 484 4.58 46.30 -24.02
C ASN B 484 6.04 46.60 -23.95
N ILE B 485 6.90 45.60 -24.19
CA ILE B 485 8.32 45.87 -24.13
C ILE B 485 8.57 47.10 -24.98
N THR B 486 7.70 47.39 -25.92
CA THR B 486 7.92 48.56 -26.74
C THR B 486 7.52 49.87 -26.07
N LYS B 487 6.28 49.92 -25.57
CA LYS B 487 5.74 51.12 -24.91
C LYS B 487 6.55 51.56 -23.69
N PHE B 488 6.88 50.60 -22.83
CA PHE B 488 7.63 50.84 -21.62
C PHE B 488 9.12 50.91 -21.86
N ASN B 489 9.51 50.81 -23.12
CA ASN B 489 10.90 50.84 -23.54
C ASN B 489 11.76 49.83 -22.80
N ILE B 490 11.20 48.66 -22.48
CA ILE B 490 11.94 47.61 -21.79
C ILE B 490 13.06 47.13 -22.72
N GLN B 491 14.31 47.13 -22.25
CA GLN B 491 15.45 46.70 -23.08
C GLN B 491 16.12 45.46 -22.56
N GLY B 492 15.93 45.16 -21.28
CA GLY B 492 16.54 43.97 -20.74
C GLY B 492 15.49 43.26 -19.96
N LEU B 493 15.86 42.21 -19.27
CA LEU B 493 14.91 41.48 -18.50
C LEU B 493 15.59 40.59 -17.49
N VAL B 494 15.17 40.69 -16.23
CA VAL B 494 15.69 39.81 -15.19
C VAL B 494 14.50 39.05 -14.65
N ILE B 495 14.57 37.75 -14.79
CA ILE B 495 13.50 36.85 -14.44
C ILE B 495 13.97 36.00 -13.26
N ILE B 496 13.56 36.41 -12.05
CA ILE B 496 13.93 35.68 -10.85
C ILE B 496 12.79 34.73 -10.72
N GLY B 497 13.08 33.45 -10.62
CA GLY B 497 11.99 32.51 -10.54
C GLY B 497 12.53 31.09 -10.63
N GLY B 498 11.64 30.13 -10.75
CA GLY B 498 12.08 28.74 -10.77
C GLY B 498 12.02 28.17 -12.13
N PHE B 499 11.69 26.87 -12.22
CA PHE B 499 11.61 26.16 -13.49
C PHE B 499 10.76 26.81 -14.56
N GLU B 500 9.63 27.39 -14.21
CA GLU B 500 8.81 28.04 -15.21
C GLU B 500 9.42 29.33 -15.72
N ALA B 501 10.59 29.70 -15.23
CA ALA B 501 11.20 30.95 -15.69
C ALA B 501 12.25 30.58 -16.70
N TYR B 502 12.74 29.37 -16.56
CA TYR B 502 13.74 28.87 -17.44
C TYR B 502 12.94 28.48 -18.65
N THR B 503 11.97 27.63 -18.41
CA THR B 503 11.07 27.13 -19.44
C THR B 503 10.50 28.24 -20.28
N GLY B 504 10.27 29.39 -19.69
CA GLY B 504 9.75 30.50 -20.46
C GLY B 504 10.91 31.35 -20.95
N GLY B 505 12.12 30.98 -20.59
CA GLY B 505 13.27 31.74 -21.07
C GLY B 505 13.30 31.16 -22.46
N LEU B 506 13.13 29.84 -22.49
CA LEU B 506 13.07 29.09 -23.72
C LEU B 506 11.95 29.63 -24.59
N GLU B 507 10.75 29.77 -24.07
CA GLU B 507 9.68 30.30 -24.88
C GLU B 507 10.16 31.61 -25.50
N LEU B 508 10.70 32.50 -24.69
CA LEU B 508 11.18 33.74 -25.23
C LEU B 508 12.17 33.54 -26.38
N MET B 509 13.19 32.69 -26.23
CA MET B 509 14.10 32.48 -27.36
C MET B 509 13.30 32.30 -28.63
N GLU B 510 12.49 31.25 -28.65
CA GLU B 510 11.69 30.98 -29.82
C GLU B 510 11.09 32.24 -30.38
N GLY B 511 10.07 32.77 -29.74
CA GLY B 511 9.42 33.97 -30.24
C GLY B 511 10.31 35.02 -30.83
N ARG B 512 11.61 34.90 -30.61
CA ARG B 512 12.57 35.85 -31.13
C ARG B 512 12.61 35.77 -32.66
N LYS B 513 12.23 34.62 -33.20
CA LYS B 513 12.18 34.40 -34.63
C LYS B 513 11.03 35.21 -35.21
N GLN B 514 9.80 34.97 -34.74
CA GLN B 514 8.64 35.73 -35.17
C GLN B 514 8.62 37.20 -34.69
N PHE B 515 8.64 37.43 -33.39
CA PHE B 515 8.60 38.81 -32.89
C PHE B 515 9.96 39.40 -32.70
N ASP B 516 10.15 40.64 -33.12
CA ASP B 516 11.48 41.23 -32.95
C ASP B 516 11.65 42.09 -31.73
N GLU B 517 10.57 42.28 -30.96
CA GLU B 517 10.65 43.07 -29.74
C GLU B 517 11.35 42.17 -28.75
N LEU B 518 11.01 40.89 -28.77
CA LEU B 518 11.59 39.88 -27.89
C LEU B 518 13.10 39.73 -28.02
N CYS B 519 13.64 40.41 -29.02
CA CYS B 519 15.06 40.34 -29.30
C CYS B 519 15.85 41.22 -28.38
N ILE B 520 15.73 40.93 -27.09
CA ILE B 520 16.43 41.62 -26.03
C ILE B 520 17.01 40.52 -25.17
N PRO B 521 18.04 40.83 -24.39
CA PRO B 521 18.78 39.95 -23.47
C PRO B 521 17.97 39.58 -22.24
N PHE B 522 18.17 38.40 -21.67
CA PHE B 522 17.43 38.07 -20.46
C PHE B 522 18.18 37.07 -19.57
N VAL B 523 18.17 37.29 -18.25
CA VAL B 523 18.87 36.41 -17.32
C VAL B 523 17.86 35.68 -16.48
N VAL B 524 18.20 34.48 -16.05
CA VAL B 524 17.29 33.74 -15.19
C VAL B 524 17.97 33.39 -13.86
N ILE B 525 17.60 34.15 -12.81
CA ILE B 525 18.10 33.95 -11.43
C ILE B 525 17.24 32.83 -10.86
N PRO B 526 17.82 31.65 -10.65
CA PRO B 526 17.04 30.52 -10.13
C PRO B 526 16.52 30.55 -8.68
N ALA B 527 15.21 30.80 -8.57
CA ALA B 527 14.52 30.90 -7.30
C ALA B 527 13.49 29.79 -7.09
N THR B 528 13.82 28.76 -6.35
CA THR B 528 12.82 27.74 -6.15
C THR B 528 13.08 26.80 -5.00
N VAL B 529 12.03 26.61 -4.24
CA VAL B 529 12.07 25.71 -3.12
C VAL B 529 12.67 24.36 -3.43
N SER B 530 12.47 23.88 -4.66
CA SER B 530 12.89 22.53 -5.01
C SER B 530 14.24 22.27 -5.62
N ASN B 531 14.89 23.32 -6.10
CA ASN B 531 16.21 23.11 -6.68
C ASN B 531 16.13 22.17 -7.88
N ASN B 532 15.17 22.44 -8.75
CA ASN B 532 14.92 21.64 -9.91
C ASN B 532 15.27 22.41 -11.17
N VAL B 533 15.83 23.60 -11.05
CA VAL B 533 16.19 24.36 -12.25
C VAL B 533 17.47 23.88 -12.98
N PRO B 534 17.53 23.99 -14.32
CA PRO B 534 18.83 23.46 -14.73
C PRO B 534 19.95 24.50 -14.72
N GLY B 535 21.19 24.03 -14.59
CA GLY B 535 22.34 24.92 -14.62
C GLY B 535 22.82 25.52 -13.31
N SER B 536 22.31 25.02 -12.22
CA SER B 536 22.72 25.52 -10.93
C SER B 536 22.61 24.39 -9.95
N ASP B 537 23.46 24.41 -8.92
CA ASP B 537 23.45 23.37 -7.89
C ASP B 537 22.48 23.80 -6.84
N PHE B 538 22.15 25.09 -6.84
CA PHE B 538 21.28 25.67 -5.82
C PHE B 538 20.33 26.73 -6.28
N SER B 539 19.20 26.86 -5.62
CA SER B 539 18.28 27.93 -5.98
C SER B 539 17.92 28.74 -4.73
N VAL B 540 17.58 30.01 -4.95
CA VAL B 540 17.18 30.88 -3.87
C VAL B 540 16.00 30.18 -3.21
N GLY B 541 15.88 30.33 -1.90
CA GLY B 541 14.78 29.71 -1.17
C GLY B 541 14.91 28.20 -0.94
N ALA B 542 15.90 27.58 -1.54
CA ALA B 542 16.02 26.14 -1.36
C ALA B 542 16.45 25.85 0.05
N ASP B 543 17.46 26.57 0.51
CA ASP B 543 18.02 26.43 1.85
C ASP B 543 16.89 26.52 2.87
N THR B 544 16.17 27.63 2.80
CA THR B 544 15.05 27.88 3.66
C THR B 544 14.06 26.70 3.73
N ALA B 545 13.56 26.26 2.59
CA ALA B 545 12.66 25.13 2.58
C ALA B 545 13.34 24.01 3.32
N LEU B 546 14.59 23.73 2.96
CA LEU B 546 15.30 22.65 3.61
C LEU B 546 15.43 22.71 5.13
N ASN B 547 15.57 23.91 5.70
CA ASN B 547 15.65 24.00 7.15
C ASN B 547 14.30 23.63 7.70
N THR B 548 13.30 24.44 7.42
CA THR B 548 11.93 24.13 7.85
C THR B 548 11.65 22.60 7.88
N ILE B 549 11.76 21.91 6.75
CA ILE B 549 11.59 20.46 6.79
C ILE B 549 12.41 19.90 7.97
N CYS B 550 13.69 20.21 8.01
CA CYS B 550 14.58 19.71 9.04
C CYS B 550 14.06 19.96 10.48
N THR B 551 13.60 21.18 10.69
CA THR B 551 13.03 21.62 11.94
C THR B 551 11.86 20.66 12.15
N THR B 552 10.72 20.95 11.55
CA THR B 552 9.54 20.09 11.63
C THR B 552 9.98 18.65 11.85
N CYS B 553 10.86 18.17 11.00
CA CYS B 553 11.37 16.82 11.13
C CYS B 553 11.84 16.44 12.55
N ASP B 554 12.59 17.33 13.19
CA ASP B 554 13.10 17.04 14.54
C ASP B 554 11.95 17.13 15.55
N ARG B 555 11.12 18.15 15.40
CA ARG B 555 9.95 18.31 16.25
C ARG B 555 9.24 16.95 16.20
N ILE B 556 8.55 16.69 15.10
CA ILE B 556 7.83 15.43 14.90
C ILE B 556 8.67 14.26 15.35
N LYS B 557 10.00 14.37 15.30
CA LYS B 557 10.81 13.25 15.74
C LYS B 557 10.61 13.04 17.24
N GLN B 558 10.58 14.12 18.00
CA GLN B 558 10.38 14.05 19.46
C GLN B 558 8.97 13.58 19.82
N SER B 559 7.96 14.33 19.38
CA SER B 559 6.56 14.01 19.65
C SER B 559 6.33 13.60 21.10
N ALA B 560 6.36 12.29 21.35
CA ALA B 560 6.16 11.75 22.70
C ALA B 560 7.06 10.54 22.92
N ALA B 561 8.28 10.80 23.39
CA ALA B 561 9.27 9.74 23.65
C ALA B 561 8.80 8.72 24.69
N GLY B 562 7.55 8.85 25.11
CA GLY B 562 7.00 7.93 26.08
C GLY B 562 6.55 6.62 25.46
N THR B 563 5.69 6.73 24.44
CA THR B 563 5.14 5.59 23.71
C THR B 563 6.23 4.63 23.24
N LYS B 564 7.47 4.98 23.54
CA LYS B 564 8.63 4.18 23.18
C LYS B 564 8.59 3.83 21.70
N ARG B 565 9.62 3.10 21.26
CA ARG B 565 9.77 2.67 19.88
C ARG B 565 8.68 3.18 18.95
N ARG B 566 9.05 4.11 18.09
CA ARG B 566 8.10 4.68 17.14
C ARG B 566 8.85 5.02 15.83
N VAL B 567 8.14 5.02 14.71
CA VAL B 567 8.75 5.35 13.42
C VAL B 567 7.94 6.38 12.67
N PHE B 568 8.53 7.46 12.21
CA PHE B 568 7.72 8.44 11.50
C PHE B 568 7.90 8.38 10.02
N ILE B 569 6.82 8.62 9.29
CA ILE B 569 6.86 8.57 7.83
C ILE B 569 6.37 9.90 7.30
N ILE B 570 7.34 10.78 7.09
CA ILE B 570 7.08 12.14 6.62
C ILE B 570 7.30 12.14 5.14
N GLU B 571 6.49 12.93 4.44
CA GLU B 571 6.56 13.03 3.00
C GLU B 571 6.83 14.47 2.60
N THR B 572 8.03 14.71 2.08
CA THR B 572 8.47 16.05 1.66
C THR B 572 7.98 16.45 0.28
N MET B 573 7.84 17.75 0.03
CA MET B 573 7.40 18.18 -1.28
C MET B 573 8.59 18.46 -2.19
N GLY B 574 8.33 19.16 -3.31
CA GLY B 574 9.37 19.46 -4.28
C GLY B 574 9.29 18.63 -5.57
N GLY B 575 8.07 18.30 -6.00
CA GLY B 575 7.85 17.53 -7.24
C GLY B 575 8.64 16.26 -7.49
N TYR B 576 9.48 16.21 -8.52
CA TYR B 576 10.25 14.99 -8.77
C TYR B 576 11.64 15.02 -8.21
N CYS B 577 12.10 16.22 -7.93
CA CYS B 577 13.40 16.43 -7.41
C CYS B 577 13.51 15.86 -6.02
N GLY B 578 14.41 14.89 -5.86
CA GLY B 578 14.63 14.34 -4.54
C GLY B 578 15.70 15.14 -3.77
N TYR B 579 15.83 16.43 -4.07
CA TYR B 579 16.82 17.25 -3.38
C TYR B 579 16.46 17.28 -1.92
N LEU B 580 15.46 18.10 -1.56
CA LEU B 580 14.97 18.22 -0.19
C LEU B 580 14.92 16.86 0.51
N ALA B 581 14.21 15.89 -0.03
CA ALA B 581 14.22 14.62 0.65
C ALA B 581 15.65 14.06 0.85
N THR B 582 16.56 14.21 -0.10
CA THR B 582 17.87 13.65 0.18
C THR B 582 18.69 14.45 1.20
N MET B 583 18.51 15.75 1.25
CA MET B 583 19.25 16.57 2.19
C MET B 583 18.62 16.53 3.58
N ALA B 584 17.34 16.91 3.69
CA ALA B 584 16.63 16.85 4.96
C ALA B 584 16.79 15.42 5.47
N GLY B 585 16.92 14.50 4.55
CA GLY B 585 17.12 13.14 4.97
C GLY B 585 18.45 13.00 5.69
N LEU B 586 19.47 13.61 5.11
CA LEU B 586 20.84 13.56 5.63
C LEU B 586 21.03 14.40 6.89
N ALA B 587 20.36 15.53 6.90
CA ALA B 587 20.45 16.43 8.03
C ALA B 587 19.73 15.88 9.24
N ALA B 588 18.71 15.06 9.03
CA ALA B 588 17.97 14.49 10.15
C ALA B 588 18.17 12.99 10.27
N GLY B 589 19.37 12.52 10.00
CA GLY B 589 19.62 11.10 10.12
C GLY B 589 18.54 10.09 9.78
N ALA B 590 17.62 10.41 8.86
CA ALA B 590 16.55 9.49 8.46
C ALA B 590 17.12 8.17 7.98
N ASP B 591 16.40 7.08 8.17
CA ASP B 591 16.89 5.76 7.78
C ASP B 591 16.66 5.50 6.29
N ALA B 592 15.83 6.34 5.69
CA ALA B 592 15.52 6.18 4.29
C ALA B 592 14.81 7.38 3.75
N ALA B 593 15.21 7.78 2.56
CA ALA B 593 14.57 8.91 1.89
C ALA B 593 14.40 8.42 0.47
N TYR B 594 13.15 8.18 0.09
CA TYR B 594 12.82 7.73 -1.25
C TYR B 594 12.58 8.92 -2.15
N ILE B 595 13.26 8.88 -3.29
CA ILE B 595 13.12 9.93 -4.28
C ILE B 595 12.89 9.26 -5.62
N PHE B 596 12.49 10.07 -6.59
CA PHE B 596 12.24 9.58 -7.94
C PHE B 596 13.56 9.17 -8.63
N GLU B 597 14.51 10.11 -8.59
CA GLU B 597 15.83 9.99 -9.15
C GLU B 597 16.62 8.71 -8.87
N GLU B 598 16.11 7.86 -7.99
CA GLU B 598 16.81 6.62 -7.68
C GLU B 598 15.63 5.70 -7.44
N PRO B 599 15.25 4.93 -8.47
CA PRO B 599 14.13 4.02 -8.42
C PRO B 599 14.43 2.87 -7.48
N PHE B 600 13.38 2.36 -6.83
CA PHE B 600 13.53 1.25 -5.91
C PHE B 600 12.34 0.39 -6.17
N THR B 601 12.44 -0.84 -5.69
CA THR B 601 11.39 -1.81 -5.86
C THR B 601 11.10 -2.55 -4.56
N ILE B 602 9.83 -2.88 -4.34
CA ILE B 602 9.42 -3.62 -3.14
C ILE B 602 10.55 -4.45 -2.49
N ARG B 603 11.41 -5.06 -3.29
CA ARG B 603 12.52 -5.86 -2.77
C ARG B 603 13.42 -5.01 -1.87
N ASP B 604 13.66 -3.77 -2.31
CA ASP B 604 14.48 -2.84 -1.56
C ASP B 604 13.62 -2.56 -0.36
N LEU B 605 12.51 -1.89 -0.65
CA LEU B 605 11.52 -1.53 0.33
C LEU B 605 11.40 -2.59 1.43
N GLN B 606 11.22 -3.84 1.05
CA GLN B 606 11.09 -4.90 2.04
C GLN B 606 12.36 -5.07 2.85
N ALA B 607 13.49 -4.66 2.29
CA ALA B 607 14.76 -4.80 2.96
C ALA B 607 15.06 -3.64 3.89
N ASN B 608 14.51 -2.48 3.55
CA ASN B 608 14.73 -1.32 4.38
C ASN B 608 13.96 -1.48 5.69
N VAL B 609 12.86 -2.21 5.64
CA VAL B 609 12.01 -2.41 6.79
C VAL B 609 12.53 -3.50 7.68
N GLU B 610 13.11 -4.53 7.08
CA GLU B 610 13.64 -5.60 7.91
C GLU B 610 14.88 -5.02 8.59
N HIS B 611 15.33 -3.88 8.08
CA HIS B 611 16.50 -3.22 8.61
C HIS B 611 16.11 -2.37 9.79
N LEU B 612 15.21 -1.42 9.54
CA LEU B 612 14.73 -0.51 10.57
C LEU B 612 14.18 -1.27 11.75
N VAL B 613 13.81 -2.52 11.53
CA VAL B 613 13.29 -3.31 12.62
C VAL B 613 14.43 -3.74 13.51
N GLN B 614 15.42 -4.42 12.95
CA GLN B 614 16.56 -4.83 13.75
C GLN B 614 17.09 -3.65 14.55
N LYS B 615 16.94 -2.43 14.02
CA LYS B 615 17.38 -1.23 14.73
C LYS B 615 16.41 -0.96 15.87
N MET B 616 15.14 -0.87 15.53
CA MET B 616 14.09 -0.60 16.51
C MET B 616 13.99 -1.66 17.59
N LYS B 617 14.55 -2.83 17.33
CA LYS B 617 14.52 -3.92 18.31
C LYS B 617 15.89 -3.94 18.99
N THR B 618 16.45 -2.75 19.22
CA THR B 618 17.75 -2.62 19.84
C THR B 618 18.02 -1.18 20.28
N THR B 619 19.04 -0.56 19.69
CA THR B 619 19.45 0.79 20.04
C THR B 619 18.48 1.92 19.69
N VAL B 620 17.71 1.74 18.62
CA VAL B 620 16.80 2.79 18.20
C VAL B 620 15.46 2.84 18.92
N LYS B 621 15.06 4.05 19.28
CA LYS B 621 13.78 4.29 19.93
C LYS B 621 12.91 5.01 18.89
N ARG B 622 13.51 5.94 18.15
CA ARG B 622 12.77 6.66 17.13
C ARG B 622 13.35 6.42 15.76
N GLY B 623 12.49 6.13 14.78
CA GLY B 623 12.92 5.89 13.41
C GLY B 623 12.34 6.98 12.52
N LEU B 624 13.07 7.33 11.46
CA LEU B 624 12.58 8.35 10.54
C LEU B 624 12.77 7.93 9.12
N VAL B 625 11.68 7.97 8.36
CA VAL B 625 11.66 7.60 6.95
C VAL B 625 11.00 8.69 6.11
N LEU B 626 11.83 9.28 5.26
CA LEU B 626 11.38 10.34 4.37
C LEU B 626 10.93 9.81 3.04
N ARG B 627 10.08 10.58 2.35
CA ARG B 627 9.60 10.19 1.04
C ARG B 627 9.23 11.37 0.17
N ASN B 628 9.91 11.49 -0.97
CA ASN B 628 9.68 12.55 -1.94
C ASN B 628 8.17 12.54 -2.36
N GLU B 629 7.53 13.69 -2.53
CA GLU B 629 6.12 13.64 -2.87
C GLU B 629 5.75 12.82 -4.11
N LYS B 630 6.73 12.60 -5.01
CA LYS B 630 6.50 11.83 -6.24
C LYS B 630 7.50 10.73 -6.49
N CYS B 631 8.19 10.31 -5.46
CA CYS B 631 9.19 9.30 -5.68
C CYS B 631 8.77 8.10 -6.55
N ASN B 632 7.46 7.84 -6.62
CA ASN B 632 6.93 6.68 -7.34
C ASN B 632 5.40 6.66 -7.29
N GLU B 633 4.77 6.31 -8.41
CA GLU B 633 3.31 6.29 -8.55
C GLU B 633 2.53 5.23 -7.74
N ASN B 634 3.01 3.99 -7.70
CA ASN B 634 2.31 2.96 -6.94
C ASN B 634 2.67 2.96 -5.45
N TYR B 635 3.94 2.74 -5.15
CA TYR B 635 4.43 2.78 -3.78
C TYR B 635 4.33 4.22 -3.26
N THR B 636 3.11 4.59 -2.93
CA THR B 636 2.78 5.90 -2.43
C THR B 636 3.15 6.02 -0.98
N THR B 637 2.71 7.11 -0.38
CA THR B 637 2.97 7.35 1.03
C THR B 637 2.26 6.27 1.83
N ASP B 638 0.95 6.15 1.62
CA ASP B 638 0.15 5.15 2.34
C ASP B 638 0.69 3.80 2.00
N PHE B 639 1.16 3.63 0.78
CA PHE B 639 1.70 2.32 0.51
C PHE B 639 2.82 2.04 1.47
N ILE B 640 3.85 2.89 1.46
CA ILE B 640 5.02 2.72 2.34
C ILE B 640 4.60 2.70 3.82
N PHE B 641 3.71 3.63 4.14
CA PHE B 641 3.21 3.77 5.48
C PHE B 641 2.79 2.43 6.02
N ASN B 642 1.75 1.85 5.43
CA ASN B 642 1.25 0.55 5.87
C ASN B 642 2.32 -0.54 5.82
N LEU B 643 3.22 -0.48 4.86
CA LEU B 643 4.23 -1.53 4.78
C LEU B 643 5.09 -1.54 6.04
N TYR B 644 5.47 -0.36 6.50
CA TYR B 644 6.29 -0.26 7.70
C TYR B 644 5.39 -0.67 8.85
N SER B 645 4.28 0.05 9.00
CA SER B 645 3.34 -0.25 10.06
C SER B 645 3.26 -1.76 10.28
N GLU B 646 2.42 -2.44 9.50
CA GLU B 646 2.30 -3.90 9.59
C GLU B 646 3.57 -4.64 10.01
N GLU B 647 4.68 -4.31 9.35
CA GLU B 647 5.96 -4.96 9.59
C GLU B 647 6.40 -4.85 11.03
N GLY B 648 6.20 -3.68 11.61
CA GLY B 648 6.61 -3.50 12.98
C GLY B 648 5.39 -3.52 13.86
N LYS B 649 4.93 -4.70 14.27
CA LYS B 649 3.75 -4.74 15.11
C LYS B 649 4.16 -4.72 16.57
N GLY B 650 4.59 -5.86 17.08
CA GLY B 650 5.02 -5.89 18.46
C GLY B 650 6.42 -5.32 18.51
N ILE B 651 6.76 -4.54 17.50
CA ILE B 651 8.09 -3.94 17.38
C ILE B 651 8.11 -2.45 17.65
N PHE B 652 7.16 -1.72 17.08
CA PHE B 652 7.10 -0.26 17.26
C PHE B 652 5.77 0.37 16.84
N ASP B 653 5.57 1.63 17.22
CA ASP B 653 4.38 2.35 16.86
C ASP B 653 4.79 3.05 15.58
N SER B 654 3.92 3.81 14.94
CA SER B 654 4.32 4.50 13.72
C SER B 654 3.26 5.45 13.29
N ARG B 655 3.60 6.71 13.07
CA ARG B 655 2.63 7.70 12.62
C ARG B 655 3.13 8.16 11.27
N LYS B 656 2.36 8.95 10.54
CA LYS B 656 2.83 9.40 9.25
C LYS B 656 2.33 10.80 8.96
N ASN B 657 3.25 11.75 8.80
CA ASN B 657 2.90 13.14 8.50
C ASN B 657 3.15 13.46 7.04
N VAL B 658 2.50 14.52 6.58
CA VAL B 658 2.63 15.00 5.20
C VAL B 658 2.96 16.50 5.25
N LEU B 659 4.24 16.82 5.30
CA LEU B 659 4.65 18.22 5.42
C LEU B 659 3.79 19.18 4.64
N GLY B 660 3.62 18.94 3.34
CA GLY B 660 2.82 19.84 2.52
C GLY B 660 3.53 21.16 2.24
N HIS B 661 2.95 21.99 1.38
CA HIS B 661 3.54 23.27 1.03
C HIS B 661 3.62 24.21 2.23
N MET B 662 3.63 23.61 3.43
CA MET B 662 3.71 24.33 4.69
C MET B 662 3.07 25.71 4.63
N GLN B 663 3.91 26.74 4.55
CA GLN B 663 3.42 28.09 4.46
C GLN B 663 4.35 28.87 3.54
N GLN B 664 5.62 28.45 3.53
CA GLN B 664 6.67 29.09 2.73
C GLN B 664 6.64 30.59 2.96
N GLY B 665 5.60 31.05 3.65
CA GLY B 665 5.48 32.46 3.95
C GLY B 665 6.66 32.65 4.87
N GLY B 666 7.49 31.61 4.94
CA GLY B 666 8.68 31.60 5.75
C GLY B 666 9.53 32.84 5.53
N SER B 667 10.79 32.77 5.93
CA SER B 667 11.67 33.90 5.75
C SER B 667 13.05 33.40 5.39
N PRO B 668 13.58 33.93 4.30
CA PRO B 668 14.89 33.59 3.78
C PRO B 668 15.91 33.40 4.84
N THR B 669 16.54 32.23 4.88
CA THR B 669 17.60 32.02 5.87
C THR B 669 18.67 33.03 5.44
N PRO B 670 19.73 33.26 6.25
CA PRO B 670 20.73 34.24 5.80
C PRO B 670 21.44 33.76 4.49
N PHE B 671 21.56 32.44 4.32
CA PHE B 671 22.17 31.94 3.10
C PHE B 671 21.37 32.47 1.90
N ASP B 672 20.09 32.09 1.81
CA ASP B 672 19.29 32.56 0.70
C ASP B 672 19.24 34.06 0.63
N ARG B 673 19.42 34.77 1.74
CA ARG B 673 19.38 36.21 1.59
C ARG B 673 20.62 36.70 0.88
N ASN B 674 21.77 36.16 1.25
CA ASN B 674 22.99 36.60 0.62
C ASN B 674 23.07 36.06 -0.79
N PHE B 675 22.66 34.80 -0.95
CA PHE B 675 22.67 34.17 -2.26
C PHE B 675 21.95 35.06 -3.25
N ALA B 676 20.67 35.29 -3.06
CA ALA B 676 19.99 36.12 -4.02
C ALA B 676 20.68 37.50 -4.19
N THR B 677 21.19 38.09 -3.13
CA THR B 677 21.80 39.39 -3.32
C THR B 677 22.94 39.34 -4.30
N LYS B 678 23.83 38.35 -4.13
CA LYS B 678 24.94 38.20 -5.04
C LYS B 678 24.36 38.06 -6.45
N MET B 679 23.53 37.04 -6.69
CA MET B 679 22.90 36.82 -8.01
C MET B 679 22.40 38.14 -8.54
N GLY B 680 21.41 38.70 -7.88
CA GLY B 680 20.90 39.95 -8.38
C GLY B 680 21.97 40.88 -8.88
N ALA B 681 23.01 41.10 -8.07
CA ALA B 681 24.07 42.02 -8.47
C ALA B 681 24.77 41.52 -9.70
N LYS B 682 25.28 40.30 -9.64
CA LYS B 682 25.97 39.68 -10.75
C LYS B 682 25.10 39.86 -11.99
N ALA B 683 23.92 39.26 -11.98
CA ALA B 683 23.00 39.35 -13.10
C ALA B 683 22.86 40.73 -13.68
N MET B 684 22.71 41.74 -12.86
CA MET B 684 22.52 43.07 -13.39
C MET B 684 23.80 43.68 -14.03
N ASN B 685 24.95 43.06 -13.83
CA ASN B 685 26.18 43.59 -14.41
C ASN B 685 26.31 43.00 -15.78
N TRP B 686 25.90 41.75 -15.87
CA TRP B 686 25.94 41.06 -17.13
C TRP B 686 24.92 41.80 -17.93
N MET B 687 23.73 41.93 -17.39
CA MET B 687 22.71 42.64 -18.11
C MET B 687 23.05 43.99 -18.66
N ALA B 688 23.91 44.73 -17.99
CA ALA B 688 24.22 46.07 -18.49
C ALA B 688 25.19 45.91 -19.61
N GLY B 689 25.88 44.78 -19.59
CA GLY B 689 26.87 44.49 -20.60
C GLY B 689 26.15 44.16 -21.87
N LYS B 690 25.37 43.09 -21.82
CA LYS B 690 24.59 42.65 -22.96
C LYS B 690 23.74 43.73 -23.60
N ILE B 691 23.21 44.66 -22.81
CA ILE B 691 22.41 45.70 -23.42
C ILE B 691 23.35 46.56 -24.23
N LYS B 692 24.47 46.95 -23.66
CA LYS B 692 25.44 47.75 -24.41
C LYS B 692 25.87 46.96 -25.64
N GLU B 693 26.18 45.69 -25.43
CA GLU B 693 26.60 44.83 -26.51
C GLU B 693 25.56 44.76 -27.59
N SER B 694 24.29 44.98 -27.28
CA SER B 694 23.24 44.85 -28.32
C SER B 694 22.61 46.10 -28.90
N TYR B 695 23.22 47.25 -28.64
CA TYR B 695 22.68 48.51 -29.10
C TYR B 695 23.31 48.93 -30.42
N ARG B 696 22.51 49.05 -31.47
CA ARG B 696 23.08 49.47 -32.74
C ARG B 696 22.32 50.59 -33.45
N ASN B 697 21.62 50.23 -34.51
CA ASN B 697 20.85 51.18 -35.28
C ASN B 697 19.74 51.78 -34.44
N GLY B 698 20.10 52.67 -33.53
CA GLY B 698 19.10 53.29 -32.69
C GLY B 698 18.17 52.36 -31.92
N ARG B 699 18.32 51.04 -32.03
CA ARG B 699 17.48 50.13 -31.27
C ARG B 699 18.36 49.01 -30.69
N ILE B 700 17.82 48.13 -29.84
CA ILE B 700 18.70 47.09 -29.34
C ILE B 700 18.35 45.77 -30.01
N PHE B 701 19.35 45.06 -30.55
CA PHE B 701 19.09 43.80 -31.25
C PHE B 701 19.87 42.67 -30.66
N ALA B 702 19.20 41.80 -29.93
CA ALA B 702 19.91 40.67 -29.36
C ALA B 702 19.38 39.45 -30.07
N ASN B 703 20.23 38.80 -30.87
CA ASN B 703 19.80 37.61 -31.59
C ASN B 703 20.73 36.42 -31.49
N THR B 704 21.52 36.33 -30.43
CA THR B 704 22.42 35.19 -30.26
C THR B 704 21.99 34.34 -29.07
N PRO B 705 22.45 33.10 -28.99
CA PRO B 705 22.05 32.29 -27.86
C PRO B 705 22.56 32.67 -26.47
N ASP B 706 23.53 33.57 -26.42
CA ASP B 706 24.08 33.98 -25.16
C ASP B 706 23.56 35.31 -24.67
N SER B 707 22.39 35.76 -25.14
CA SER B 707 21.83 37.01 -24.66
C SER B 707 20.72 36.58 -23.73
N GLY B 708 20.40 35.29 -23.77
CA GLY B 708 19.35 34.78 -22.93
C GLY B 708 19.87 33.60 -22.15
N CYS B 709 20.63 33.85 -21.09
CA CYS B 709 21.20 32.76 -20.26
C CYS B 709 20.37 32.41 -19.02
N VAL B 710 21.01 31.67 -18.10
CA VAL B 710 20.49 31.21 -16.80
C VAL B 710 21.68 31.27 -15.86
N LEU B 711 21.70 32.25 -14.97
CA LEU B 711 22.78 32.42 -14.03
C LEU B 711 22.81 31.37 -12.94
N GLY B 712 23.40 30.22 -13.20
CA GLY B 712 23.46 29.18 -12.21
C GLY B 712 24.81 29.12 -11.55
N MET B 713 24.91 28.31 -10.51
CA MET B 713 26.14 28.16 -9.78
C MET B 713 26.59 26.75 -9.97
N ARG B 714 27.79 26.57 -10.48
CA ARG B 714 28.31 25.24 -10.73
C ARG B 714 29.73 25.29 -10.25
N LYS B 715 30.13 24.24 -9.53
CA LYS B 715 31.46 24.15 -8.94
C LYS B 715 31.79 25.42 -8.15
N ARG B 716 33.01 25.91 -8.26
CA ARG B 716 33.39 27.10 -7.53
C ARG B 716 32.93 28.37 -8.23
N ALA B 717 32.29 28.23 -9.41
CA ALA B 717 31.88 29.40 -10.14
C ALA B 717 30.38 29.60 -10.35
N LEU B 718 30.04 30.86 -10.59
CA LEU B 718 28.68 31.31 -10.83
C LEU B 718 28.67 31.61 -12.33
N VAL B 719 28.20 30.68 -13.14
CA VAL B 719 28.23 30.86 -14.60
C VAL B 719 26.94 31.23 -15.36
N PHE B 720 27.07 31.88 -16.52
CA PHE B 720 25.88 32.23 -17.32
C PHE B 720 25.64 31.27 -18.51
N GLN B 721 24.90 30.19 -18.34
CA GLN B 721 24.62 29.26 -19.41
C GLN B 721 23.45 29.67 -20.28
N PRO B 722 23.53 29.46 -21.61
CA PRO B 722 22.34 29.89 -22.37
C PRO B 722 21.22 28.84 -22.33
N VAL B 723 19.98 29.30 -22.20
CA VAL B 723 18.82 28.42 -22.10
C VAL B 723 18.81 27.26 -23.05
N THR B 724 18.95 27.59 -24.33
CA THR B 724 18.94 26.62 -25.40
C THR B 724 19.96 25.54 -25.13
N GLU B 725 21.14 25.95 -24.68
CA GLU B 725 22.18 25.00 -24.38
C GLU B 725 21.87 24.06 -23.25
N LEU B 726 20.83 24.34 -22.46
CA LEU B 726 20.51 23.47 -21.32
C LEU B 726 19.44 22.43 -21.54
N GLN B 727 18.72 22.52 -22.67
CA GLN B 727 17.63 21.61 -22.99
C GLN B 727 18.08 20.16 -22.96
N ASN B 728 19.13 19.85 -23.70
CA ASN B 728 19.64 18.50 -23.76
C ASN B 728 20.00 18.07 -22.36
N GLN B 729 20.15 19.06 -21.48
CA GLN B 729 20.51 18.82 -20.10
C GLN B 729 19.36 18.62 -19.15
N THR B 730 18.17 19.11 -19.49
CA THR B 730 17.05 18.93 -18.60
C THR B 730 16.23 17.68 -18.92
N ASP B 731 15.11 17.45 -18.23
CA ASP B 731 14.19 16.33 -18.45
C ASP B 731 12.79 16.96 -18.27
N PHE B 732 12.29 17.65 -19.30
CA PHE B 732 11.00 18.33 -19.22
C PHE B 732 9.77 17.53 -18.83
N GLU B 733 9.87 16.21 -18.94
CA GLU B 733 8.78 15.34 -18.58
C GLU B 733 8.57 15.57 -17.10
N HIS B 734 9.63 15.38 -16.31
CA HIS B 734 9.58 15.58 -14.87
C HIS B 734 10.22 16.89 -14.40
N ARG B 735 10.16 17.92 -15.20
CA ARG B 735 10.73 19.19 -14.82
C ARG B 735 11.95 19.12 -13.90
N ILE B 736 12.81 18.11 -14.07
CA ILE B 736 14.00 18.05 -13.25
C ILE B 736 15.20 17.99 -14.17
N PRO B 737 16.36 18.48 -13.73
CA PRO B 737 17.47 18.37 -14.67
C PRO B 737 18.05 16.98 -14.65
N LYS B 738 18.68 16.55 -15.72
CA LYS B 738 19.32 15.24 -15.79
C LYS B 738 20.63 15.60 -15.16
N GLU B 739 21.34 14.66 -14.52
CA GLU B 739 22.62 15.03 -13.87
C GLU B 739 22.40 15.98 -12.67
N GLN B 740 22.40 15.41 -11.47
CA GLN B 740 22.21 16.22 -10.27
C GLN B 740 23.32 15.91 -9.32
N TRP B 741 24.18 16.91 -9.08
CA TRP B 741 25.34 16.71 -8.23
C TRP B 741 25.13 15.99 -6.93
N TRP B 742 24.13 16.44 -6.19
CA TRP B 742 23.85 15.85 -4.91
C TRP B 742 23.56 14.35 -4.86
N LEU B 743 23.14 13.76 -5.97
CA LEU B 743 22.84 12.33 -6.01
C LEU B 743 24.02 11.52 -5.62
N LYS B 744 25.14 12.18 -5.40
CA LYS B 744 26.33 11.43 -5.03
C LYS B 744 26.39 11.30 -3.52
N LEU B 745 25.59 12.09 -2.83
CA LEU B 745 25.57 12.02 -1.40
C LEU B 745 24.80 10.77 -1.01
N ARG B 746 23.95 10.33 -1.92
CA ARG B 746 23.10 9.19 -1.67
C ARG B 746 23.75 8.06 -0.95
N PRO B 747 24.98 7.70 -1.31
CA PRO B 747 25.52 6.58 -0.56
C PRO B 747 26.01 6.89 0.86
N ILE B 748 26.27 8.15 1.20
CA ILE B 748 26.71 8.38 2.58
C ILE B 748 25.52 8.44 3.52
N LEU B 749 24.38 8.82 2.99
CA LEU B 749 23.15 8.89 3.73
C LEU B 749 22.82 7.46 4.14
N LYS B 750 23.32 6.50 3.38
CA LYS B 750 23.07 5.09 3.67
C LYS B 750 24.13 4.42 4.50
N ILE B 751 25.40 4.79 4.39
CA ILE B 751 26.38 4.07 5.21
C ILE B 751 26.20 4.49 6.65
N LEU B 752 25.69 5.71 6.85
CA LEU B 752 25.46 6.23 8.19
C LEU B 752 24.13 5.69 8.71
N ALA B 753 23.97 4.38 8.66
CA ALA B 753 22.75 3.71 9.14
C ALA B 753 22.94 2.25 8.81
N LYS B 754 24.17 1.77 9.01
CA LYS B 754 24.49 0.39 8.69
C LYS B 754 24.36 0.27 7.16
N TYR B 755 23.44 -0.58 6.71
CA TYR B 755 23.25 -0.77 5.27
C TYR B 755 24.52 -1.16 4.54
N GLU B 756 24.34 -1.85 3.42
CA GLU B 756 25.45 -2.29 2.59
C GLU B 756 26.45 -3.07 3.45
#